data_1LMC
# 
_entry.id   1LMC 
# 
_audit_conform.dict_name       mmcif_pdbx.dic 
_audit_conform.dict_version    5.397 
_audit_conform.dict_location   http://mmcif.pdb.org/dictionaries/ascii/mmcif_pdbx.dic 
# 
loop_
_database_2.database_id 
_database_2.database_code 
_database_2.pdbx_database_accession 
_database_2.pdbx_DOI 
PDB   1LMC         pdb_00001lmc 10.2210/pdb1lmc/pdb 
WWPDB D_1000174759 ?            ?                   
# 
loop_
_pdbx_audit_revision_history.ordinal 
_pdbx_audit_revision_history.data_content_type 
_pdbx_audit_revision_history.major_revision 
_pdbx_audit_revision_history.minor_revision 
_pdbx_audit_revision_history.revision_date 
1 'Structure model' 1 0 1996-01-01 
2 'Structure model' 1 1 2008-03-24 
3 'Structure model' 1 2 2011-07-13 
4 'Structure model' 1 3 2018-04-18 
5 'Structure model' 2 0 2023-07-26 
6 'Structure model' 2 1 2024-10-30 
# 
loop_
_pdbx_audit_revision_details.ordinal 
_pdbx_audit_revision_details.revision_ordinal 
_pdbx_audit_revision_details.data_content_type 
_pdbx_audit_revision_details.provider 
_pdbx_audit_revision_details.type 
_pdbx_audit_revision_details.description 
_pdbx_audit_revision_details.details 
1 1 'Structure model' repository 'Initial release' ? ? 
2 5 'Structure model' repository Remediation       ? 
'Coordinates and associated ncs operations (if present) transformed into standard crystal frame' 
# 
loop_
_pdbx_audit_revision_group.ordinal 
_pdbx_audit_revision_group.revision_ordinal 
_pdbx_audit_revision_group.data_content_type 
_pdbx_audit_revision_group.group 
1  2 'Structure model' 'Version format compliance' 
2  3 'Structure model' Advisory                    
3  3 'Structure model' 'Version format compliance' 
4  4 'Structure model' Advisory                    
5  4 'Structure model' 'Data collection'           
6  4 'Structure model' Other                       
7  5 'Structure model' Advisory                    
8  5 'Structure model' 'Atomic model'              
9  5 'Structure model' 'Data collection'           
10 5 'Structure model' 'Database references'       
11 5 'Structure model' 'Derived calculations'      
12 5 'Structure model' Other                       
13 6 'Structure model' 'Data collection'           
14 6 'Structure model' 'Structure summary'         
# 
loop_
_pdbx_audit_revision_category.ordinal 
_pdbx_audit_revision_category.revision_ordinal 
_pdbx_audit_revision_category.data_content_type 
_pdbx_audit_revision_category.category 
1  4 'Structure model' diffrn_detector                 
2  4 'Structure model' pdbx_database_status            
3  4 'Structure model' pdbx_unobs_or_zero_occ_residues 
4  5 'Structure model' atom_site                       
5  5 'Structure model' atom_sites                      
6  5 'Structure model' database_2                      
7  5 'Structure model' database_PDB_matrix             
8  5 'Structure model' pdbx_database_remark            
9  5 'Structure model' pdbx_unobs_or_zero_occ_residues 
10 5 'Structure model' pdbx_validate_rmsd_angle        
11 5 'Structure model' struct_conn                     
12 5 'Structure model' struct_ref_seq_dif              
13 5 'Structure model' struct_site                     
14 6 'Structure model' chem_comp_atom                  
15 6 'Structure model' chem_comp_bond                  
16 6 'Structure model' pdbx_entry_details              
17 6 'Structure model' pdbx_modification_feature       
# 
loop_
_pdbx_audit_revision_item.ordinal 
_pdbx_audit_revision_item.revision_ordinal 
_pdbx_audit_revision_item.data_content_type 
_pdbx_audit_revision_item.item 
1  4 'Structure model' '_diffrn_detector.detector'                 
2  4 'Structure model' '_pdbx_database_status.process_site'        
3  5 'Structure model' '_atom_site.Cartn_x'                        
4  5 'Structure model' '_atom_site.Cartn_y'                        
5  5 'Structure model' '_atom_sites.fract_transf_matrix[1][1]'     
6  5 'Structure model' '_atom_sites.fract_transf_matrix[1][2]'     
7  5 'Structure model' '_atom_sites.fract_transf_matrix[2][1]'     
8  5 'Structure model' '_atom_sites.fract_transf_matrix[2][2]'     
9  5 'Structure model' '_database_2.pdbx_DOI'                      
10 5 'Structure model' '_database_2.pdbx_database_accession'       
11 5 'Structure model' '_database_PDB_matrix.origx[1][1]'          
12 5 'Structure model' '_database_PDB_matrix.origx[1][2]'          
13 5 'Structure model' '_database_PDB_matrix.origx[2][1]'          
14 5 'Structure model' '_database_PDB_matrix.origx[2][2]'          
15 5 'Structure model' '_pdbx_validate_rmsd_angle.angle_deviation' 
16 5 'Structure model' '_pdbx_validate_rmsd_angle.angle_value'     
17 5 'Structure model' '_struct_conn.pdbx_dist_value'              
18 5 'Structure model' '_struct_ref_seq_dif.details'               
19 5 'Structure model' '_struct_site.pdbx_auth_asym_id'            
20 5 'Structure model' '_struct_site.pdbx_auth_comp_id'            
21 5 'Structure model' '_struct_site.pdbx_auth_seq_id'             
# 
_pdbx_database_status.status_code                     REL 
_pdbx_database_status.entry_id                        1LMC 
_pdbx_database_status.recvd_initial_deposition_date   1994-11-14 
_pdbx_database_status.deposit_site                    ? 
_pdbx_database_status.process_site                    BNL 
_pdbx_database_status.status_code_sf                  REL 
_pdbx_database_status.status_code_mr                  ? 
_pdbx_database_status.SG_entry                        ? 
_pdbx_database_status.pdb_format_compatible           Y 
_pdbx_database_status.status_code_cs                  ? 
_pdbx_database_status.methods_development_category    ? 
_pdbx_database_status.status_code_nmr_data            ? 
# 
loop_
_audit_author.name 
_audit_author.pdbx_ordinal 
'Karlsen, S.' 1 
'Hough, E.'   2 
# 
loop_
_citation.id 
_citation.title 
_citation.journal_abbrev 
_citation.journal_volume 
_citation.page_first 
_citation.page_last 
_citation.year 
_citation.journal_id_ASTM 
_citation.country 
_citation.journal_id_ISSN 
_citation.journal_id_CSD 
_citation.book_publisher 
_citation.pdbx_database_id_PubMed 
_citation.pdbx_database_id_DOI 
primary 'Structure of a complex between bulgecin, a bacterial metabolite, and lysozyme from the rainbow trout.'       
'Acta Crystallogr.,Sect.D' 52 115  123 1996 ABCRE6 DK 0907-4449 0766 ? 15299732 10.1107/S0907444995006366 
1       'The Crystal Structures of Three Complexes between Chitooligosaccharides and Lysozyme from the Rainbow Trout' 
'To be Published'          ?  ?    ?   ?    ?      ?  ?         0353 ? ?        ?                         
2       'The Refined Crystal Structure of Lysozyme from Rainbow Trout (Oncorhynchus Mykiss)'                          
'To be Published'          ?  ?    ?   ?    ?      ?  ?         0353 ? ?        ?                         
3       'Structures of Bulgecins, Bacterial Metabolites with Bulge-Inducing Activity'                                 Tetrahedron 
40 3465 ?   1984 TETRAB UK 0040-4020 0016 ? ?        ?                         
# 
loop_
_citation_author.citation_id 
_citation_author.name 
_citation_author.ordinal 
_citation_author.identifier_ORCID 
primary 'Karlsen, S.'    1  ? 
primary 'Hough, E.'      2  ? 
1       'Karlsen, S.'    3  ? 
1       'Hough, E.'      4  ? 
2       'Karlsen, S.'    5  ? 
2       'Eliassen, B.E.' 6  ? 
2       'Hansen, L.K.'   7  ? 
2       'Larsen, R.L.'   8  ? 
2       'Riise, B.W.'    9  ? 
2       'Smalaas, A.O.'  10 ? 
2       'Hough, E.'      11 ? 
2       'Grinde, B.'     12 ? 
3       'Shinagawa, S.'  13 ? 
3       'Kasahara, F.'   14 ? 
3       'Wada, Y.'       15 ? 
3       'Harada, S.'     16 ? 
3       'Asai, M.'       17 ? 
# 
loop_
_entity.id 
_entity.type 
_entity.src_method 
_entity.pdbx_description 
_entity.formula_weight 
_entity.pdbx_number_of_molecules 
_entity.pdbx_ec 
_entity.pdbx_mutation 
_entity.pdbx_fragment 
_entity.details 
1 polymer     nat LYSOZYME     14303.068 1   3.2.1.17 ? ? ? 
2 non-polymer syn 'BULGECIN A' 551.543   1   ?        ? ? ? 
3 water       nat water        18.015    110 ?        ? ? ? 
# 
_entity_name_com.entity_id   1 
_entity_name_com.name        'MUCOPEPTIDE N-ACETYLMURAMYLHYDROLASE' 
# 
_entity_poly.entity_id                      1 
_entity_poly.type                           'polypeptide(L)' 
_entity_poly.nstd_linkage                   no 
_entity_poly.nstd_monomer                   no 
_entity_poly.pdbx_seq_one_letter_code       
;KVYDRCELARALKASGMDGYAGNSLPNWVCLSKWESSYNTQATNRNTDGSTDYGIFQINSRYWCDDGRTPGAKNVCGIRC
SQLLTDDLTVAIRCAKRVVLDPNGIGAWVAWRLHCQNQDLRSYVAGCGV
;
_entity_poly.pdbx_seq_one_letter_code_can   
;KVYDRCELARALKASGMDGYAGNSLPNWVCLSKWESSYNTQATNRNTDGSTDYGIFQINSRYWCDDGRTPGAKNVCGIRC
SQLLTDDLTVAIRCAKRVVLDPNGIGAWVAWRLHCQNQDLRSYVAGCGV
;
_entity_poly.pdbx_strand_id                 A 
_entity_poly.pdbx_target_identifier         ? 
# 
loop_
_pdbx_entity_nonpoly.entity_id 
_pdbx_entity_nonpoly.name 
_pdbx_entity_nonpoly.comp_id 
2 'BULGECIN A' BUL 
3 water        HOH 
# 
loop_
_entity_poly_seq.entity_id 
_entity_poly_seq.num 
_entity_poly_seq.mon_id 
_entity_poly_seq.hetero 
1 1   LYS n 
1 2   VAL n 
1 3   TYR n 
1 4   ASP n 
1 5   ARG n 
1 6   CYS n 
1 7   GLU n 
1 8   LEU n 
1 9   ALA n 
1 10  ARG n 
1 11  ALA n 
1 12  LEU n 
1 13  LYS n 
1 14  ALA n 
1 15  SER n 
1 16  GLY n 
1 17  MET n 
1 18  ASP n 
1 19  GLY n 
1 20  TYR n 
1 21  ALA n 
1 22  GLY n 
1 23  ASN n 
1 24  SER n 
1 25  LEU n 
1 26  PRO n 
1 27  ASN n 
1 28  TRP n 
1 29  VAL n 
1 30  CYS n 
1 31  LEU n 
1 32  SER n 
1 33  LYS n 
1 34  TRP n 
1 35  GLU n 
1 36  SER n 
1 37  SER n 
1 38  TYR n 
1 39  ASN n 
1 40  THR n 
1 41  GLN n 
1 42  ALA n 
1 43  THR n 
1 44  ASN n 
1 45  ARG n 
1 46  ASN n 
1 47  THR n 
1 48  ASP n 
1 49  GLY n 
1 50  SER n 
1 51  THR n 
1 52  ASP n 
1 53  TYR n 
1 54  GLY n 
1 55  ILE n 
1 56  PHE n 
1 57  GLN n 
1 58  ILE n 
1 59  ASN n 
1 60  SER n 
1 61  ARG n 
1 62  TYR n 
1 63  TRP n 
1 64  CYS n 
1 65  ASP n 
1 66  ASP n 
1 67  GLY n 
1 68  ARG n 
1 69  THR n 
1 70  PRO n 
1 71  GLY n 
1 72  ALA n 
1 73  LYS n 
1 74  ASN n 
1 75  VAL n 
1 76  CYS n 
1 77  GLY n 
1 78  ILE n 
1 79  ARG n 
1 80  CYS n 
1 81  SER n 
1 82  GLN n 
1 83  LEU n 
1 84  LEU n 
1 85  THR n 
1 86  ASP n 
1 87  ASP n 
1 88  LEU n 
1 89  THR n 
1 90  VAL n 
1 91  ALA n 
1 92  ILE n 
1 93  ARG n 
1 94  CYS n 
1 95  ALA n 
1 96  LYS n 
1 97  ARG n 
1 98  VAL n 
1 99  VAL n 
1 100 LEU n 
1 101 ASP n 
1 102 PRO n 
1 103 ASN n 
1 104 GLY n 
1 105 ILE n 
1 106 GLY n 
1 107 ALA n 
1 108 TRP n 
1 109 VAL n 
1 110 ALA n 
1 111 TRP n 
1 112 ARG n 
1 113 LEU n 
1 114 HIS n 
1 115 CYS n 
1 116 GLN n 
1 117 ASN n 
1 118 GLN n 
1 119 ASP n 
1 120 LEU n 
1 121 ARG n 
1 122 SER n 
1 123 TYR n 
1 124 VAL n 
1 125 ALA n 
1 126 GLY n 
1 127 CYS n 
1 128 GLY n 
1 129 VAL n 
# 
_entity_src_nat.entity_id                  1 
_entity_src_nat.pdbx_src_id                1 
_entity_src_nat.pdbx_alt_source_flag       sample 
_entity_src_nat.pdbx_beg_seq_num           ? 
_entity_src_nat.pdbx_end_seq_num           ? 
_entity_src_nat.common_name                'rainbow trout' 
_entity_src_nat.pdbx_organism_scientific   'Oncorhynchus mykiss' 
_entity_src_nat.pdbx_ncbi_taxonomy_id      8022 
_entity_src_nat.genus                      Oncorhynchus 
_entity_src_nat.species                    ? 
_entity_src_nat.strain                     ? 
_entity_src_nat.tissue                     ? 
_entity_src_nat.tissue_fraction            ? 
_entity_src_nat.pdbx_secretion             ? 
_entity_src_nat.pdbx_fragment              ? 
_entity_src_nat.pdbx_variant               ? 
_entity_src_nat.pdbx_cell_line             ? 
_entity_src_nat.pdbx_atcc                  ? 
_entity_src_nat.pdbx_cellular_location     ? 
_entity_src_nat.pdbx_organ                 KIDNEY 
_entity_src_nat.pdbx_organelle             ? 
_entity_src_nat.pdbx_cell                  ? 
_entity_src_nat.pdbx_plasmid_name          ? 
_entity_src_nat.pdbx_plasmid_details       ? 
_entity_src_nat.details                    ? 
# 
loop_
_chem_comp.id 
_chem_comp.type 
_chem_comp.mon_nstd_flag 
_chem_comp.name 
_chem_comp.pdbx_synonyms 
_chem_comp.formula 
_chem_comp.formula_weight 
ALA 'L-peptide linking' y ALANINE         ? 'C3 H7 N O2'        89.093  
ARG 'L-peptide linking' y ARGININE        ? 'C6 H15 N4 O2 1'    175.209 
ASN 'L-peptide linking' y ASPARAGINE      ? 'C4 H8 N2 O3'       132.118 
ASP 'L-peptide linking' y 'ASPARTIC ACID' ? 'C4 H7 N O4'        133.103 
BUL non-polymer         . 'BULGECIN A'    ? 'C16 H29 N3 O14 S2' 551.543 
CYS 'L-peptide linking' y CYSTEINE        ? 'C3 H7 N O2 S'      121.158 
GLN 'L-peptide linking' y GLUTAMINE       ? 'C5 H10 N2 O3'      146.144 
GLU 'L-peptide linking' y 'GLUTAMIC ACID' ? 'C5 H9 N O4'        147.129 
GLY 'peptide linking'   y GLYCINE         ? 'C2 H5 N O2'        75.067  
HIS 'L-peptide linking' y HISTIDINE       ? 'C6 H10 N3 O2 1'    156.162 
HOH non-polymer         . WATER           ? 'H2 O'              18.015  
ILE 'L-peptide linking' y ISOLEUCINE      ? 'C6 H13 N O2'       131.173 
LEU 'L-peptide linking' y LEUCINE         ? 'C6 H13 N O2'       131.173 
LYS 'L-peptide linking' y LYSINE          ? 'C6 H15 N2 O2 1'    147.195 
MET 'L-peptide linking' y METHIONINE      ? 'C5 H11 N O2 S'     149.211 
PHE 'L-peptide linking' y PHENYLALANINE   ? 'C9 H11 N O2'       165.189 
PRO 'L-peptide linking' y PROLINE         ? 'C5 H9 N O2'        115.130 
SER 'L-peptide linking' y SERINE          ? 'C3 H7 N O3'        105.093 
THR 'L-peptide linking' y THREONINE       ? 'C4 H9 N O3'        119.119 
TRP 'L-peptide linking' y TRYPTOPHAN      ? 'C11 H12 N2 O2'     204.225 
TYR 'L-peptide linking' y TYROSINE        ? 'C9 H11 N O3'       181.189 
VAL 'L-peptide linking' y VALINE          ? 'C5 H11 N O2'       117.146 
# 
loop_
_pdbx_poly_seq_scheme.asym_id 
_pdbx_poly_seq_scheme.entity_id 
_pdbx_poly_seq_scheme.seq_id 
_pdbx_poly_seq_scheme.mon_id 
_pdbx_poly_seq_scheme.ndb_seq_num 
_pdbx_poly_seq_scheme.pdb_seq_num 
_pdbx_poly_seq_scheme.auth_seq_num 
_pdbx_poly_seq_scheme.pdb_mon_id 
_pdbx_poly_seq_scheme.auth_mon_id 
_pdbx_poly_seq_scheme.pdb_strand_id 
_pdbx_poly_seq_scheme.pdb_ins_code 
_pdbx_poly_seq_scheme.hetero 
A 1 1   LYS 1   1   1   LYS LYS A . n 
A 1 2   VAL 2   2   2   VAL VAL A . n 
A 1 3   TYR 3   3   3   TYR TYR A . n 
A 1 4   ASP 4   4   4   ASP ASP A . n 
A 1 5   ARG 5   5   5   ARG ARG A . n 
A 1 6   CYS 6   6   6   CYS CYS A . n 
A 1 7   GLU 7   7   7   GLU GLU A . n 
A 1 8   LEU 8   8   8   LEU LEU A . n 
A 1 9   ALA 9   9   9   ALA ALA A . n 
A 1 10  ARG 10  10  10  ARG ARG A . n 
A 1 11  ALA 11  11  11  ALA ALA A . n 
A 1 12  LEU 12  12  12  LEU LEU A . n 
A 1 13  LYS 13  13  13  LYS LYS A . n 
A 1 14  ALA 14  14  14  ALA ALA A . n 
A 1 15  SER 15  15  15  SER SER A . n 
A 1 16  GLY 16  16  16  GLY GLY A . n 
A 1 17  MET 17  17  17  MET MET A . n 
A 1 18  ASP 18  18  18  ASP ASP A . n 
A 1 19  GLY 19  19  19  GLY GLY A . n 
A 1 20  TYR 20  20  20  TYR TYR A . n 
A 1 21  ALA 21  21  21  ALA ALA A . n 
A 1 22  GLY 22  22  22  GLY GLY A . n 
A 1 23  ASN 23  23  23  ASN ASN A . n 
A 1 24  SER 24  24  24  SER SER A . n 
A 1 25  LEU 25  25  25  LEU LEU A . n 
A 1 26  PRO 26  26  26  PRO PRO A . n 
A 1 27  ASN 27  27  27  ASN ASN A . n 
A 1 28  TRP 28  28  28  TRP TRP A . n 
A 1 29  VAL 29  29  29  VAL VAL A . n 
A 1 30  CYS 30  30  30  CYS CYS A . n 
A 1 31  LEU 31  31  31  LEU LEU A . n 
A 1 32  SER 32  32  32  SER SER A . n 
A 1 33  LYS 33  33  33  LYS LYS A . n 
A 1 34  TRP 34  34  34  TRP TRP A . n 
A 1 35  GLU 35  35  35  GLU GLU A . n 
A 1 36  SER 36  36  36  SER SER A . n 
A 1 37  SER 37  37  37  SER SER A . n 
A 1 38  TYR 38  38  38  TYR TYR A . n 
A 1 39  ASN 39  39  39  ASN ASN A . n 
A 1 40  THR 40  40  40  THR THR A . n 
A 1 41  GLN 41  41  41  GLN GLN A . n 
A 1 42  ALA 42  42  42  ALA ALA A . n 
A 1 43  THR 43  43  43  THR THR A . n 
A 1 44  ASN 44  44  44  ASN ASN A . n 
A 1 45  ARG 45  45  45  ARG ARG A . n 
A 1 46  ASN 46  46  46  ASN ASN A . n 
A 1 47  THR 47  47  47  THR THR A . n 
A 1 48  ASP 48  48  48  ASP ASP A . n 
A 1 49  GLY 49  49  49  GLY GLY A . n 
A 1 50  SER 50  50  50  SER SER A . n 
A 1 51  THR 51  51  51  THR THR A . n 
A 1 52  ASP 52  52  52  ASP ASP A . n 
A 1 53  TYR 53  53  53  TYR TYR A . n 
A 1 54  GLY 54  54  54  GLY GLY A . n 
A 1 55  ILE 55  55  55  ILE ILE A . n 
A 1 56  PHE 56  56  56  PHE PHE A . n 
A 1 57  GLN 57  57  57  GLN GLN A . n 
A 1 58  ILE 58  58  58  ILE ILE A . n 
A 1 59  ASN 59  59  59  ASN ASN A . n 
A 1 60  SER 60  60  60  SER SER A . n 
A 1 61  ARG 61  61  61  ARG ARG A . n 
A 1 62  TYR 62  62  62  TYR TYR A . n 
A 1 63  TRP 63  63  63  TRP TRP A . n 
A 1 64  CYS 64  64  64  CYS CYS A . n 
A 1 65  ASP 65  65  65  ASP ASP A . n 
A 1 66  ASP 66  66  66  ASP ASP A . n 
A 1 67  GLY 67  67  67  GLY GLY A . n 
A 1 68  ARG 68  68  68  ARG ARG A . n 
A 1 69  THR 69  69  69  THR THR A . n 
A 1 70  PRO 70  70  70  PRO PRO A . n 
A 1 71  GLY 71  71  71  GLY GLY A . n 
A 1 72  ALA 72  72  72  ALA ALA A . n 
A 1 73  LYS 73  73  73  LYS LYS A . n 
A 1 74  ASN 74  74  74  ASN ASN A . n 
A 1 75  VAL 75  75  75  VAL VAL A . n 
A 1 76  CYS 76  76  76  CYS CYS A . n 
A 1 77  GLY 77  77  77  GLY GLY A . n 
A 1 78  ILE 78  78  78  ILE ILE A . n 
A 1 79  ARG 79  79  79  ARG ARG A . n 
A 1 80  CYS 80  80  80  CYS CYS A . n 
A 1 81  SER 81  81  81  SER SER A . n 
A 1 82  GLN 82  82  82  GLN GLN A . n 
A 1 83  LEU 83  83  83  LEU LEU A . n 
A 1 84  LEU 84  84  84  LEU LEU A . n 
A 1 85  THR 85  85  85  THR THR A . n 
A 1 86  ASP 86  86  86  ASP ASP A . n 
A 1 87  ASP 87  87  87  ASP ASP A . n 
A 1 88  LEU 88  88  88  LEU LEU A . n 
A 1 89  THR 89  89  89  THR THR A . n 
A 1 90  VAL 90  90  90  VAL VAL A . n 
A 1 91  ALA 91  91  91  ALA ALA A . n 
A 1 92  ILE 92  92  92  ILE ILE A . n 
A 1 93  ARG 93  93  93  ARG ARG A . n 
A 1 94  CYS 94  94  94  CYS CYS A . n 
A 1 95  ALA 95  95  95  ALA ALA A . n 
A 1 96  LYS 96  96  96  LYS LYS A . n 
A 1 97  ARG 97  97  97  ARG ARG A . n 
A 1 98  VAL 98  98  98  VAL VAL A . n 
A 1 99  VAL 99  99  99  VAL VAL A . n 
A 1 100 LEU 100 100 100 LEU LEU A . n 
A 1 101 ASP 101 101 101 ASP ASP A . n 
A 1 102 PRO 102 102 102 PRO PRO A . n 
A 1 103 ASN 103 103 103 ASN ASN A . n 
A 1 104 GLY 104 104 104 GLY GLY A . n 
A 1 105 ILE 105 105 105 ILE ILE A . n 
A 1 106 GLY 106 106 106 GLY GLY A . n 
A 1 107 ALA 107 107 107 ALA ALA A . n 
A 1 108 TRP 108 108 108 TRP TRP A . n 
A 1 109 VAL 109 109 109 VAL VAL A . n 
A 1 110 ALA 110 110 110 ALA ALA A . n 
A 1 111 TRP 111 111 111 TRP TRP A . n 
A 1 112 ARG 112 112 112 ARG ARG A . n 
A 1 113 LEU 113 113 113 LEU LEU A . n 
A 1 114 HIS 114 114 114 HIS HIS A . n 
A 1 115 CYS 115 115 115 CYS CYS A . n 
A 1 116 GLN 116 116 116 GLN GLN A . n 
A 1 117 ASN 117 117 117 ASN ASN A . n 
A 1 118 GLN 118 118 118 GLN GLN A . n 
A 1 119 ASP 119 119 119 ASP ASP A . n 
A 1 120 LEU 120 120 120 LEU LEU A . n 
A 1 121 ARG 121 121 121 ARG ARG A . n 
A 1 122 SER 122 122 122 SER SER A . n 
A 1 123 TYR 123 123 123 TYR TYR A . n 
A 1 124 VAL 124 124 124 VAL VAL A . n 
A 1 125 ALA 125 125 125 ALA ALA A . n 
A 1 126 GLY 126 126 126 GLY GLY A . n 
A 1 127 CYS 127 127 127 CYS CYS A . n 
A 1 128 GLY 128 128 128 GLY GLY A . n 
A 1 129 VAL 129 129 129 VAL VAL A . n 
# 
loop_
_pdbx_nonpoly_scheme.asym_id 
_pdbx_nonpoly_scheme.entity_id 
_pdbx_nonpoly_scheme.mon_id 
_pdbx_nonpoly_scheme.ndb_seq_num 
_pdbx_nonpoly_scheme.pdb_seq_num 
_pdbx_nonpoly_scheme.auth_seq_num 
_pdbx_nonpoly_scheme.pdb_mon_id 
_pdbx_nonpoly_scheme.auth_mon_id 
_pdbx_nonpoly_scheme.pdb_strand_id 
_pdbx_nonpoly_scheme.pdb_ins_code 
B 2 BUL 1   130 130 BUL BUL A . 
C 3 HOH 1   134 134 HOH HOH A . 
C 3 HOH 2   135 135 HOH HOH A . 
C 3 HOH 3   136 136 HOH HOH A . 
C 3 HOH 4   137 137 HOH HOH A . 
C 3 HOH 5   138 138 HOH HOH A . 
C 3 HOH 6   139 139 HOH HOH A . 
C 3 HOH 7   140 140 HOH HOH A . 
C 3 HOH 8   141 141 HOH HOH A . 
C 3 HOH 9   142 142 HOH HOH A . 
C 3 HOH 10  143 143 HOH HOH A . 
C 3 HOH 11  144 144 HOH HOH A . 
C 3 HOH 12  145 145 HOH HOH A . 
C 3 HOH 13  146 146 HOH HOH A . 
C 3 HOH 14  147 147 HOH HOH A . 
C 3 HOH 15  148 148 HOH HOH A . 
C 3 HOH 16  149 149 HOH HOH A . 
C 3 HOH 17  150 150 HOH HOH A . 
C 3 HOH 18  151 151 HOH HOH A . 
C 3 HOH 19  152 152 HOH HOH A . 
C 3 HOH 20  153 153 HOH HOH A . 
C 3 HOH 21  154 154 HOH HOH A . 
C 3 HOH 22  155 155 HOH HOH A . 
C 3 HOH 23  156 156 HOH HOH A . 
C 3 HOH 24  157 157 HOH HOH A . 
C 3 HOH 25  158 158 HOH HOH A . 
C 3 HOH 26  159 159 HOH HOH A . 
C 3 HOH 27  160 160 HOH HOH A . 
C 3 HOH 28  161 161 HOH HOH A . 
C 3 HOH 29  162 162 HOH HOH A . 
C 3 HOH 30  163 163 HOH HOH A . 
C 3 HOH 31  164 164 HOH HOH A . 
C 3 HOH 32  165 165 HOH HOH A . 
C 3 HOH 33  166 166 HOH HOH A . 
C 3 HOH 34  167 167 HOH HOH A . 
C 3 HOH 35  168 168 HOH HOH A . 
C 3 HOH 36  169 169 HOH HOH A . 
C 3 HOH 37  170 170 HOH HOH A . 
C 3 HOH 38  171 171 HOH HOH A . 
C 3 HOH 39  172 172 HOH HOH A . 
C 3 HOH 40  173 173 HOH HOH A . 
C 3 HOH 41  174 174 HOH HOH A . 
C 3 HOH 42  175 175 HOH HOH A . 
C 3 HOH 43  176 176 HOH HOH A . 
C 3 HOH 44  177 177 HOH HOH A . 
C 3 HOH 45  178 178 HOH HOH A . 
C 3 HOH 46  179 179 HOH HOH A . 
C 3 HOH 47  180 180 HOH HOH A . 
C 3 HOH 48  181 181 HOH HOH A . 
C 3 HOH 49  182 182 HOH HOH A . 
C 3 HOH 50  183 183 HOH HOH A . 
C 3 HOH 51  184 184 HOH HOH A . 
C 3 HOH 52  185 185 HOH HOH A . 
C 3 HOH 53  186 186 HOH HOH A . 
C 3 HOH 54  187 187 HOH HOH A . 
C 3 HOH 55  188 188 HOH HOH A . 
C 3 HOH 56  189 189 HOH HOH A . 
C 3 HOH 57  190 190 HOH HOH A . 
C 3 HOH 58  191 191 HOH HOH A . 
C 3 HOH 59  192 192 HOH HOH A . 
C 3 HOH 60  193 193 HOH HOH A . 
C 3 HOH 61  194 194 HOH HOH A . 
C 3 HOH 62  195 195 HOH HOH A . 
C 3 HOH 63  196 196 HOH HOH A . 
C 3 HOH 64  197 197 HOH HOH A . 
C 3 HOH 65  198 198 HOH HOH A . 
C 3 HOH 66  199 199 HOH HOH A . 
C 3 HOH 67  200 200 HOH HOH A . 
C 3 HOH 68  201 201 HOH HOH A . 
C 3 HOH 69  202 202 HOH HOH A . 
C 3 HOH 70  203 203 HOH HOH A . 
C 3 HOH 71  204 204 HOH HOH A . 
C 3 HOH 72  205 205 HOH HOH A . 
C 3 HOH 73  206 206 HOH HOH A . 
C 3 HOH 74  207 207 HOH HOH A . 
C 3 HOH 75  208 208 HOH HOH A . 
C 3 HOH 76  209 209 HOH HOH A . 
C 3 HOH 77  210 210 HOH HOH A . 
C 3 HOH 78  211 211 HOH HOH A . 
C 3 HOH 79  212 212 HOH HOH A . 
C 3 HOH 80  213 213 HOH HOH A . 
C 3 HOH 81  214 214 HOH HOH A . 
C 3 HOH 82  215 215 HOH HOH A . 
C 3 HOH 83  216 216 HOH HOH A . 
C 3 HOH 84  217 217 HOH HOH A . 
C 3 HOH 85  218 218 HOH HOH A . 
C 3 HOH 86  219 219 HOH HOH A . 
C 3 HOH 87  220 220 HOH HOH A . 
C 3 HOH 88  221 221 HOH HOH A . 
C 3 HOH 89  222 222 HOH HOH A . 
C 3 HOH 90  223 223 HOH HOH A . 
C 3 HOH 91  224 224 HOH HOH A . 
C 3 HOH 92  225 225 HOH HOH A . 
C 3 HOH 93  226 226 HOH HOH A . 
C 3 HOH 94  227 227 HOH HOH A . 
C 3 HOH 95  228 228 HOH HOH A . 
C 3 HOH 96  229 229 HOH HOH A . 
C 3 HOH 97  230 230 HOH HOH A . 
C 3 HOH 98  231 231 HOH HOH A . 
C 3 HOH 99  232 232 HOH HOH A . 
C 3 HOH 100 233 233 HOH HOH A . 
C 3 HOH 101 234 234 HOH HOH A . 
C 3 HOH 102 235 235 HOH HOH A . 
C 3 HOH 103 236 236 HOH HOH A . 
C 3 HOH 104 237 237 HOH HOH A . 
C 3 HOH 105 238 238 HOH HOH A . 
C 3 HOH 106 239 239 HOH HOH A . 
C 3 HOH 107 240 240 HOH HOH A . 
C 3 HOH 108 241 241 HOH HOH A . 
C 3 HOH 109 242 242 HOH HOH A . 
C 3 HOH 110 243 243 HOH HOH A . 
# 
loop_
_software.name 
_software.classification 
_software.version 
_software.citation_id 
_software.pdbx_ordinal 
MADNES 'data collection' . ? 1 
PROLSQ refinement        . ? 2 
MADNES 'data reduction'  . ? 3 
# 
_cell.entry_id           1LMC 
_cell.length_a           76.570 
_cell.length_b           76.570 
_cell.length_c           54.400 
_cell.angle_alpha        90.00 
_cell.angle_beta         90.00 
_cell.angle_gamma        120.00 
_cell.Z_PDB              6 
_cell.pdbx_unique_axis   ? 
_cell.length_a_esd       ? 
_cell.length_b_esd       ? 
_cell.length_c_esd       ? 
_cell.angle_alpha_esd    ? 
_cell.angle_beta_esd     ? 
_cell.angle_gamma_esd    ? 
# 
_symmetry.entry_id                         1LMC 
_symmetry.space_group_name_H-M             'P 31 2 1' 
_symmetry.pdbx_full_space_group_name_H-M   ? 
_symmetry.cell_setting                     ? 
_symmetry.Int_Tables_number                152 
_symmetry.space_group_name_Hall            ? 
# 
_exptl.entry_id          1LMC 
_exptl.method            'X-RAY DIFFRACTION' 
_exptl.crystals_number   1 
# 
_exptl_crystal.id                    1 
_exptl_crystal.density_meas          ? 
_exptl_crystal.density_Matthews      3.22 
_exptl_crystal.density_percent_sol   61.78 
_exptl_crystal.description           ? 
_exptl_crystal.F_000                 ? 
_exptl_crystal.preparation           ? 
# 
_diffrn.id                     1 
_diffrn.ambient_temp           ? 
_diffrn.ambient_temp_details   ? 
_diffrn.crystal_id             1 
# 
_diffrn_detector.diffrn_id              1 
_diffrn_detector.detector               DIFFRACTOMETER 
_diffrn_detector.type                   'ENRAF-NONIUS FAST' 
_diffrn_detector.pdbx_collection_date   1994-03-17 
_diffrn_detector.details                ? 
# 
_diffrn_radiation.diffrn_id                        1 
_diffrn_radiation.wavelength_id                    1 
_diffrn_radiation.pdbx_monochromatic_or_laue_m_l   M 
_diffrn_radiation.monochromator                    ? 
_diffrn_radiation.pdbx_diffrn_protocol             ? 
_diffrn_radiation.pdbx_scattering_type             x-ray 
# 
_diffrn_radiation_wavelength.id           1 
_diffrn_radiation_wavelength.wavelength   1.5418 
_diffrn_radiation_wavelength.wt           1.0 
# 
_diffrn_source.diffrn_id                   1 
_diffrn_source.source                      ? 
_diffrn_source.type                        ? 
_diffrn_source.pdbx_synchrotron_site       ? 
_diffrn_source.pdbx_synchrotron_beamline   ? 
_diffrn_source.pdbx_wavelength             ? 
_diffrn_source.pdbx_wavelength_list        1.5418 
# 
_reflns.entry_id                     1LMC 
_reflns.observed_criterion_sigma_I   3. 
_reflns.observed_criterion_sigma_F   ? 
_reflns.d_resolution_low             ? 
_reflns.d_resolution_high            ? 
_reflns.number_obs                   10895 
_reflns.number_all                   ? 
_reflns.percent_possible_obs         86.1 
_reflns.pdbx_Rmerge_I_obs            0.059 
_reflns.pdbx_Rsym_value              ? 
_reflns.pdbx_netI_over_sigmaI        ? 
_reflns.B_iso_Wilson_estimate        ? 
_reflns.pdbx_redundancy              ? 
_reflns.R_free_details               ? 
_reflns.limit_h_max                  ? 
_reflns.limit_h_min                  ? 
_reflns.limit_k_max                  ? 
_reflns.limit_k_min                  ? 
_reflns.limit_l_max                  ? 
_reflns.limit_l_min                  ? 
_reflns.observed_criterion_F_max     ? 
_reflns.observed_criterion_F_min     ? 
_reflns.pdbx_chi_squared             ? 
_reflns.pdbx_scaling_rejects         ? 
_reflns.pdbx_ordinal                 1 
_reflns.pdbx_diffrn_id               1 
# 
_refine.entry_id                                 1LMC 
_refine.ls_number_reflns_obs                     10895 
_refine.ls_number_reflns_all                     ? 
_refine.pdbx_ls_sigma_I                          ? 
_refine.pdbx_ls_sigma_F                          3.0 
_refine.pdbx_data_cutoff_high_absF               ? 
_refine.pdbx_data_cutoff_low_absF                ? 
_refine.pdbx_data_cutoff_high_rms_absF           ? 
_refine.ls_d_res_low                             8.0 
_refine.ls_d_res_high                            2.0 
_refine.ls_percent_reflns_obs                    ? 
_refine.ls_R_factor_obs                          0.163 
_refine.ls_R_factor_all                          ? 
_refine.ls_R_factor_R_work                       ? 
_refine.ls_R_factor_R_free                       ? 
_refine.ls_R_factor_R_free_error                 ? 
_refine.ls_R_factor_R_free_error_details         ? 
_refine.ls_percent_reflns_R_free                 ? 
_refine.ls_number_reflns_R_free                  ? 
_refine.ls_number_parameters                     ? 
_refine.ls_number_restraints                     ? 
_refine.occupancy_min                            ? 
_refine.occupancy_max                            ? 
_refine.B_iso_mean                               ? 
_refine.aniso_B[1][1]                            ? 
_refine.aniso_B[2][2]                            ? 
_refine.aniso_B[3][3]                            ? 
_refine.aniso_B[1][2]                            ? 
_refine.aniso_B[1][3]                            ? 
_refine.aniso_B[2][3]                            ? 
_refine.solvent_model_details                    ? 
_refine.solvent_model_param_ksol                 ? 
_refine.solvent_model_param_bsol                 ? 
_refine.pdbx_ls_cross_valid_method               ? 
_refine.details                                  ? 
_refine.pdbx_starting_model                      ? 
_refine.pdbx_method_to_determine_struct          ? 
_refine.pdbx_isotropic_thermal_model             ? 
_refine.pdbx_stereochemistry_target_values       ? 
_refine.pdbx_stereochem_target_val_spec_case     ? 
_refine.pdbx_R_Free_selection_details            ? 
_refine.pdbx_overall_ESU_R                       ? 
_refine.pdbx_overall_ESU_R_Free                  ? 
_refine.overall_SU_ML                            ? 
_refine.overall_SU_B                             ? 
_refine.pdbx_refine_id                           'X-RAY DIFFRACTION' 
_refine.ls_redundancy_reflns_obs                 ? 
_refine.pdbx_overall_phase_error                 ? 
_refine.B_iso_min                                ? 
_refine.B_iso_max                                ? 
_refine.correlation_coeff_Fo_to_Fc               ? 
_refine.correlation_coeff_Fo_to_Fc_free          ? 
_refine.pdbx_solvent_vdw_probe_radii             ? 
_refine.pdbx_solvent_ion_probe_radii             ? 
_refine.pdbx_solvent_shrinkage_radii             ? 
_refine.overall_SU_R_Cruickshank_DPI             ? 
_refine.overall_SU_R_free                        ? 
_refine.ls_wR_factor_R_free                      ? 
_refine.ls_wR_factor_R_work                      ? 
_refine.overall_FOM_free_R_set                   ? 
_refine.overall_FOM_work_R_set                   ? 
_refine.pdbx_diffrn_id                           1 
_refine.pdbx_TLS_residual_ADP_flag               ? 
_refine.pdbx_overall_SU_R_free_Cruickshank_DPI   ? 
_refine.pdbx_overall_SU_R_Blow_DPI               ? 
_refine.pdbx_overall_SU_R_free_Blow_DPI          ? 
# 
_refine_hist.pdbx_refine_id                   'X-RAY DIFFRACTION' 
_refine_hist.cycle_id                         LAST 
_refine_hist.pdbx_number_atoms_protein        999 
_refine_hist.pdbx_number_atoms_nucleic_acid   0 
_refine_hist.pdbx_number_atoms_ligand         35 
_refine_hist.number_atoms_solvent             110 
_refine_hist.number_atoms_total               1144 
_refine_hist.d_res_high                       2.0 
_refine_hist.d_res_low                        8.0 
# 
loop_
_refine_ls_restr.type 
_refine_ls_restr.dev_ideal 
_refine_ls_restr.dev_ideal_target 
_refine_ls_restr.weight 
_refine_ls_restr.number 
_refine_ls_restr.pdbx_refine_id 
_refine_ls_restr.pdbx_restraint_function 
p_bond_d            0.017 0.020 ? ? 'X-RAY DIFFRACTION' ? 
p_angle_d           0.049 0.040 ? ? 'X-RAY DIFFRACTION' ? 
p_angle_deg         ?     ?     ? ? 'X-RAY DIFFRACTION' ? 
p_planar_d          0.081 0.050 ? ? 'X-RAY DIFFRACTION' ? 
p_hb_or_metal_coord ?     ?     ? ? 'X-RAY DIFFRACTION' ? 
p_mcbond_it         ?     ?     ? ? 'X-RAY DIFFRACTION' ? 
p_mcangle_it        ?     ?     ? ? 'X-RAY DIFFRACTION' ? 
p_scbond_it         ?     ?     ? ? 'X-RAY DIFFRACTION' ? 
p_scangle_it        ?     ?     ? ? 'X-RAY DIFFRACTION' ? 
p_plane_restr       0.013 0.020 ? ? 'X-RAY DIFFRACTION' ? 
p_chiral_restr      0.041 0.060 ? ? 'X-RAY DIFFRACTION' ? 
p_singtor_nbd       0.197 0.030 ? ? 'X-RAY DIFFRACTION' ? 
p_multtor_nbd       0.185 0.300 ? ? 'X-RAY DIFFRACTION' ? 
p_xhyhbond_nbd      0.277 0.300 ? ? 'X-RAY DIFFRACTION' ? 
p_xyhbond_nbd       ?     ?     ? ? 'X-RAY DIFFRACTION' ? 
p_planar_tor        5.4   3.0   ? ? 'X-RAY DIFFRACTION' ? 
p_staggered_tor     18.5  15.0  ? ? 'X-RAY DIFFRACTION' ? 
p_orthonormal_tor   17.4  20.0  ? ? 'X-RAY DIFFRACTION' ? 
p_transverse_tor    ?     ?     ? ? 'X-RAY DIFFRACTION' ? 
p_special_tor       ?     ?     ? ? 'X-RAY DIFFRACTION' ? 
# 
_struct.entry_id                  1LMC 
_struct.title                     
'THE CRYSTAL STRUCTURE OF A COMPLEX BETWEEN BULGECIN, A BACTERIAL METABOLITE, AND LYSOZYME FROM THE RAINBOW TROUT' 
_struct.pdbx_model_details        ? 
_struct.pdbx_CASP_flag            ? 
_struct.pdbx_model_type_details   ? 
# 
_struct_keywords.entry_id        1LMC 
_struct_keywords.pdbx_keywords   'HYDROLASE (O-GLYCOSYL)' 
_struct_keywords.text            'HYDROLASE (O-GLYCOSYL)' 
# 
loop_
_struct_asym.id 
_struct_asym.pdbx_blank_PDB_chainid_flag 
_struct_asym.pdbx_modified 
_struct_asym.entity_id 
_struct_asym.details 
A N N 1 ? 
B N N 2 ? 
C N N 3 ? 
# 
_struct_ref.id                         1 
_struct_ref.db_name                    UNP 
_struct_ref.db_code                    LYSC2_ONCMY 
_struct_ref.entity_id                  1 
_struct_ref.pdbx_db_accession          P11941 
_struct_ref.pdbx_align_begin           1 
_struct_ref.pdbx_seq_one_letter_code   
;MRAVVVLLLVAVASAKVYDRCELARALKASGMDGYAGNSLPNWVCLSKWESSYNTQATNRNTDGSTDYGIFQINSRYWCD
DGRTPGAKNVCGIRCSQLLTADLTVAIRCAKRVVLDPNGIGAWVAWRLHCQNQDLRSYVAGCGV
;
_struct_ref.pdbx_db_isoform            ? 
# 
_struct_ref_seq.align_id                      1 
_struct_ref_seq.ref_id                        1 
_struct_ref_seq.pdbx_PDB_id_code              1LMC 
_struct_ref_seq.pdbx_strand_id                A 
_struct_ref_seq.seq_align_beg                 1 
_struct_ref_seq.pdbx_seq_align_beg_ins_code   ? 
_struct_ref_seq.seq_align_end                 129 
_struct_ref_seq.pdbx_seq_align_end_ins_code   ? 
_struct_ref_seq.pdbx_db_accession             P11941 
_struct_ref_seq.db_align_beg                  16 
_struct_ref_seq.pdbx_db_align_beg_ins_code    ? 
_struct_ref_seq.db_align_end                  144 
_struct_ref_seq.pdbx_db_align_end_ins_code    ? 
_struct_ref_seq.pdbx_auth_seq_align_beg       1 
_struct_ref_seq.pdbx_auth_seq_align_end       129 
# 
_struct_ref_seq_dif.align_id                     1 
_struct_ref_seq_dif.pdbx_pdb_id_code             1LMC 
_struct_ref_seq_dif.mon_id                       ASP 
_struct_ref_seq_dif.pdbx_pdb_strand_id           A 
_struct_ref_seq_dif.seq_num                      86 
_struct_ref_seq_dif.pdbx_pdb_ins_code            ? 
_struct_ref_seq_dif.pdbx_seq_db_name             UNP 
_struct_ref_seq_dif.pdbx_seq_db_accession_code   P11941 
_struct_ref_seq_dif.db_mon_id                    ALA 
_struct_ref_seq_dif.pdbx_seq_db_seq_num          101 
_struct_ref_seq_dif.details                      conflict 
_struct_ref_seq_dif.pdbx_auth_seq_num            86 
_struct_ref_seq_dif.pdbx_ordinal                 1 
# 
_pdbx_struct_assembly.id                   1 
_pdbx_struct_assembly.details              author_defined_assembly 
_pdbx_struct_assembly.method_details       ? 
_pdbx_struct_assembly.oligomeric_details   monomeric 
_pdbx_struct_assembly.oligomeric_count     1 
# 
_pdbx_struct_assembly_gen.assembly_id       1 
_pdbx_struct_assembly_gen.oper_expression   1 
_pdbx_struct_assembly_gen.asym_id_list      A,B,C 
# 
_pdbx_struct_oper_list.id                   1 
_pdbx_struct_oper_list.type                 'identity operation' 
_pdbx_struct_oper_list.name                 1_555 
_pdbx_struct_oper_list.symmetry_operation   x,y,z 
_pdbx_struct_oper_list.matrix[1][1]         1.0000000000 
_pdbx_struct_oper_list.matrix[1][2]         0.0000000000 
_pdbx_struct_oper_list.matrix[1][3]         0.0000000000 
_pdbx_struct_oper_list.vector[1]            0.0000000000 
_pdbx_struct_oper_list.matrix[2][1]         0.0000000000 
_pdbx_struct_oper_list.matrix[2][2]         1.0000000000 
_pdbx_struct_oper_list.matrix[2][3]         0.0000000000 
_pdbx_struct_oper_list.vector[2]            0.0000000000 
_pdbx_struct_oper_list.matrix[3][1]         0.0000000000 
_pdbx_struct_oper_list.matrix[3][2]         0.0000000000 
_pdbx_struct_oper_list.matrix[3][3]         1.0000000000 
_pdbx_struct_oper_list.vector[3]            0.0000000000 
# 
_struct_biol.id        1 
_struct_biol.details   ? 
# 
loop_
_struct_conf.conf_type_id 
_struct_conf.id 
_struct_conf.pdbx_PDB_helix_id 
_struct_conf.beg_label_comp_id 
_struct_conf.beg_label_asym_id 
_struct_conf.beg_label_seq_id 
_struct_conf.pdbx_beg_PDB_ins_code 
_struct_conf.end_label_comp_id 
_struct_conf.end_label_asym_id 
_struct_conf.end_label_seq_id 
_struct_conf.pdbx_end_PDB_ins_code 
_struct_conf.beg_auth_comp_id 
_struct_conf.beg_auth_asym_id 
_struct_conf.beg_auth_seq_id 
_struct_conf.end_auth_comp_id 
_struct_conf.end_auth_asym_id 
_struct_conf.end_auth_seq_id 
_struct_conf.pdbx_PDB_helix_class 
_struct_conf.details 
_struct_conf.pdbx_PDB_helix_length 
HELX_P HELX_P1 1 ASP A 4   ? SER A 15  ? ASP A 4   SER A 15  1 ? 12 
HELX_P HELX_P2 2 SER A 24  ? SER A 37  ? SER A 24  SER A 37  1 ? 14 
HELX_P HELX_P3 3 CYS A 80  ? THR A 85  ? CYS A 80  THR A 85  5 ? 6  
HELX_P HELX_P4 4 LEU A 88  ? VAL A 99  ? LEU A 88  VAL A 99  1 ? 12 
HELX_P HELX_P5 5 ASN A 103 ? ALA A 107 ? ASN A 103 ALA A 107 5 ? 5  
HELX_P HELX_P6 6 TRP A 108 ? CYS A 115 ? TRP A 108 CYS A 115 1 ? 8  
HELX_P HELX_P7 7 LEU A 120 ? VAL A 124 ? LEU A 120 VAL A 124 5 ? 5  
# 
_struct_conf_type.id          HELX_P 
_struct_conf_type.criteria    ? 
_struct_conf_type.reference   ? 
# 
loop_
_struct_conn.id 
_struct_conn.conn_type_id 
_struct_conn.pdbx_leaving_atom_flag 
_struct_conn.pdbx_PDB_id 
_struct_conn.ptnr1_label_asym_id 
_struct_conn.ptnr1_label_comp_id 
_struct_conn.ptnr1_label_seq_id 
_struct_conn.ptnr1_label_atom_id 
_struct_conn.pdbx_ptnr1_label_alt_id 
_struct_conn.pdbx_ptnr1_PDB_ins_code 
_struct_conn.pdbx_ptnr1_standard_comp_id 
_struct_conn.ptnr1_symmetry 
_struct_conn.ptnr2_label_asym_id 
_struct_conn.ptnr2_label_comp_id 
_struct_conn.ptnr2_label_seq_id 
_struct_conn.ptnr2_label_atom_id 
_struct_conn.pdbx_ptnr2_label_alt_id 
_struct_conn.pdbx_ptnr2_PDB_ins_code 
_struct_conn.ptnr1_auth_asym_id 
_struct_conn.ptnr1_auth_comp_id 
_struct_conn.ptnr1_auth_seq_id 
_struct_conn.ptnr2_auth_asym_id 
_struct_conn.ptnr2_auth_comp_id 
_struct_conn.ptnr2_auth_seq_id 
_struct_conn.ptnr2_symmetry 
_struct_conn.pdbx_ptnr3_label_atom_id 
_struct_conn.pdbx_ptnr3_label_seq_id 
_struct_conn.pdbx_ptnr3_label_comp_id 
_struct_conn.pdbx_ptnr3_label_asym_id 
_struct_conn.pdbx_ptnr3_label_alt_id 
_struct_conn.pdbx_ptnr3_PDB_ins_code 
_struct_conn.details 
_struct_conn.pdbx_dist_value 
_struct_conn.pdbx_value_order 
_struct_conn.pdbx_role 
disulf1 disulf ? ? A CYS 6  SG ? ? ? 1_555 A CYS 127 SG ? ? A CYS 6  A CYS 127 1_555 ? ? ? ? ? ? ? 1.977 ? ? 
disulf2 disulf ? ? A CYS 30 SG ? ? ? 1_555 A CYS 115 SG ? ? A CYS 30 A CYS 115 1_555 ? ? ? ? ? ? ? 1.999 ? ? 
disulf3 disulf ? ? A CYS 64 SG ? ? ? 1_555 A CYS 80  SG ? ? A CYS 64 A CYS 80  1_555 ? ? ? ? ? ? ? 2.000 ? ? 
disulf4 disulf ? ? A CYS 76 SG ? ? ? 1_555 A CYS 94  SG ? ? A CYS 76 A CYS 94  1_555 ? ? ? ? ? ? ? 2.017 ? ? 
# 
_struct_conn_type.id          disulf 
_struct_conn_type.criteria    ? 
_struct_conn_type.reference   ? 
# 
loop_
_pdbx_modification_feature.ordinal 
_pdbx_modification_feature.label_comp_id 
_pdbx_modification_feature.label_asym_id 
_pdbx_modification_feature.label_seq_id 
_pdbx_modification_feature.label_alt_id 
_pdbx_modification_feature.modified_residue_label_comp_id 
_pdbx_modification_feature.modified_residue_label_asym_id 
_pdbx_modification_feature.modified_residue_label_seq_id 
_pdbx_modification_feature.modified_residue_label_alt_id 
_pdbx_modification_feature.auth_comp_id 
_pdbx_modification_feature.auth_asym_id 
_pdbx_modification_feature.auth_seq_id 
_pdbx_modification_feature.PDB_ins_code 
_pdbx_modification_feature.symmetry 
_pdbx_modification_feature.modified_residue_auth_comp_id 
_pdbx_modification_feature.modified_residue_auth_asym_id 
_pdbx_modification_feature.modified_residue_auth_seq_id 
_pdbx_modification_feature.modified_residue_PDB_ins_code 
_pdbx_modification_feature.modified_residue_symmetry 
_pdbx_modification_feature.comp_id_linking_atom 
_pdbx_modification_feature.modified_residue_id_linking_atom 
_pdbx_modification_feature.modified_residue_id 
_pdbx_modification_feature.ref_pcm_id 
_pdbx_modification_feature.ref_comp_id 
_pdbx_modification_feature.type 
_pdbx_modification_feature.category 
1 CYS A 6  ? CYS A 127 ? CYS A 6  ? 1_555 CYS A 127 ? 1_555 SG SG . . . None 'Disulfide bridge' 
2 CYS A 30 ? CYS A 115 ? CYS A 30 ? 1_555 CYS A 115 ? 1_555 SG SG . . . None 'Disulfide bridge' 
3 CYS A 64 ? CYS A 80  ? CYS A 64 ? 1_555 CYS A 80  ? 1_555 SG SG . . . None 'Disulfide bridge' 
4 CYS A 76 ? CYS A 94  ? CYS A 76 ? 1_555 CYS A 94  ? 1_555 SG SG . . . None 'Disulfide bridge' 
# 
_struct_sheet.id               A 
_struct_sheet.type             ? 
_struct_sheet.number_strands   3 
_struct_sheet.details          ? 
# 
loop_
_struct_sheet_order.sheet_id 
_struct_sheet_order.range_id_1 
_struct_sheet_order.range_id_2 
_struct_sheet_order.offset 
_struct_sheet_order.sense 
A 1 2 ? anti-parallel 
A 2 3 ? anti-parallel 
# 
loop_
_struct_sheet_range.sheet_id 
_struct_sheet_range.id 
_struct_sheet_range.beg_label_comp_id 
_struct_sheet_range.beg_label_asym_id 
_struct_sheet_range.beg_label_seq_id 
_struct_sheet_range.pdbx_beg_PDB_ins_code 
_struct_sheet_range.end_label_comp_id 
_struct_sheet_range.end_label_asym_id 
_struct_sheet_range.end_label_seq_id 
_struct_sheet_range.pdbx_end_PDB_ins_code 
_struct_sheet_range.beg_auth_comp_id 
_struct_sheet_range.beg_auth_asym_id 
_struct_sheet_range.beg_auth_seq_id 
_struct_sheet_range.end_auth_comp_id 
_struct_sheet_range.end_auth_asym_id 
_struct_sheet_range.end_auth_seq_id 
A 1 THR A 43 ? ARG A 45 ? THR A 43 ARG A 45 
A 2 THR A 51 ? TYR A 53 ? THR A 51 TYR A 53 
A 3 ILE A 58 ? ASN A 59 ? ILE A 58 ASN A 59 
# 
loop_
_pdbx_struct_sheet_hbond.sheet_id 
_pdbx_struct_sheet_hbond.range_id_1 
_pdbx_struct_sheet_hbond.range_id_2 
_pdbx_struct_sheet_hbond.range_1_label_atom_id 
_pdbx_struct_sheet_hbond.range_1_label_comp_id 
_pdbx_struct_sheet_hbond.range_1_label_asym_id 
_pdbx_struct_sheet_hbond.range_1_label_seq_id 
_pdbx_struct_sheet_hbond.range_1_PDB_ins_code 
_pdbx_struct_sheet_hbond.range_1_auth_atom_id 
_pdbx_struct_sheet_hbond.range_1_auth_comp_id 
_pdbx_struct_sheet_hbond.range_1_auth_asym_id 
_pdbx_struct_sheet_hbond.range_1_auth_seq_id 
_pdbx_struct_sheet_hbond.range_2_label_atom_id 
_pdbx_struct_sheet_hbond.range_2_label_comp_id 
_pdbx_struct_sheet_hbond.range_2_label_asym_id 
_pdbx_struct_sheet_hbond.range_2_label_seq_id 
_pdbx_struct_sheet_hbond.range_2_PDB_ins_code 
_pdbx_struct_sheet_hbond.range_2_auth_atom_id 
_pdbx_struct_sheet_hbond.range_2_auth_comp_id 
_pdbx_struct_sheet_hbond.range_2_auth_asym_id 
_pdbx_struct_sheet_hbond.range_2_auth_seq_id 
A 1 2 O ASN A 44 ? O ASN A 44 N ASP A 52 ? N ASP A 52 
A 2 3 O TYR A 53 ? O TYR A 53 N ILE A 58 ? N ILE A 58 
# 
_struct_site.id                   AC1 
_struct_site.pdbx_evidence_code   Software 
_struct_site.pdbx_auth_asym_id    A 
_struct_site.pdbx_auth_comp_id    BUL 
_struct_site.pdbx_auth_seq_id     130 
_struct_site.pdbx_auth_ins_code   ? 
_struct_site.pdbx_num_residues    16 
_struct_site.details              'BINDING SITE FOR RESIDUE BUL A 130' 
# 
loop_
_struct_site_gen.id 
_struct_site_gen.site_id 
_struct_site_gen.pdbx_num_res 
_struct_site_gen.label_comp_id 
_struct_site_gen.label_asym_id 
_struct_site_gen.label_seq_id 
_struct_site_gen.pdbx_auth_ins_code 
_struct_site_gen.auth_comp_id 
_struct_site_gen.auth_asym_id 
_struct_site_gen.auth_seq_id 
_struct_site_gen.label_atom_id 
_struct_site_gen.label_alt_id 
_struct_site_gen.symmetry 
_struct_site_gen.details 
1  AC1 16 GLU A 35  ? GLU A 35  . ? 1_555 ? 
2  AC1 16 ASN A 46  ? ASN A 46  . ? 1_555 ? 
3  AC1 16 THR A 47  ? THR A 47  . ? 1_555 ? 
4  AC1 16 ASP A 52  ? ASP A 52  . ? 1_555 ? 
5  AC1 16 GLN A 57  ? GLN A 57  . ? 1_555 ? 
6  AC1 16 ASN A 59  ? ASN A 59  . ? 1_555 ? 
7  AC1 16 TYR A 62  ? TYR A 62  . ? 1_555 ? 
8  AC1 16 TRP A 63  ? TRP A 63  . ? 1_555 ? 
9  AC1 16 ALA A 107 ? ALA A 107 . ? 1_555 ? 
10 AC1 16 TRP A 108 ? TRP A 108 . ? 1_555 ? 
11 AC1 16 VAL A 109 ? VAL A 109 . ? 1_555 ? 
12 AC1 16 HOH C .   ? HOH A 150 . ? 1_555 ? 
13 AC1 16 HOH C .   ? HOH A 151 . ? 1_555 ? 
14 AC1 16 HOH C .   ? HOH A 240 . ? 1_555 ? 
15 AC1 16 HOH C .   ? HOH A 241 . ? 1_555 ? 
16 AC1 16 HOH C .   ? HOH A 243 . ? 1_555 ? 
# 
_pdbx_entry_details.entry_id                   1LMC 
_pdbx_entry_details.compound_details           ? 
_pdbx_entry_details.source_details             ? 
_pdbx_entry_details.nonpolymer_details         ? 
_pdbx_entry_details.sequence_details           ? 
_pdbx_entry_details.has_ligand_of_interest     ? 
_pdbx_entry_details.has_protein_modification   Y 
# 
_pdbx_validate_close_contact.id               1 
_pdbx_validate_close_contact.PDB_model_num    1 
_pdbx_validate_close_contact.auth_atom_id_1   NH1 
_pdbx_validate_close_contact.auth_asym_id_1   A 
_pdbx_validate_close_contact.auth_comp_id_1   ARG 
_pdbx_validate_close_contact.auth_seq_id_1    10 
_pdbx_validate_close_contact.PDB_ins_code_1   ? 
_pdbx_validate_close_contact.label_alt_id_1   ? 
_pdbx_validate_close_contact.auth_atom_id_2   O 
_pdbx_validate_close_contact.auth_asym_id_2   A 
_pdbx_validate_close_contact.auth_comp_id_2   HOH 
_pdbx_validate_close_contact.auth_seq_id_2    160 
_pdbx_validate_close_contact.PDB_ins_code_2   ? 
_pdbx_validate_close_contact.label_alt_id_2   ? 
_pdbx_validate_close_contact.dist             2.12 
# 
loop_
_pdbx_validate_symm_contact.id 
_pdbx_validate_symm_contact.PDB_model_num 
_pdbx_validate_symm_contact.auth_atom_id_1 
_pdbx_validate_symm_contact.auth_asym_id_1 
_pdbx_validate_symm_contact.auth_comp_id_1 
_pdbx_validate_symm_contact.auth_seq_id_1 
_pdbx_validate_symm_contact.PDB_ins_code_1 
_pdbx_validate_symm_contact.label_alt_id_1 
_pdbx_validate_symm_contact.site_symmetry_1 
_pdbx_validate_symm_contact.auth_atom_id_2 
_pdbx_validate_symm_contact.auth_asym_id_2 
_pdbx_validate_symm_contact.auth_comp_id_2 
_pdbx_validate_symm_contact.auth_seq_id_2 
_pdbx_validate_symm_contact.PDB_ins_code_2 
_pdbx_validate_symm_contact.label_alt_id_2 
_pdbx_validate_symm_contact.site_symmetry_2 
_pdbx_validate_symm_contact.dist 
1 1 O   A HOH 169 ? ? 1_555 O   A HOH 169 ? ? 4_556 0.95 
2 1 O   A HOH 143 ? ? 1_555 O   A HOH 143 ? ? 4_556 1.25 
3 1 CD1 A LEU 113 ? ? 1_555 CD1 A LEU 113 ? ? 5_675 2.11 
# 
loop_
_pdbx_validate_rmsd_angle.id 
_pdbx_validate_rmsd_angle.PDB_model_num 
_pdbx_validate_rmsd_angle.auth_atom_id_1 
_pdbx_validate_rmsd_angle.auth_asym_id_1 
_pdbx_validate_rmsd_angle.auth_comp_id_1 
_pdbx_validate_rmsd_angle.auth_seq_id_1 
_pdbx_validate_rmsd_angle.PDB_ins_code_1 
_pdbx_validate_rmsd_angle.label_alt_id_1 
_pdbx_validate_rmsd_angle.auth_atom_id_2 
_pdbx_validate_rmsd_angle.auth_asym_id_2 
_pdbx_validate_rmsd_angle.auth_comp_id_2 
_pdbx_validate_rmsd_angle.auth_seq_id_2 
_pdbx_validate_rmsd_angle.PDB_ins_code_2 
_pdbx_validate_rmsd_angle.label_alt_id_2 
_pdbx_validate_rmsd_angle.auth_atom_id_3 
_pdbx_validate_rmsd_angle.auth_asym_id_3 
_pdbx_validate_rmsd_angle.auth_comp_id_3 
_pdbx_validate_rmsd_angle.auth_seq_id_3 
_pdbx_validate_rmsd_angle.PDB_ins_code_3 
_pdbx_validate_rmsd_angle.label_alt_id_3 
_pdbx_validate_rmsd_angle.angle_value 
_pdbx_validate_rmsd_angle.angle_target_value 
_pdbx_validate_rmsd_angle.angle_deviation 
_pdbx_validate_rmsd_angle.angle_standard_deviation 
_pdbx_validate_rmsd_angle.linker_flag 
1  1 CB  A ASP 4   ? ? CG  A ASP 4   ? ? OD1 A ASP 4   ? ? 111.94 118.30 -6.36 0.90 N 
2  1 CB  A ASP 4   ? ? CG  A ASP 4   ? ? OD2 A ASP 4   ? ? 123.77 118.30 5.47  0.90 N 
3  1 NE  A ARG 5   ? ? CZ  A ARG 5   ? ? NH1 A ARG 5   ? ? 117.01 120.30 -3.29 0.50 N 
4  1 CB  A LYS 13  ? ? CG  A LYS 13  ? ? CD  A LYS 13  ? ? 129.12 111.60 17.52 2.60 N 
5  1 CB  A ASP 18  ? ? CG  A ASP 18  ? ? OD1 A ASP 18  ? ? 125.01 118.30 6.71  0.90 N 
6  1 CA  A LEU 31  ? ? CB  A LEU 31  ? ? CG  A LEU 31  ? ? 132.40 115.30 17.10 2.30 N 
7  1 CB  A ASP 48  ? ? CG  A ASP 48  ? ? OD1 A ASP 48  ? ? 124.57 118.30 6.27  0.90 N 
8  1 CB  A ASP 48  ? ? CG  A ASP 48  ? ? OD2 A ASP 48  ? ? 111.85 118.30 -6.45 0.90 N 
9  1 CB  A ASP 52  ? ? CG  A ASP 52  ? ? OD1 A ASP 52  ? ? 124.80 118.30 6.50  0.90 N 
10 1 CB  A ASP 52  ? ? CG  A ASP 52  ? ? OD2 A ASP 52  ? ? 111.86 118.30 -6.44 0.90 N 
11 1 NE  A ARG 61  ? ? CZ  A ARG 61  ? ? NH1 A ARG 61  ? ? 125.22 120.30 4.92  0.50 N 
12 1 NE  A ARG 61  ? ? CZ  A ARG 61  ? ? NH2 A ARG 61  ? ? 113.76 120.30 -6.54 0.50 N 
13 1 NE  A ARG 79  ? ? CZ  A ARG 79  ? ? NH1 A ARG 79  ? ? 125.46 120.30 5.16  0.50 N 
14 1 CB  A ASP 87  ? ? CG  A ASP 87  ? ? OD1 A ASP 87  ? ? 112.16 118.30 -6.14 0.90 N 
15 1 NE  A ARG 93  ? ? CZ  A ARG 93  ? ? NH1 A ARG 93  ? ? 117.10 120.30 -3.20 0.50 N 
16 1 NE  A ARG 97  ? ? CZ  A ARG 97  ? ? NH1 A ARG 97  ? ? 128.15 120.30 7.85  0.50 N 
17 1 NE  A ARG 97  ? ? CZ  A ARG 97  ? ? NH2 A ARG 97  ? ? 116.13 120.30 -4.17 0.50 N 
18 1 CD  A ARG 112 ? ? NE  A ARG 112 ? ? CZ  A ARG 112 ? ? 134.73 123.60 11.13 1.40 N 
19 1 NE  A ARG 112 ? ? CZ  A ARG 112 ? ? NH1 A ARG 112 ? ? 125.11 120.30 4.81  0.50 N 
20 1 CE1 A HIS 114 ? ? NE2 A HIS 114 ? ? CD2 A HIS 114 ? ? 113.54 109.00 4.54  0.70 N 
# 
_pdbx_validate_chiral.id              1 
_pdbx_validate_chiral.PDB_model_num   1 
_pdbx_validate_chiral.auth_atom_id    C6 
_pdbx_validate_chiral.label_alt_id    ? 
_pdbx_validate_chiral.auth_asym_id    A 
_pdbx_validate_chiral.auth_comp_id    BUL 
_pdbx_validate_chiral.auth_seq_id     130 
_pdbx_validate_chiral.PDB_ins_code    ? 
_pdbx_validate_chiral.details         PLANAR 
_pdbx_validate_chiral.omega           . 
# 
loop_
_pdbx_validate_planes.id 
_pdbx_validate_planes.PDB_model_num 
_pdbx_validate_planes.auth_comp_id 
_pdbx_validate_planes.auth_asym_id 
_pdbx_validate_planes.auth_seq_id 
_pdbx_validate_planes.PDB_ins_code 
_pdbx_validate_planes.label_alt_id 
_pdbx_validate_planes.rmsd 
_pdbx_validate_planes.type 
1 1 ARG A 10 ? ? 0.115 'SIDE CHAIN' 
2 1 ARG A 45 ? ? 0.151 'SIDE CHAIN' 
3 1 ARG A 93 ? ? 0.189 'SIDE CHAIN' 
# 
_pdbx_unobs_or_zero_occ_residues.id               1 
_pdbx_unobs_or_zero_occ_residues.PDB_model_num    1 
_pdbx_unobs_or_zero_occ_residues.polymer_flag     N 
_pdbx_unobs_or_zero_occ_residues.occupancy_flag   0 
_pdbx_unobs_or_zero_occ_residues.auth_asym_id     A 
_pdbx_unobs_or_zero_occ_residues.auth_comp_id     BUL 
_pdbx_unobs_or_zero_occ_residues.auth_seq_id      130 
_pdbx_unobs_or_zero_occ_residues.PDB_ins_code     ? 
_pdbx_unobs_or_zero_occ_residues.label_asym_id    B 
_pdbx_unobs_or_zero_occ_residues.label_comp_id    BUL 
_pdbx_unobs_or_zero_occ_residues.label_seq_id     ? 
# 
loop_
_chem_comp_atom.comp_id 
_chem_comp_atom.atom_id 
_chem_comp_atom.type_symbol 
_chem_comp_atom.pdbx_aromatic_flag 
_chem_comp_atom.pdbx_stereo_config 
_chem_comp_atom.pdbx_ordinal 
ALA N    N N N 1   
ALA CA   C N S 2   
ALA C    C N N 3   
ALA O    O N N 4   
ALA CB   C N N 5   
ALA OXT  O N N 6   
ALA H    H N N 7   
ALA H2   H N N 8   
ALA HA   H N N 9   
ALA HB1  H N N 10  
ALA HB2  H N N 11  
ALA HB3  H N N 12  
ALA HXT  H N N 13  
ARG N    N N N 14  
ARG CA   C N S 15  
ARG C    C N N 16  
ARG O    O N N 17  
ARG CB   C N N 18  
ARG CG   C N N 19  
ARG CD   C N N 20  
ARG NE   N N N 21  
ARG CZ   C N N 22  
ARG NH1  N N N 23  
ARG NH2  N N N 24  
ARG OXT  O N N 25  
ARG H    H N N 26  
ARG H2   H N N 27  
ARG HA   H N N 28  
ARG HB2  H N N 29  
ARG HB3  H N N 30  
ARG HG2  H N N 31  
ARG HG3  H N N 32  
ARG HD2  H N N 33  
ARG HD3  H N N 34  
ARG HE   H N N 35  
ARG HH11 H N N 36  
ARG HH12 H N N 37  
ARG HH21 H N N 38  
ARG HH22 H N N 39  
ARG HXT  H N N 40  
ASN N    N N N 41  
ASN CA   C N S 42  
ASN C    C N N 43  
ASN O    O N N 44  
ASN CB   C N N 45  
ASN CG   C N N 46  
ASN OD1  O N N 47  
ASN ND2  N N N 48  
ASN OXT  O N N 49  
ASN H    H N N 50  
ASN H2   H N N 51  
ASN HA   H N N 52  
ASN HB2  H N N 53  
ASN HB3  H N N 54  
ASN HD21 H N N 55  
ASN HD22 H N N 56  
ASN HXT  H N N 57  
ASP N    N N N 58  
ASP CA   C N S 59  
ASP C    C N N 60  
ASP O    O N N 61  
ASP CB   C N N 62  
ASP CG   C N N 63  
ASP OD1  O N N 64  
ASP OD2  O N N 65  
ASP OXT  O N N 66  
ASP H    H N N 67  
ASP H2   H N N 68  
ASP HA   H N N 69  
ASP HB2  H N N 70  
ASP HB3  H N N 71  
ASP HD2  H N N 72  
ASP HXT  H N N 73  
BUL O1   O N N 74  
BUL C2   C N R 75  
BUL C3   C N R 76  
BUL C4   C N R 77  
BUL C5   C N S 78  
BUL C6   C N R 79  
BUL N7   N N N 80  
BUL C8   C N S 81  
BUL C9   C N N 82  
BUL C10  C N S 83  
BUL C11  C N R 84  
BUL C12  C N N 85  
BUL O13  O N N 86  
BUL O14  O N N 87  
BUL O15  O N N 88  
BUL N16  N N N 89  
BUL C17  C N N 90  
BUL O18  O N N 91  
BUL C19  C N N 92  
BUL O20  O N N 93  
BUL C21  C N N 94  
BUL O22  O N N 95  
BUL C23  C N N 96  
BUL O24  O N N 97  
BUL N25  N N N 98  
BUL C26  C N N 99  
BUL C27  C N N 100 
BUL S28  S N N 101 
BUL O29  O N N 102 
BUL O30  O N N 103 
BUL O31  O N N 104 
BUL S32  S N N 105 
BUL O33  O N N 106 
BUL O34  O N N 107 
BUL O35  O N N 108 
BUL H2   H N N 109 
BUL H3   H N N 110 
BUL H4   H N N 111 
BUL H5   H N N 112 
BUL H6   H N N 113 
BUL H7   H N N 114 
BUL H8   H N N 115 
BUL H91  H N N 116 
BUL H92  H N N 117 
BUL H10  H N N 118 
BUL H11  H N N 119 
BUL H121 H N N 120 
BUL H122 H N N 121 
BUL H13  H N N 122 
BUL H15  H N N 123 
BUL H16  H N N 124 
BUL H191 H N N 125 
BUL H192 H N N 126 
BUL H193 H N N 127 
BUL H211 H N N 128 
BUL H212 H N N 129 
BUL H22  H N N 130 
BUL H25  H N N 131 
BUL H261 H N N 132 
BUL H262 H N N 133 
BUL H271 H N N 134 
BUL H272 H N N 135 
BUL H31  H N N 136 
BUL H35  H N N 137 
CYS N    N N N 138 
CYS CA   C N R 139 
CYS C    C N N 140 
CYS O    O N N 141 
CYS CB   C N N 142 
CYS SG   S N N 143 
CYS OXT  O N N 144 
CYS H    H N N 145 
CYS H2   H N N 146 
CYS HA   H N N 147 
CYS HB2  H N N 148 
CYS HB3  H N N 149 
CYS HG   H N N 150 
CYS HXT  H N N 151 
GLN N    N N N 152 
GLN CA   C N S 153 
GLN C    C N N 154 
GLN O    O N N 155 
GLN CB   C N N 156 
GLN CG   C N N 157 
GLN CD   C N N 158 
GLN OE1  O N N 159 
GLN NE2  N N N 160 
GLN OXT  O N N 161 
GLN H    H N N 162 
GLN H2   H N N 163 
GLN HA   H N N 164 
GLN HB2  H N N 165 
GLN HB3  H N N 166 
GLN HG2  H N N 167 
GLN HG3  H N N 168 
GLN HE21 H N N 169 
GLN HE22 H N N 170 
GLN HXT  H N N 171 
GLU N    N N N 172 
GLU CA   C N S 173 
GLU C    C N N 174 
GLU O    O N N 175 
GLU CB   C N N 176 
GLU CG   C N N 177 
GLU CD   C N N 178 
GLU OE1  O N N 179 
GLU OE2  O N N 180 
GLU OXT  O N N 181 
GLU H    H N N 182 
GLU H2   H N N 183 
GLU HA   H N N 184 
GLU HB2  H N N 185 
GLU HB3  H N N 186 
GLU HG2  H N N 187 
GLU HG3  H N N 188 
GLU HE2  H N N 189 
GLU HXT  H N N 190 
GLY N    N N N 191 
GLY CA   C N N 192 
GLY C    C N N 193 
GLY O    O N N 194 
GLY OXT  O N N 195 
GLY H    H N N 196 
GLY H2   H N N 197 
GLY HA2  H N N 198 
GLY HA3  H N N 199 
GLY HXT  H N N 200 
HIS N    N N N 201 
HIS CA   C N S 202 
HIS C    C N N 203 
HIS O    O N N 204 
HIS CB   C N N 205 
HIS CG   C Y N 206 
HIS ND1  N Y N 207 
HIS CD2  C Y N 208 
HIS CE1  C Y N 209 
HIS NE2  N Y N 210 
HIS OXT  O N N 211 
HIS H    H N N 212 
HIS H2   H N N 213 
HIS HA   H N N 214 
HIS HB2  H N N 215 
HIS HB3  H N N 216 
HIS HD1  H N N 217 
HIS HD2  H N N 218 
HIS HE1  H N N 219 
HIS HE2  H N N 220 
HIS HXT  H N N 221 
HOH O    O N N 222 
HOH H1   H N N 223 
HOH H2   H N N 224 
ILE N    N N N 225 
ILE CA   C N S 226 
ILE C    C N N 227 
ILE O    O N N 228 
ILE CB   C N S 229 
ILE CG1  C N N 230 
ILE CG2  C N N 231 
ILE CD1  C N N 232 
ILE OXT  O N N 233 
ILE H    H N N 234 
ILE H2   H N N 235 
ILE HA   H N N 236 
ILE HB   H N N 237 
ILE HG12 H N N 238 
ILE HG13 H N N 239 
ILE HG21 H N N 240 
ILE HG22 H N N 241 
ILE HG23 H N N 242 
ILE HD11 H N N 243 
ILE HD12 H N N 244 
ILE HD13 H N N 245 
ILE HXT  H N N 246 
LEU N    N N N 247 
LEU CA   C N S 248 
LEU C    C N N 249 
LEU O    O N N 250 
LEU CB   C N N 251 
LEU CG   C N N 252 
LEU CD1  C N N 253 
LEU CD2  C N N 254 
LEU OXT  O N N 255 
LEU H    H N N 256 
LEU H2   H N N 257 
LEU HA   H N N 258 
LEU HB2  H N N 259 
LEU HB3  H N N 260 
LEU HG   H N N 261 
LEU HD11 H N N 262 
LEU HD12 H N N 263 
LEU HD13 H N N 264 
LEU HD21 H N N 265 
LEU HD22 H N N 266 
LEU HD23 H N N 267 
LEU HXT  H N N 268 
LYS N    N N N 269 
LYS CA   C N S 270 
LYS C    C N N 271 
LYS O    O N N 272 
LYS CB   C N N 273 
LYS CG   C N N 274 
LYS CD   C N N 275 
LYS CE   C N N 276 
LYS NZ   N N N 277 
LYS OXT  O N N 278 
LYS H    H N N 279 
LYS H2   H N N 280 
LYS HA   H N N 281 
LYS HB2  H N N 282 
LYS HB3  H N N 283 
LYS HG2  H N N 284 
LYS HG3  H N N 285 
LYS HD2  H N N 286 
LYS HD3  H N N 287 
LYS HE2  H N N 288 
LYS HE3  H N N 289 
LYS HZ1  H N N 290 
LYS HZ2  H N N 291 
LYS HZ3  H N N 292 
LYS HXT  H N N 293 
MET N    N N N 294 
MET CA   C N S 295 
MET C    C N N 296 
MET O    O N N 297 
MET CB   C N N 298 
MET CG   C N N 299 
MET SD   S N N 300 
MET CE   C N N 301 
MET OXT  O N N 302 
MET H    H N N 303 
MET H2   H N N 304 
MET HA   H N N 305 
MET HB2  H N N 306 
MET HB3  H N N 307 
MET HG2  H N N 308 
MET HG3  H N N 309 
MET HE1  H N N 310 
MET HE2  H N N 311 
MET HE3  H N N 312 
MET HXT  H N N 313 
PHE N    N N N 314 
PHE CA   C N S 315 
PHE C    C N N 316 
PHE O    O N N 317 
PHE CB   C N N 318 
PHE CG   C Y N 319 
PHE CD1  C Y N 320 
PHE CD2  C Y N 321 
PHE CE1  C Y N 322 
PHE CE2  C Y N 323 
PHE CZ   C Y N 324 
PHE OXT  O N N 325 
PHE H    H N N 326 
PHE H2   H N N 327 
PHE HA   H N N 328 
PHE HB2  H N N 329 
PHE HB3  H N N 330 
PHE HD1  H N N 331 
PHE HD2  H N N 332 
PHE HE1  H N N 333 
PHE HE2  H N N 334 
PHE HZ   H N N 335 
PHE HXT  H N N 336 
PRO N    N N N 337 
PRO CA   C N S 338 
PRO C    C N N 339 
PRO O    O N N 340 
PRO CB   C N N 341 
PRO CG   C N N 342 
PRO CD   C N N 343 
PRO OXT  O N N 344 
PRO H    H N N 345 
PRO HA   H N N 346 
PRO HB2  H N N 347 
PRO HB3  H N N 348 
PRO HG2  H N N 349 
PRO HG3  H N N 350 
PRO HD2  H N N 351 
PRO HD3  H N N 352 
PRO HXT  H N N 353 
SER N    N N N 354 
SER CA   C N S 355 
SER C    C N N 356 
SER O    O N N 357 
SER CB   C N N 358 
SER OG   O N N 359 
SER OXT  O N N 360 
SER H    H N N 361 
SER H2   H N N 362 
SER HA   H N N 363 
SER HB2  H N N 364 
SER HB3  H N N 365 
SER HG   H N N 366 
SER HXT  H N N 367 
THR N    N N N 368 
THR CA   C N S 369 
THR C    C N N 370 
THR O    O N N 371 
THR CB   C N R 372 
THR OG1  O N N 373 
THR CG2  C N N 374 
THR OXT  O N N 375 
THR H    H N N 376 
THR H2   H N N 377 
THR HA   H N N 378 
THR HB   H N N 379 
THR HG1  H N N 380 
THR HG21 H N N 381 
THR HG22 H N N 382 
THR HG23 H N N 383 
THR HXT  H N N 384 
TRP N    N N N 385 
TRP CA   C N S 386 
TRP C    C N N 387 
TRP O    O N N 388 
TRP CB   C N N 389 
TRP CG   C Y N 390 
TRP CD1  C Y N 391 
TRP CD2  C Y N 392 
TRP NE1  N Y N 393 
TRP CE2  C Y N 394 
TRP CE3  C Y N 395 
TRP CZ2  C Y N 396 
TRP CZ3  C Y N 397 
TRP CH2  C Y N 398 
TRP OXT  O N N 399 
TRP H    H N N 400 
TRP H2   H N N 401 
TRP HA   H N N 402 
TRP HB2  H N N 403 
TRP HB3  H N N 404 
TRP HD1  H N N 405 
TRP HE1  H N N 406 
TRP HE3  H N N 407 
TRP HZ2  H N N 408 
TRP HZ3  H N N 409 
TRP HH2  H N N 410 
TRP HXT  H N N 411 
TYR N    N N N 412 
TYR CA   C N S 413 
TYR C    C N N 414 
TYR O    O N N 415 
TYR CB   C N N 416 
TYR CG   C Y N 417 
TYR CD1  C Y N 418 
TYR CD2  C Y N 419 
TYR CE1  C Y N 420 
TYR CE2  C Y N 421 
TYR CZ   C Y N 422 
TYR OH   O N N 423 
TYR OXT  O N N 424 
TYR H    H N N 425 
TYR H2   H N N 426 
TYR HA   H N N 427 
TYR HB2  H N N 428 
TYR HB3  H N N 429 
TYR HD1  H N N 430 
TYR HD2  H N N 431 
TYR HE1  H N N 432 
TYR HE2  H N N 433 
TYR HH   H N N 434 
TYR HXT  H N N 435 
VAL N    N N N 436 
VAL CA   C N S 437 
VAL C    C N N 438 
VAL O    O N N 439 
VAL CB   C N N 440 
VAL CG1  C N N 441 
VAL CG2  C N N 442 
VAL OXT  O N N 443 
VAL H    H N N 444 
VAL H2   H N N 445 
VAL HA   H N N 446 
VAL HB   H N N 447 
VAL HG11 H N N 448 
VAL HG12 H N N 449 
VAL HG13 H N N 450 
VAL HG21 H N N 451 
VAL HG22 H N N 452 
VAL HG23 H N N 453 
VAL HXT  H N N 454 
# 
loop_
_chem_comp_bond.comp_id 
_chem_comp_bond.atom_id_1 
_chem_comp_bond.atom_id_2 
_chem_comp_bond.value_order 
_chem_comp_bond.pdbx_aromatic_flag 
_chem_comp_bond.pdbx_stereo_config 
_chem_comp_bond.pdbx_ordinal 
ALA N   CA   sing N N 1   
ALA N   H    sing N N 2   
ALA N   H2   sing N N 3   
ALA CA  C    sing N N 4   
ALA CA  CB   sing N N 5   
ALA CA  HA   sing N N 6   
ALA C   O    doub N N 7   
ALA C   OXT  sing N N 8   
ALA CB  HB1  sing N N 9   
ALA CB  HB2  sing N N 10  
ALA CB  HB3  sing N N 11  
ALA OXT HXT  sing N N 12  
ARG N   CA   sing N N 13  
ARG N   H    sing N N 14  
ARG N   H2   sing N N 15  
ARG CA  C    sing N N 16  
ARG CA  CB   sing N N 17  
ARG CA  HA   sing N N 18  
ARG C   O    doub N N 19  
ARG C   OXT  sing N N 20  
ARG CB  CG   sing N N 21  
ARG CB  HB2  sing N N 22  
ARG CB  HB3  sing N N 23  
ARG CG  CD   sing N N 24  
ARG CG  HG2  sing N N 25  
ARG CG  HG3  sing N N 26  
ARG CD  NE   sing N N 27  
ARG CD  HD2  sing N N 28  
ARG CD  HD3  sing N N 29  
ARG NE  CZ   sing N N 30  
ARG NE  HE   sing N N 31  
ARG CZ  NH1  sing N N 32  
ARG CZ  NH2  doub N N 33  
ARG NH1 HH11 sing N N 34  
ARG NH1 HH12 sing N N 35  
ARG NH2 HH21 sing N N 36  
ARG NH2 HH22 sing N N 37  
ARG OXT HXT  sing N N 38  
ASN N   CA   sing N N 39  
ASN N   H    sing N N 40  
ASN N   H2   sing N N 41  
ASN CA  C    sing N N 42  
ASN CA  CB   sing N N 43  
ASN CA  HA   sing N N 44  
ASN C   O    doub N N 45  
ASN C   OXT  sing N N 46  
ASN CB  CG   sing N N 47  
ASN CB  HB2  sing N N 48  
ASN CB  HB3  sing N N 49  
ASN CG  OD1  doub N N 50  
ASN CG  ND2  sing N N 51  
ASN ND2 HD21 sing N N 52  
ASN ND2 HD22 sing N N 53  
ASN OXT HXT  sing N N 54  
ASP N   CA   sing N N 55  
ASP N   H    sing N N 56  
ASP N   H2   sing N N 57  
ASP CA  C    sing N N 58  
ASP CA  CB   sing N N 59  
ASP CA  HA   sing N N 60  
ASP C   O    doub N N 61  
ASP C   OXT  sing N N 62  
ASP CB  CG   sing N N 63  
ASP CB  HB2  sing N N 64  
ASP CB  HB3  sing N N 65  
ASP CG  OD1  doub N N 66  
ASP CG  OD2  sing N N 67  
ASP OD2 HD2  sing N N 68  
ASP OXT HXT  sing N N 69  
BUL O1  C2   sing N N 70  
BUL O1  C6   sing N N 71  
BUL C2  C3   sing N N 72  
BUL C2  O20  sing N N 73  
BUL C2  H2   sing N N 74  
BUL C3  C4   sing N N 75  
BUL C3  N16  sing N N 76  
BUL C3  H3   sing N N 77  
BUL C4  C5   sing N N 78  
BUL C4  O15  sing N N 79  
BUL C4  H4   sing N N 80  
BUL C5  C6   sing N N 81  
BUL C5  O14  sing N N 82  
BUL C5  H5   sing N N 83  
BUL C6  C12  sing N N 84  
BUL C6  H6   sing N N 85  
BUL N7  C8   sing N N 86  
BUL N7  C11  sing N N 87  
BUL N7  H7   sing N N 88  
BUL C8  C9   sing N N 89  
BUL C8  C23  sing N N 90  
BUL C8  H8   sing N N 91  
BUL C9  C10  sing N N 92  
BUL C9  H91  sing N N 93  
BUL C9  H92  sing N N 94  
BUL C10 C11  sing N N 95  
BUL C10 O20  sing N N 96  
BUL C10 H10  sing N N 97  
BUL C11 C21  sing N N 98  
BUL C11 H11  sing N N 99  
BUL C12 O13  sing N N 100 
BUL C12 H121 sing N N 101 
BUL C12 H122 sing N N 102 
BUL O13 H13  sing N N 103 
BUL O14 S32  sing N N 104 
BUL O15 H15  sing N N 105 
BUL N16 C17  sing N N 106 
BUL N16 H16  sing N N 107 
BUL C17 O18  doub N N 108 
BUL C17 C19  sing N N 109 
BUL C19 H191 sing N N 110 
BUL C19 H192 sing N N 111 
BUL C19 H193 sing N N 112 
BUL C21 O22  sing N N 113 
BUL C21 H211 sing N N 114 
BUL C21 H212 sing N N 115 
BUL O22 H22  sing N N 116 
BUL C23 O24  doub N N 117 
BUL C23 N25  sing N N 118 
BUL N25 C26  sing N N 119 
BUL N25 H25  sing N N 120 
BUL C26 C27  sing N N 121 
BUL C26 H261 sing N N 122 
BUL C26 H262 sing N N 123 
BUL C27 S28  sing N N 124 
BUL C27 H271 sing N N 125 
BUL C27 H272 sing N N 126 
BUL S28 O29  doub N N 127 
BUL S28 O30  doub N N 128 
BUL S28 O31  sing N N 129 
BUL O31 H31  sing N N 130 
BUL S32 O33  doub N N 131 
BUL S32 O34  doub N N 132 
BUL S32 O35  sing N N 133 
BUL O35 H35  sing N N 134 
CYS N   CA   sing N N 135 
CYS N   H    sing N N 136 
CYS N   H2   sing N N 137 
CYS CA  C    sing N N 138 
CYS CA  CB   sing N N 139 
CYS CA  HA   sing N N 140 
CYS C   O    doub N N 141 
CYS C   OXT  sing N N 142 
CYS CB  SG   sing N N 143 
CYS CB  HB2  sing N N 144 
CYS CB  HB3  sing N N 145 
CYS SG  HG   sing N N 146 
CYS OXT HXT  sing N N 147 
GLN N   CA   sing N N 148 
GLN N   H    sing N N 149 
GLN N   H2   sing N N 150 
GLN CA  C    sing N N 151 
GLN CA  CB   sing N N 152 
GLN CA  HA   sing N N 153 
GLN C   O    doub N N 154 
GLN C   OXT  sing N N 155 
GLN CB  CG   sing N N 156 
GLN CB  HB2  sing N N 157 
GLN CB  HB3  sing N N 158 
GLN CG  CD   sing N N 159 
GLN CG  HG2  sing N N 160 
GLN CG  HG3  sing N N 161 
GLN CD  OE1  doub N N 162 
GLN CD  NE2  sing N N 163 
GLN NE2 HE21 sing N N 164 
GLN NE2 HE22 sing N N 165 
GLN OXT HXT  sing N N 166 
GLU N   CA   sing N N 167 
GLU N   H    sing N N 168 
GLU N   H2   sing N N 169 
GLU CA  C    sing N N 170 
GLU CA  CB   sing N N 171 
GLU CA  HA   sing N N 172 
GLU C   O    doub N N 173 
GLU C   OXT  sing N N 174 
GLU CB  CG   sing N N 175 
GLU CB  HB2  sing N N 176 
GLU CB  HB3  sing N N 177 
GLU CG  CD   sing N N 178 
GLU CG  HG2  sing N N 179 
GLU CG  HG3  sing N N 180 
GLU CD  OE1  doub N N 181 
GLU CD  OE2  sing N N 182 
GLU OE2 HE2  sing N N 183 
GLU OXT HXT  sing N N 184 
GLY N   CA   sing N N 185 
GLY N   H    sing N N 186 
GLY N   H2   sing N N 187 
GLY CA  C    sing N N 188 
GLY CA  HA2  sing N N 189 
GLY CA  HA3  sing N N 190 
GLY C   O    doub N N 191 
GLY C   OXT  sing N N 192 
GLY OXT HXT  sing N N 193 
HIS N   CA   sing N N 194 
HIS N   H    sing N N 195 
HIS N   H2   sing N N 196 
HIS CA  C    sing N N 197 
HIS CA  CB   sing N N 198 
HIS CA  HA   sing N N 199 
HIS C   O    doub N N 200 
HIS C   OXT  sing N N 201 
HIS CB  CG   sing N N 202 
HIS CB  HB2  sing N N 203 
HIS CB  HB3  sing N N 204 
HIS CG  ND1  sing Y N 205 
HIS CG  CD2  doub Y N 206 
HIS ND1 CE1  doub Y N 207 
HIS ND1 HD1  sing N N 208 
HIS CD2 NE2  sing Y N 209 
HIS CD2 HD2  sing N N 210 
HIS CE1 NE2  sing Y N 211 
HIS CE1 HE1  sing N N 212 
HIS NE2 HE2  sing N N 213 
HIS OXT HXT  sing N N 214 
HOH O   H1   sing N N 215 
HOH O   H2   sing N N 216 
ILE N   CA   sing N N 217 
ILE N   H    sing N N 218 
ILE N   H2   sing N N 219 
ILE CA  C    sing N N 220 
ILE CA  CB   sing N N 221 
ILE CA  HA   sing N N 222 
ILE C   O    doub N N 223 
ILE C   OXT  sing N N 224 
ILE CB  CG1  sing N N 225 
ILE CB  CG2  sing N N 226 
ILE CB  HB   sing N N 227 
ILE CG1 CD1  sing N N 228 
ILE CG1 HG12 sing N N 229 
ILE CG1 HG13 sing N N 230 
ILE CG2 HG21 sing N N 231 
ILE CG2 HG22 sing N N 232 
ILE CG2 HG23 sing N N 233 
ILE CD1 HD11 sing N N 234 
ILE CD1 HD12 sing N N 235 
ILE CD1 HD13 sing N N 236 
ILE OXT HXT  sing N N 237 
LEU N   CA   sing N N 238 
LEU N   H    sing N N 239 
LEU N   H2   sing N N 240 
LEU CA  C    sing N N 241 
LEU CA  CB   sing N N 242 
LEU CA  HA   sing N N 243 
LEU C   O    doub N N 244 
LEU C   OXT  sing N N 245 
LEU CB  CG   sing N N 246 
LEU CB  HB2  sing N N 247 
LEU CB  HB3  sing N N 248 
LEU CG  CD1  sing N N 249 
LEU CG  CD2  sing N N 250 
LEU CG  HG   sing N N 251 
LEU CD1 HD11 sing N N 252 
LEU CD1 HD12 sing N N 253 
LEU CD1 HD13 sing N N 254 
LEU CD2 HD21 sing N N 255 
LEU CD2 HD22 sing N N 256 
LEU CD2 HD23 sing N N 257 
LEU OXT HXT  sing N N 258 
LYS N   CA   sing N N 259 
LYS N   H    sing N N 260 
LYS N   H2   sing N N 261 
LYS CA  C    sing N N 262 
LYS CA  CB   sing N N 263 
LYS CA  HA   sing N N 264 
LYS C   O    doub N N 265 
LYS C   OXT  sing N N 266 
LYS CB  CG   sing N N 267 
LYS CB  HB2  sing N N 268 
LYS CB  HB3  sing N N 269 
LYS CG  CD   sing N N 270 
LYS CG  HG2  sing N N 271 
LYS CG  HG3  sing N N 272 
LYS CD  CE   sing N N 273 
LYS CD  HD2  sing N N 274 
LYS CD  HD3  sing N N 275 
LYS CE  NZ   sing N N 276 
LYS CE  HE2  sing N N 277 
LYS CE  HE3  sing N N 278 
LYS NZ  HZ1  sing N N 279 
LYS NZ  HZ2  sing N N 280 
LYS NZ  HZ3  sing N N 281 
LYS OXT HXT  sing N N 282 
MET N   CA   sing N N 283 
MET N   H    sing N N 284 
MET N   H2   sing N N 285 
MET CA  C    sing N N 286 
MET CA  CB   sing N N 287 
MET CA  HA   sing N N 288 
MET C   O    doub N N 289 
MET C   OXT  sing N N 290 
MET CB  CG   sing N N 291 
MET CB  HB2  sing N N 292 
MET CB  HB3  sing N N 293 
MET CG  SD   sing N N 294 
MET CG  HG2  sing N N 295 
MET CG  HG3  sing N N 296 
MET SD  CE   sing N N 297 
MET CE  HE1  sing N N 298 
MET CE  HE2  sing N N 299 
MET CE  HE3  sing N N 300 
MET OXT HXT  sing N N 301 
PHE N   CA   sing N N 302 
PHE N   H    sing N N 303 
PHE N   H2   sing N N 304 
PHE CA  C    sing N N 305 
PHE CA  CB   sing N N 306 
PHE CA  HA   sing N N 307 
PHE C   O    doub N N 308 
PHE C   OXT  sing N N 309 
PHE CB  CG   sing N N 310 
PHE CB  HB2  sing N N 311 
PHE CB  HB3  sing N N 312 
PHE CG  CD1  doub Y N 313 
PHE CG  CD2  sing Y N 314 
PHE CD1 CE1  sing Y N 315 
PHE CD1 HD1  sing N N 316 
PHE CD2 CE2  doub Y N 317 
PHE CD2 HD2  sing N N 318 
PHE CE1 CZ   doub Y N 319 
PHE CE1 HE1  sing N N 320 
PHE CE2 CZ   sing Y N 321 
PHE CE2 HE2  sing N N 322 
PHE CZ  HZ   sing N N 323 
PHE OXT HXT  sing N N 324 
PRO N   CA   sing N N 325 
PRO N   CD   sing N N 326 
PRO N   H    sing N N 327 
PRO CA  C    sing N N 328 
PRO CA  CB   sing N N 329 
PRO CA  HA   sing N N 330 
PRO C   O    doub N N 331 
PRO C   OXT  sing N N 332 
PRO CB  CG   sing N N 333 
PRO CB  HB2  sing N N 334 
PRO CB  HB3  sing N N 335 
PRO CG  CD   sing N N 336 
PRO CG  HG2  sing N N 337 
PRO CG  HG3  sing N N 338 
PRO CD  HD2  sing N N 339 
PRO CD  HD3  sing N N 340 
PRO OXT HXT  sing N N 341 
SER N   CA   sing N N 342 
SER N   H    sing N N 343 
SER N   H2   sing N N 344 
SER CA  C    sing N N 345 
SER CA  CB   sing N N 346 
SER CA  HA   sing N N 347 
SER C   O    doub N N 348 
SER C   OXT  sing N N 349 
SER CB  OG   sing N N 350 
SER CB  HB2  sing N N 351 
SER CB  HB3  sing N N 352 
SER OG  HG   sing N N 353 
SER OXT HXT  sing N N 354 
THR N   CA   sing N N 355 
THR N   H    sing N N 356 
THR N   H2   sing N N 357 
THR CA  C    sing N N 358 
THR CA  CB   sing N N 359 
THR CA  HA   sing N N 360 
THR C   O    doub N N 361 
THR C   OXT  sing N N 362 
THR CB  OG1  sing N N 363 
THR CB  CG2  sing N N 364 
THR CB  HB   sing N N 365 
THR OG1 HG1  sing N N 366 
THR CG2 HG21 sing N N 367 
THR CG2 HG22 sing N N 368 
THR CG2 HG23 sing N N 369 
THR OXT HXT  sing N N 370 
TRP N   CA   sing N N 371 
TRP N   H    sing N N 372 
TRP N   H2   sing N N 373 
TRP CA  C    sing N N 374 
TRP CA  CB   sing N N 375 
TRP CA  HA   sing N N 376 
TRP C   O    doub N N 377 
TRP C   OXT  sing N N 378 
TRP CB  CG   sing N N 379 
TRP CB  HB2  sing N N 380 
TRP CB  HB3  sing N N 381 
TRP CG  CD1  doub Y N 382 
TRP CG  CD2  sing Y N 383 
TRP CD1 NE1  sing Y N 384 
TRP CD1 HD1  sing N N 385 
TRP CD2 CE2  doub Y N 386 
TRP CD2 CE3  sing Y N 387 
TRP NE1 CE2  sing Y N 388 
TRP NE1 HE1  sing N N 389 
TRP CE2 CZ2  sing Y N 390 
TRP CE3 CZ3  doub Y N 391 
TRP CE3 HE3  sing N N 392 
TRP CZ2 CH2  doub Y N 393 
TRP CZ2 HZ2  sing N N 394 
TRP CZ3 CH2  sing Y N 395 
TRP CZ3 HZ3  sing N N 396 
TRP CH2 HH2  sing N N 397 
TRP OXT HXT  sing N N 398 
TYR N   CA   sing N N 399 
TYR N   H    sing N N 400 
TYR N   H2   sing N N 401 
TYR CA  C    sing N N 402 
TYR CA  CB   sing N N 403 
TYR CA  HA   sing N N 404 
TYR C   O    doub N N 405 
TYR C   OXT  sing N N 406 
TYR CB  CG   sing N N 407 
TYR CB  HB2  sing N N 408 
TYR CB  HB3  sing N N 409 
TYR CG  CD1  doub Y N 410 
TYR CG  CD2  sing Y N 411 
TYR CD1 CE1  sing Y N 412 
TYR CD1 HD1  sing N N 413 
TYR CD2 CE2  doub Y N 414 
TYR CD2 HD2  sing N N 415 
TYR CE1 CZ   doub Y N 416 
TYR CE1 HE1  sing N N 417 
TYR CE2 CZ   sing Y N 418 
TYR CE2 HE2  sing N N 419 
TYR CZ  OH   sing N N 420 
TYR OH  HH   sing N N 421 
TYR OXT HXT  sing N N 422 
VAL N   CA   sing N N 423 
VAL N   H    sing N N 424 
VAL N   H2   sing N N 425 
VAL CA  C    sing N N 426 
VAL CA  CB   sing N N 427 
VAL CA  HA   sing N N 428 
VAL C   O    doub N N 429 
VAL C   OXT  sing N N 430 
VAL CB  CG1  sing N N 431 
VAL CB  CG2  sing N N 432 
VAL CB  HB   sing N N 433 
VAL CG1 HG11 sing N N 434 
VAL CG1 HG12 sing N N 435 
VAL CG1 HG13 sing N N 436 
VAL CG2 HG21 sing N N 437 
VAL CG2 HG22 sing N N 438 
VAL CG2 HG23 sing N N 439 
VAL OXT HXT  sing N N 440 
# 
_atom_sites.entry_id                    1LMC 
_atom_sites.fract_transf_matrix[1][1]   -0.01381775 
_atom_sites.fract_transf_matrix[1][2]   -0.00595433 
_atom_sites.fract_transf_matrix[1][3]   0.00101529 
_atom_sites.fract_transf_vector[1]      0.565525 
_atom_sites.fract_transf_matrix[2][1]   -0.01136286 
_atom_sites.fract_transf_matrix[2][2]   0.00821853 
_atom_sites.fract_transf_matrix[2][3]   0.00554505 
_atom_sites.fract_transf_vector[2]      0.762891 
_atom_sites.fract_transf_matrix[3][1]   -0.00386049 
_atom_sites.fract_transf_matrix[3][2]   0.00607462 
_atom_sites.fract_transf_matrix[3][3]   -0.01691430 
_atom_sites.fract_transf_vector[3]      0.376627 
# 
loop_
_atom_type.symbol 
C 
N 
O 
S 
# 
loop_
_atom_site.group_PDB 
_atom_site.id 
_atom_site.type_symbol 
_atom_site.label_atom_id 
_atom_site.label_alt_id 
_atom_site.label_comp_id 
_atom_site.label_asym_id 
_atom_site.label_entity_id 
_atom_site.label_seq_id 
_atom_site.pdbx_PDB_ins_code 
_atom_site.Cartn_x 
_atom_site.Cartn_y 
_atom_site.Cartn_z 
_atom_site.occupancy 
_atom_site.B_iso_or_equiv 
_atom_site.pdbx_formal_charge 
_atom_site.auth_seq_id 
_atom_site.auth_comp_id 
_atom_site.auth_asym_id 
_atom_site.auth_atom_id 
_atom_site.pdbx_PDB_model_num 
ATOM   1    N N   . LYS A 1 1   ? 2.553   -13.456 -2.056  1.00 22.70  ? 1   LYS A N   1 
ATOM   2    C CA  . LYS A 1 1   ? 3.084   -13.898 -0.745  1.00 18.25  ? 1   LYS A CA  1 
ATOM   3    C C   . LYS A 1 1   ? 2.370   -13.331 0.439   1.00 16.92  ? 1   LYS A C   1 
ATOM   4    O O   . LYS A 1 1   ? 1.972   -12.161 0.304   1.00 18.94  ? 1   LYS A O   1 
ATOM   5    C CB  . LYS A 1 1   ? 4.541   -13.454 -0.641  1.00 19.57  ? 1   LYS A CB  1 
ATOM   6    C CG  . LYS A 1 1   ? 5.241   -13.470 0.719   1.00 24.29  ? 1   LYS A CG  1 
ATOM   7    C CD  . LYS A 1 1   ? 6.688   -13.082 0.490   1.00 24.15  ? 1   LYS A CD  1 
ATOM   8    C CE  . LYS A 1 1   ? 7.580   -13.083 1.693   1.00 21.27  ? 1   LYS A CE  1 
ATOM   9    N NZ  . LYS A 1 1   ? 7.610   -14.374 2.377   1.00 30.70  ? 1   LYS A NZ  1 
ATOM   10   N N   . VAL A 1 2   ? 2.161   -14.026 1.531   1.00 17.73  ? 2   VAL A N   1 
ATOM   11   C CA  . VAL A 1 2   ? 1.463   -13.409 2.695   1.00 22.76  ? 2   VAL A CA  1 
ATOM   12   C C   . VAL A 1 2   ? 2.599   -13.061 3.666   1.00 29.77  ? 2   VAL A C   1 
ATOM   13   O O   . VAL A 1 2   ? 3.182   -14.015 4.190   1.00 22.62  ? 2   VAL A O   1 
ATOM   14   C CB  . VAL A 1 2   ? 0.355   -14.229 3.367   1.00 16.60  ? 2   VAL A CB  1 
ATOM   15   C CG1 . VAL A 1 2   ? -0.255  -13.478 4.536   1.00 15.54  ? 2   VAL A CG1 1 
ATOM   16   C CG2 . VAL A 1 2   ? -0.627  -14.719 2.281   1.00 17.55  ? 2   VAL A CG2 1 
ATOM   17   N N   . TYR A 1 3   ? 2.912   -11.802 3.842   1.00 21.30  ? 3   TYR A N   1 
ATOM   18   C CA  . TYR A 1 3   ? 3.994   -11.426 4.746   1.00 16.25  ? 3   TYR A CA  1 
ATOM   19   C C   . TYR A 1 3   ? 3.582   -11.529 6.190   1.00 16.78  ? 3   TYR A C   1 
ATOM   20   O O   . TYR A 1 3   ? 2.438   -11.351 6.603   1.00 20.81  ? 3   TYR A O   1 
ATOM   21   C CB  . TYR A 1 3   ? 4.470   -9.974  4.491   1.00 15.49  ? 3   TYR A CB  1 
ATOM   22   C CG  . TYR A 1 3   ? 5.382   -9.851  3.316   1.00 19.36  ? 3   TYR A CG  1 
ATOM   23   C CD1 . TYR A 1 3   ? 4.970   -9.989  1.990   1.00 16.32  ? 3   TYR A CD1 1 
ATOM   24   C CD2 . TYR A 1 3   ? 6.743   -9.611  3.560   1.00 19.68  ? 3   TYR A CD2 1 
ATOM   25   C CE1 . TYR A 1 3   ? 5.929   -9.865  0.952   1.00 22.28  ? 3   TYR A CE1 1 
ATOM   26   C CE2 . TYR A 1 3   ? 7.716   -9.490  2.550   1.00 16.28  ? 3   TYR A CE2 1 
ATOM   27   C CZ  . TYR A 1 3   ? 7.279   -9.618  1.223   1.00 24.47  ? 3   TYR A CZ  1 
ATOM   28   O OH  . TYR A 1 3   ? 8.137   -9.483  0.154   1.00 23.38  ? 3   TYR A OH  1 
ATOM   29   N N   . ASP A 1 4   ? 4.524   -11.803 7.012   1.00 19.30  ? 4   ASP A N   1 
ATOM   30   C CA  . ASP A 1 4   ? 4.554   -11.859 8.457   1.00 21.78  ? 4   ASP A CA  1 
ATOM   31   C C   . ASP A 1 4   ? 4.602   -10.383 8.814   1.00 18.17  ? 4   ASP A C   1 
ATOM   32   O O   . ASP A 1 4   ? 5.364   -9.659  8.078   1.00 19.76  ? 4   ASP A O   1 
ATOM   33   C CB  . ASP A 1 4   ? 5.772   -12.711 8.888   1.00 18.38  ? 4   ASP A CB  1 
ATOM   34   C CG  . ASP A 1 4   ? 6.135   -12.327 10.315  1.00 37.73  ? 4   ASP A CG  1 
ATOM   35   O OD1 . ASP A 1 4   ? 5.266   -12.714 11.142  1.00 47.75  ? 4   ASP A OD1 1 
ATOM   36   O OD2 . ASP A 1 4   ? 7.143   -11.666 10.619  1.00 42.65  ? 4   ASP A OD2 1 
ATOM   37   N N   . ARG A 1 5   ? 3.981   -9.877  9.839   1.00 14.67  ? 5   ARG A N   1 
ATOM   38   C CA  . ARG A 1 5   ? 4.059   -8.464  10.199  1.00 18.61  ? 5   ARG A CA  1 
ATOM   39   C C   . ARG A 1 5   ? 5.465   -7.929  10.395  1.00 30.42  ? 5   ARG A C   1 
ATOM   40   O O   . ARG A 1 5   ? 5.687   -6.806  9.918   1.00 22.56  ? 5   ARG A O   1 
ATOM   41   C CB  . ARG A 1 5   ? 3.286   -8.225  11.500  1.00 15.46  ? 5   ARG A CB  1 
ATOM   42   C CG  . ARG A 1 5   ? 3.355   -6.826  12.060  1.00 22.76  ? 5   ARG A CG  1 
ATOM   43   C CD  . ARG A 1 5   ? 2.589   -6.715  13.336  1.00 29.27  ? 5   ARG A CD  1 
ATOM   44   N NE  . ARG A 1 5   ? 3.053   -7.617  14.384  1.00 24.66  ? 5   ARG A NE  1 
ATOM   45   C CZ  . ARG A 1 5   ? 3.992   -7.374  15.288  1.00 17.08  ? 5   ARG A CZ  1 
ATOM   46   N NH1 . ARG A 1 5   ? 4.600   -6.202  15.223  1.00 24.33  ? 5   ARG A NH1 1 
ATOM   47   N NH2 . ARG A 1 5   ? 4.316   -8.294  16.194  1.00 23.55  ? 5   ARG A NH2 1 
ATOM   48   N N   . CYS A 1 6   ? 6.378   -8.597  11.076  1.00 26.75  ? 6   CYS A N   1 
ATOM   49   C CA  . CYS A 1 6   ? 7.739   -8.061  11.292  1.00 16.37  ? 6   CYS A CA  1 
ATOM   50   C C   . CYS A 1 6   ? 8.550   -8.202  10.027  1.00 18.31  ? 6   CYS A C   1 
ATOM   51   O O   . CYS A 1 6   ? 9.459   -7.405  9.804   1.00 18.84  ? 6   CYS A O   1 
ATOM   52   C CB  . CYS A 1 6   ? 8.438   -8.740  12.478  1.00 20.21  ? 6   CYS A CB  1 
ATOM   53   S SG  . CYS A 1 6   ? 7.734   -8.111  14.010  1.00 21.45  ? 6   CYS A SG  1 
ATOM   54   N N   . GLU A 1 7   ? 8.227   -9.212  9.267   1.00 19.71  ? 7   GLU A N   1 
ATOM   55   C CA  . GLU A 1 7   ? 8.914   -9.455  8.006   1.00 16.66  ? 7   GLU A CA  1 
ATOM   56   C C   . GLU A 1 7   ? 8.688   -8.290  7.051   1.00 17.27  ? 7   GLU A C   1 
ATOM   57   O O   . GLU A 1 7   ? 9.581   -7.783  6.319   1.00 15.67  ? 7   GLU A O   1 
ATOM   58   C CB  . GLU A 1 7   ? 8.430   -10.782 7.452   1.00 12.30  ? 7   GLU A CB  1 
ATOM   59   C CG  . GLU A 1 7   ? 8.983   -11.083 6.091   1.00 16.24  ? 7   GLU A CG  1 
ATOM   60   C CD  . GLU A 1 7   ? 8.315   -12.268 5.457   1.00 33.35  ? 7   GLU A CD  1 
ATOM   61   O OE1 . GLU A 1 7   ? 7.233   -12.680 5.792   1.00 31.37  ? 7   GLU A OE1 1 
ATOM   62   O OE2 . GLU A 1 7   ? 9.066   -12.716 4.577   1.00 25.59  ? 7   GLU A OE2 1 
ATOM   63   N N   . LEU A 1 8   ? 7.449   -7.837  7.076   1.00 13.80  ? 8   LEU A N   1 
ATOM   64   C CA  . LEU A 1 8   ? 7.011   -6.687  6.268   1.00 11.40  ? 8   LEU A CA  1 
ATOM   65   C C   . LEU A 1 8   ? 7.638   -5.424  6.861   1.00 17.57  ? 8   LEU A C   1 
ATOM   66   O O   . LEU A 1 8   ? 8.124   -4.610  6.082   1.00 18.63  ? 8   LEU A O   1 
ATOM   67   C CB  . LEU A 1 8   ? 5.496   -6.587  6.194   1.00 16.09  ? 8   LEU A CB  1 
ATOM   68   C CG  . LEU A 1 8   ? 4.998   -5.355  5.416   1.00 19.62  ? 8   LEU A CG  1 
ATOM   69   C CD1 . LEU A 1 8   ? 5.383   -5.485  3.957   1.00 17.02  ? 8   LEU A CD1 1 
ATOM   70   C CD2 . LEU A 1 8   ? 3.492   -5.296  5.734   1.00 19.80  ? 8   LEU A CD2 1 
ATOM   71   N N   . ALA A 1 9   ? 7.622   -5.298  8.178   1.00 17.26  ? 9   ALA A N   1 
ATOM   72   C CA  . ALA A 1 9   ? 8.205   -4.104  8.827   1.00 11.23  ? 9   ALA A CA  1 
ATOM   73   C C   . ALA A 1 9   ? 9.658   -3.950  8.407   1.00 22.53  ? 9   ALA A C   1 
ATOM   74   O O   . ALA A 1 9   ? 10.081  -2.795  8.104   1.00 23.42  ? 9   ALA A O   1 
ATOM   75   C CB  . ALA A 1 9   ? 7.998   -4.193  10.335  1.00 17.95  ? 9   ALA A CB  1 
ATOM   76   N N   . ARG A 1 10  ? 10.412  -5.039  8.356   1.00 17.30  ? 10  ARG A N   1 
ATOM   77   C CA  . ARG A 1 10  ? 11.817  -4.988  7.947   1.00 11.03  ? 10  ARG A CA  1 
ATOM   78   C C   . ARG A 1 10  ? 11.997  -4.653  6.476   1.00 12.54  ? 10  ARG A C   1 
ATOM   79   O O   . ARG A 1 10  ? 12.919  -3.872  6.201   1.00 16.63  ? 10  ARG A O   1 
ATOM   80   C CB  . ARG A 1 10  ? 12.507  -6.318  8.334   1.00 8.19   ? 10  ARG A CB  1 
ATOM   81   C CG  . ARG A 1 10  ? 12.385  -6.399  9.868   1.00 24.92  ? 10  ARG A CG  1 
ATOM   82   C CD  . ARG A 1 10  ? 13.397  -7.338  10.419  1.00 55.10  ? 10  ARG A CD  1 
ATOM   83   N NE  . ARG A 1 10  ? 13.395  -8.552  9.584   1.00 39.86  ? 10  ARG A NE  1 
ATOM   84   C CZ  . ARG A 1 10  ? 12.543  -9.547  9.942   1.00 60.02  ? 10  ARG A CZ  1 
ATOM   85   N NH1 . ARG A 1 10  ? 12.045  -9.665  11.190  1.00 34.74  ? 10  ARG A NH1 1 
ATOM   86   N NH2 . ARG A 1 10  ? 12.189  -10.453 9.011   1.00 38.34  ? 10  ARG A NH2 1 
ATOM   87   N N   . ALA A 1 11  ? 11.205  -5.170  5.558   1.00 22.06  ? 11  ALA A N   1 
ATOM   88   C CA  . ALA A 1 11  ? 11.295  -4.882  4.125   1.00 16.64  ? 11  ALA A CA  1 
ATOM   89   C C   . ALA A 1 11  ? 10.985  -3.396  3.873   1.00 21.54  ? 11  ALA A C   1 
ATOM   90   O O   . ALA A 1 11  ? 11.634  -2.694  3.069   1.00 18.22  ? 11  ALA A O   1 
ATOM   91   C CB  . ALA A 1 11  ? 10.384  -5.860  3.362   1.00 13.79  ? 11  ALA A CB  1 
ATOM   92   N N   . LEU A 1 12  ? 10.016  -2.832  4.566   1.00 17.07  ? 12  LEU A N   1 
ATOM   93   C CA  . LEU A 1 12  ? 9.591   -1.420  4.426   1.00 18.13  ? 12  LEU A CA  1 
ATOM   94   C C   . LEU A 1 12  ? 10.686  -0.497  4.960   1.00 16.38  ? 12  LEU A C   1 
ATOM   95   O O   . LEU A 1 12  ? 10.982  0.480   4.290   1.00 18.32  ? 12  LEU A O   1 
ATOM   96   C CB  . LEU A 1 12  ? 8.230   -1.192  5.094   1.00 17.34  ? 12  LEU A CB  1 
ATOM   97   C CG  . LEU A 1 12  ? 6.978   -1.873  4.523   1.00 20.52  ? 12  LEU A CG  1 
ATOM   98   C CD1 . LEU A 1 12  ? 5.743   -1.384  5.258   1.00 19.91  ? 12  LEU A CD1 1 
ATOM   99   C CD2 . LEU A 1 12  ? 6.898   -1.582  3.034   1.00 16.50  ? 12  LEU A CD2 1 
ATOM   100  N N   . LYS A 1 13  ? 11.198  -0.856  6.129   1.00 14.36  ? 13  LYS A N   1 
ATOM   101  C CA  . LYS A 1 13  ? 12.309  -0.064  6.716   1.00 19.04  ? 13  LYS A CA  1 
ATOM   102  C C   . LYS A 1 13  ? 13.507  -0.158  5.769   1.00 19.85  ? 13  LYS A C   1 
ATOM   103  O O   . LYS A 1 13  ? 14.112  0.915   5.510   1.00 20.84  ? 13  LYS A O   1 
ATOM   104  C CB  . LYS A 1 13  ? 12.652  -0.486  8.111   1.00 17.98  ? 13  LYS A CB  1 
ATOM   105  C CG  . LYS A 1 13  ? 13.749  0.086   8.940   1.00 15.14  ? 13  LYS A CG  1 
ATOM   106  C CD  . LYS A 1 13  ? 14.317  1.554   8.959   1.00 54.61  ? 13  LYS A CD  1 
ATOM   107  C CE  . LYS A 1 13  ? 14.450  2.250   10.333  1.00 39.43  ? 13  LYS A CE  1 
ATOM   108  N NZ  . LYS A 1 13  ? 14.998  1.263   11.327  1.00 78.41  ? 13  LYS A NZ  1 
ATOM   109  N N   . ALA A 1 14  ? 13.888  -1.274  5.198   1.00 21.74  ? 14  ALA A N   1 
ATOM   110  C CA  . ALA A 1 14  ? 14.990  -1.435  4.259   1.00 17.00  ? 14  ALA A CA  1 
ATOM   111  C C   . ALA A 1 14  ? 14.800  -0.603  3.004   1.00 21.48  ? 14  ALA A C   1 
ATOM   112  O O   . ALA A 1 14  ? 15.807  -0.178  2.417   1.00 26.40  ? 14  ALA A O   1 
ATOM   113  C CB  . ALA A 1 14  ? 15.178  -2.904  3.817   1.00 12.91  ? 14  ALA A CB  1 
ATOM   114  N N   . SER A 1 15  ? 13.580  -0.373  2.548   1.00 25.08  ? 15  SER A N   1 
ATOM   115  C CA  . SER A 1 15  ? 13.200  0.350   1.324   1.00 21.27  ? 15  SER A CA  1 
ATOM   116  C C   . SER A 1 15  ? 12.904  1.843   1.450   1.00 17.09  ? 15  SER A C   1 
ATOM   117  O O   . SER A 1 15  ? 12.402  2.429   0.477   1.00 27.36  ? 15  SER A O   1 
ATOM   118  C CB  . SER A 1 15  ? 11.936  -0.273  0.721   1.00 27.14  ? 15  SER A CB  1 
ATOM   119  O OG  . SER A 1 15  ? 12.170  -1.655  0.553   1.00 42.15  ? 15  SER A OG  1 
ATOM   120  N N   . GLY A 1 16  ? 13.186  2.399   2.588   1.00 17.11  ? 16  GLY A N   1 
ATOM   121  C CA  . GLY A 1 16  ? 13.065  3.775   2.970   1.00 21.88  ? 16  GLY A CA  1 
ATOM   122  C C   . GLY A 1 16  ? 11.664  4.278   3.268   1.00 20.03  ? 16  GLY A C   1 
ATOM   123  O O   . GLY A 1 16  ? 11.444  5.506   3.134   1.00 23.80  ? 16  GLY A O   1 
ATOM   124  N N   . MET A 1 17  ? 10.777  3.384   3.636   1.00 20.58  ? 17  MET A N   1 
ATOM   125  C CA  . MET A 1 17  ? 9.379   3.814   3.932   1.00 14.25  ? 17  MET A CA  1 
ATOM   126  C C   . MET A 1 17  ? 9.317   4.479   5.300   1.00 20.30  ? 17  MET A C   1 
ATOM   127  O O   . MET A 1 17  ? 8.352   5.246   5.490   1.00 24.38  ? 17  MET A O   1 
ATOM   128  C CB  . MET A 1 17  ? 8.388   2.672   3.831   1.00 13.38  ? 17  MET A CB  1 
ATOM   129  C CG  . MET A 1 17  ? 8.474   2.106   2.421   1.00 15.36  ? 17  MET A CG  1 
ATOM   130  S SD  . MET A 1 17  ? 7.638   3.320   1.390   1.00 29.17  ? 17  MET A SD  1 
ATOM   131  C CE  . MET A 1 17  ? 5.928   2.814   1.470   1.00 23.86  ? 17  MET A CE  1 
ATOM   132  N N   . ASP A 1 18  ? 10.278  4.244   6.195   1.00 24.15  ? 18  ASP A N   1 
ATOM   133  C CA  . ASP A 1 18  ? 10.169  4.901   7.530   1.00 17.11  ? 18  ASP A CA  1 
ATOM   134  C C   . ASP A 1 18  ? 10.414  6.416   7.413   1.00 25.20  ? 18  ASP A C   1 
ATOM   135  O O   . ASP A 1 18  ? 11.544  6.854   7.235   1.00 30.70  ? 18  ASP A O   1 
ATOM   136  C CB  . ASP A 1 18  ? 11.061  4.217   8.565   1.00 21.13  ? 18  ASP A CB  1 
ATOM   137  C CG  . ASP A 1 18  ? 10.701  4.687   9.977   1.00 26.94  ? 18  ASP A CG  1 
ATOM   138  O OD1 . ASP A 1 18  ? 9.688   5.330   10.274  1.00 26.14  ? 18  ASP A OD1 1 
ATOM   139  O OD2 . ASP A 1 18  ? 11.518  4.403   10.870  1.00 33.87  ? 18  ASP A OD2 1 
ATOM   140  N N   . GLY A 1 19  ? 9.366   7.208   7.528   1.00 23.19  ? 19  GLY A N   1 
ATOM   141  C CA  . GLY A 1 19  ? 9.423   8.660   7.429   1.00 19.10  ? 19  GLY A CA  1 
ATOM   142  C C   . GLY A 1 19  ? 9.152   9.158   6.018   1.00 22.06  ? 19  GLY A C   1 
ATOM   143  O O   . GLY A 1 19  ? 9.317   10.379  5.812   1.00 24.87  ? 19  GLY A O   1 
ATOM   144  N N   . TYR A 1 20  ? 8.781   8.277   5.096   1.00 21.35  ? 20  TYR A N   1 
ATOM   145  C CA  . TYR A 1 20  ? 8.588   8.731   3.705   1.00 18.42  ? 20  TYR A CA  1 
ATOM   146  C C   . TYR A 1 20  ? 7.426   9.725   3.648   1.00 19.16  ? 20  TYR A C   1 
ATOM   147  O O   . TYR A 1 20  ? 6.318   9.398   4.050   1.00 23.01  ? 20  TYR A O   1 
ATOM   148  C CB  . TYR A 1 20  ? 8.420   7.530   2.748   1.00 16.80  ? 20  TYR A CB  1 
ATOM   149  C CG  . TYR A 1 20  ? 8.599   8.098   1.347   1.00 15.61  ? 20  TYR A CG  1 
ATOM   150  C CD1 . TYR A 1 20  ? 9.868   8.185   0.808   1.00 21.62  ? 20  TYR A CD1 1 
ATOM   151  C CD2 . TYR A 1 20  ? 7.519   8.581   0.607   1.00 17.20  ? 20  TYR A CD2 1 
ATOM   152  C CE1 . TYR A 1 20  ? 10.062  8.734   -0.449  1.00 17.62  ? 20  TYR A CE1 1 
ATOM   153  C CE2 . TYR A 1 20  ? 7.718   9.129   -0.660  1.00 17.10  ? 20  TYR A CE2 1 
ATOM   154  C CZ  . TYR A 1 20  ? 8.985   9.203   -1.196  1.00 24.81  ? 20  TYR A CZ  1 
ATOM   155  O OH  . TYR A 1 20  ? 9.222   9.729   -2.443  1.00 26.32  ? 20  TYR A OH  1 
ATOM   156  N N   . ALA A 1 21  ? 7.706   10.919  3.187   1.00 26.14  ? 21  ALA A N   1 
ATOM   157  C CA  . ALA A 1 21  ? 6.851   12.085  3.069   1.00 19.69  ? 21  ALA A CA  1 
ATOM   158  C C   . ALA A 1 21  ? 6.218   12.359  4.449   1.00 19.89  ? 21  ALA A C   1 
ATOM   159  O O   . ALA A 1 21  ? 5.040   12.714  4.590   1.00 23.69  ? 21  ALA A O   1 
ATOM   160  C CB  . ALA A 1 21  ? 5.830   11.881  1.967   1.00 15.83  ? 21  ALA A CB  1 
ATOM   161  N N   . GLY A 1 22  ? 7.009   12.156  5.499   1.00 19.03  ? 22  GLY A N   1 
ATOM   162  C CA  . GLY A 1 22  ? 6.579   12.316  6.888   1.00 15.57  ? 22  GLY A CA  1 
ATOM   163  C C   . GLY A 1 22  ? 5.690   11.211  7.442   1.00 38.57  ? 22  GLY A C   1 
ATOM   164  O O   . GLY A 1 22  ? 5.001   11.475  8.455   1.00 30.13  ? 22  GLY A O   1 
ATOM   165  N N   . ASN A 1 23  ? 5.647   10.015  6.880   1.00 22.96  ? 23  ASN A N   1 
ATOM   166  C CA  . ASN A 1 23  ? 4.818   8.889   7.356   1.00 19.07  ? 23  ASN A CA  1 
ATOM   167  C C   . ASN A 1 23  ? 5.692   7.839   8.038   1.00 23.83  ? 23  ASN A C   1 
ATOM   168  O O   . ASN A 1 23  ? 6.439   7.165   7.279   1.00 23.27  ? 23  ASN A O   1 
ATOM   169  C CB  . ASN A 1 23  ? 3.994   8.306   6.194   1.00 21.88  ? 23  ASN A CB  1 
ATOM   170  C CG  . ASN A 1 23  ? 3.101   9.390   5.620   1.00 27.37  ? 23  ASN A CG  1 
ATOM   171  O OD1 . ASN A 1 23  ? 3.271   9.885   4.499   1.00 31.08  ? 23  ASN A OD1 1 
ATOM   172  N ND2 . ASN A 1 23  ? 2.157   9.781   6.457   1.00 22.84  ? 23  ASN A ND2 1 
ATOM   173  N N   . SER A 1 24  ? 5.619   7.747   9.348   1.00 17.93  ? 24  SER A N   1 
ATOM   174  C CA  . SER A 1 24  ? 6.455   6.772   10.075  1.00 22.78  ? 24  SER A CA  1 
ATOM   175  C C   . SER A 1 24  ? 6.024   5.351   9.719   1.00 16.43  ? 24  SER A C   1 
ATOM   176  O O   . SER A 1 24  ? 4.915   5.126   9.325   1.00 18.60  ? 24  SER A O   1 
ATOM   177  C CB  . SER A 1 24  ? 6.433   7.010   11.567  1.00 21.84  ? 24  SER A CB  1 
ATOM   178  O OG  . SER A 1 24  ? 5.169   6.709   12.118  1.00 27.35  ? 24  SER A OG  1 
ATOM   179  N N   . LEU A 1 25  ? 6.962   4.434   9.884   1.00 18.24  ? 25  LEU A N   1 
ATOM   180  C CA  . LEU A 1 25  ? 6.808   3.010   9.585   1.00 14.46  ? 25  LEU A CA  1 
ATOM   181  C C   . LEU A 1 25  ? 5.501   2.381   10.060  1.00 19.02  ? 25  LEU A C   1 
ATOM   182  O O   . LEU A 1 25  ? 4.822   1.734   9.229   1.00 20.57  ? 25  LEU A O   1 
ATOM   183  C CB  . LEU A 1 25  ? 8.043   2.248   10.148  1.00 15.88  ? 25  LEU A CB  1 
ATOM   184  C CG  . LEU A 1 25  ? 8.123   0.782   9.687   1.00 17.35  ? 25  LEU A CG  1 
ATOM   185  C CD1 . LEU A 1 25  ? 8.395   0.729   8.183   1.00 17.91  ? 25  LEU A CD1 1 
ATOM   186  C CD2 . LEU A 1 25  ? 9.191   0.056   10.483  1.00 19.26  ? 25  LEU A CD2 1 
ATOM   187  N N   . PRO A 1 26  ? 5.146   2.506   11.325  1.00 23.31  ? 26  PRO A N   1 
ATOM   188  C CA  . PRO A 1 26  ? 3.898   1.945   11.853  1.00 20.81  ? 26  PRO A CA  1 
ATOM   189  C C   . PRO A 1 26  ? 2.629   2.305   11.069  1.00 19.43  ? 26  PRO A C   1 
ATOM   190  O O   . PRO A 1 26  ? 1.682   1.509   11.069  1.00 19.62  ? 26  PRO A O   1 
ATOM   191  C CB  . PRO A 1 26  ? 3.820   2.405   13.312  1.00 22.69  ? 26  PRO A CB  1 
ATOM   192  C CG  . PRO A 1 26  ? 5.216   2.818   13.641  1.00 20.31  ? 26  PRO A CG  1 
ATOM   193  C CD  . PRO A 1 26  ? 5.900   3.257   12.361  1.00 18.09  ? 26  PRO A CD  1 
ATOM   194  N N   . ASN A 1 27  ? 2.550   3.428   10.405  1.00 19.80  ? 27  ASN A N   1 
ATOM   195  C CA  . ASN A 1 27  ? 1.474   3.909   9.550   1.00 16.90  ? 27  ASN A CA  1 
ATOM   196  C C   . ASN A 1 27  ? 1.349   2.954   8.368   1.00 9.46   ? 27  ASN A C   1 
ATOM   197  O O   . ASN A 1 27  ? 0.234   2.524   8.048   1.00 15.97  ? 27  ASN A O   1 
ATOM   198  C CB  . ASN A 1 27  ? 1.740   5.336   9.062   1.00 18.08  ? 27  ASN A CB  1 
ATOM   199  C CG  . ASN A 1 27  ? 1.381   6.312   10.166  1.00 18.44  ? 27  ASN A CG  1 
ATOM   200  O OD1 . ASN A 1 27  ? 0.187   6.454   10.464  1.00 21.59  ? 27  ASN A OD1 1 
ATOM   201  N ND2 . ASN A 1 27  ? 2.310   6.929   10.842  1.00 21.12  ? 27  ASN A ND2 1 
ATOM   202  N N   . TRP A 1 28  ? 2.547   2.676   7.816   1.00 18.88  ? 28  TRP A N   1 
ATOM   203  C CA  . TRP A 1 28  ? 2.659   1.778   6.638   1.00 12.84  ? 28  TRP A CA  1 
ATOM   204  C C   . TRP A 1 28  ? 2.326   0.338   7.010   1.00 12.61  ? 28  TRP A C   1 
ATOM   205  O O   . TRP A 1 28  ? 1.622   -0.218  6.140   1.00 15.72  ? 28  TRP A O   1 
ATOM   206  C CB  . TRP A 1 28  ? 4.006   1.770   5.955   1.00 15.96  ? 28  TRP A CB  1 
ATOM   207  C CG  . TRP A 1 28  ? 4.362   3.131   5.469   1.00 12.97  ? 28  TRP A CG  1 
ATOM   208  C CD1 . TRP A 1 28  ? 5.276   3.973   6.024   1.00 16.65  ? 28  TRP A CD1 1 
ATOM   209  C CD2 . TRP A 1 28  ? 3.828   3.798   4.327   1.00 17.37  ? 28  TRP A CD2 1 
ATOM   210  N NE1 . TRP A 1 28  ? 5.329   5.139   5.312   1.00 21.24  ? 28  TRP A NE1 1 
ATOM   211  C CE2 . TRP A 1 28  ? 4.469   5.057   4.253   1.00 24.87  ? 28  TRP A CE2 1 
ATOM   212  C CE3 . TRP A 1 28  ? 2.889   3.470   3.346   1.00 18.50  ? 28  TRP A CE3 1 
ATOM   213  C CZ2 . TRP A 1 28  ? 4.200   5.987   3.240   1.00 26.14  ? 28  TRP A CZ2 1 
ATOM   214  C CZ3 . TRP A 1 28  ? 2.631   4.373   2.311   1.00 20.22  ? 28  TRP A CZ3 1 
ATOM   215  C CH2 . TRP A 1 28  ? 3.262   5.617   2.261   1.00 20.68  ? 28  TRP A CH2 1 
ATOM   216  N N   . VAL A 1 29  ? 2.741   -0.202  8.118   1.00 18.06  ? 29  VAL A N   1 
ATOM   217  C CA  . VAL A 1 29  ? 2.372   -1.568  8.537   1.00 18.43  ? 29  VAL A CA  1 
ATOM   218  C C   . VAL A 1 29  ? 0.877   -1.667  8.863   1.00 16.82  ? 29  VAL A C   1 
ATOM   219  O O   . VAL A 1 29  ? 0.168   -2.630  8.530   1.00 16.93  ? 29  VAL A O   1 
ATOM   220  C CB  . VAL A 1 29  ? 3.223   -2.064  9.739   1.00 16.66  ? 29  VAL A CB  1 
ATOM   221  C CG1 . VAL A 1 29  ? 2.736   -3.438  10.229  1.00 15.42  ? 29  VAL A CG1 1 
ATOM   222  C CG2 . VAL A 1 29  ? 4.681   -2.027  9.410   1.00 14.12  ? 29  VAL A CG2 1 
ATOM   223  N N   . CYS A 1 30  ? 0.302   -0.695  9.561   1.00 19.26  ? 30  CYS A N   1 
ATOM   224  C CA  . CYS A 1 30  ? -1.123  -0.658  9.920   1.00 15.03  ? 30  CYS A CA  1 
ATOM   225  C C   . CYS A 1 30  ? -1.997  -0.654  8.676   1.00 15.39  ? 30  CYS A C   1 
ATOM   226  O O   . CYS A 1 30  ? -2.994  -1.382  8.623   1.00 19.07  ? 30  CYS A O   1 
ATOM   227  C CB  . CYS A 1 30  ? -1.435  0.547   10.831  1.00 14.57  ? 30  CYS A CB  1 
ATOM   228  S SG  . CYS A 1 30  ? -3.172  0.783   11.269  1.00 21.66  ? 30  CYS A SG  1 
ATOM   229  N N   . LEU A 1 31  ? -1.687  0.156   7.680   1.00 15.16  ? 31  LEU A N   1 
ATOM   230  C CA  . LEU A 1 31  ? -2.510  0.221   6.455   1.00 21.92  ? 31  LEU A CA  1 
ATOM   231  C C   . LEU A 1 31  ? -2.419  -1.062  5.636   1.00 13.25  ? 31  LEU A C   1 
ATOM   232  O O   . LEU A 1 31  ? -3.434  -1.365  5.025   1.00 18.62  ? 31  LEU A O   1 
ATOM   233  C CB  . LEU A 1 31  ? -2.041  1.504   5.803   1.00 24.32  ? 31  LEU A CB  1 
ATOM   234  C CG  . LEU A 1 31  ? -1.167  1.769   4.644   1.00 30.98  ? 31  LEU A CG  1 
ATOM   235  C CD1 . LEU A 1 31  ? -1.634  1.095   3.369   1.00 22.08  ? 31  LEU A CD1 1 
ATOM   236  C CD2 . LEU A 1 31  ? -1.212  3.307   4.446   1.00 35.06  ? 31  LEU A CD2 1 
ATOM   237  N N   . SER A 1 32  ? -1.256  -1.725  5.563   1.00 16.43  ? 32  SER A N   1 
ATOM   238  C CA  . SER A 1 32  ? -1.077  -2.991  4.844   1.00 15.11  ? 32  SER A CA  1 
ATOM   239  C C   . SER A 1 32  ? -1.931  -4.075  5.518   1.00 18.63  ? 32  SER A C   1 
ATOM   240  O O   . SER A 1 32  ? -2.629  -4.906  4.927   1.00 19.31  ? 32  SER A O   1 
ATOM   241  C CB  . SER A 1 32  ? 0.352   -3.481  4.794   1.00 11.30  ? 32  SER A CB  1 
ATOM   242  O OG  . SER A 1 32  ? 1.230   -2.622  4.145   1.00 18.52  ? 32  SER A OG  1 
ATOM   243  N N   . LYS A 1 33  ? -1.890  -4.107  6.858   1.00 13.93  ? 33  LYS A N   1 
ATOM   244  C CA  . LYS A 1 33  ? -2.694  -5.027  7.671   1.00 13.05  ? 33  LYS A CA  1 
ATOM   245  C C   . LYS A 1 33  ? -4.192  -4.937  7.344   1.00 27.63  ? 33  LYS A C   1 
ATOM   246  O O   . LYS A 1 33  ? -4.845  -5.920  6.954   1.00 21.80  ? 33  LYS A O   1 
ATOM   247  C CB  . LYS A 1 33  ? -2.486  -4.756  9.172   1.00 19.76  ? 33  LYS A CB  1 
ATOM   248  C CG  . LYS A 1 33  ? -3.095  -5.892  9.998   1.00 21.34  ? 33  LYS A CG  1 
ATOM   249  C CD  . LYS A 1 33  ? -4.106  -5.496  11.037  1.00 40.76  ? 33  LYS A CD  1 
ATOM   250  C CE  . LYS A 1 33  ? -4.863  -6.656  11.658  1.00 61.04  ? 33  LYS A CE  1 
ATOM   251  N NZ  . LYS A 1 33  ? -4.591  -7.925  10.923  1.00 86.91  ? 33  LYS A NZ  1 
ATOM   252  N N   . TRP A 1 34  ? -4.839  -3.768  7.470   1.00 17.73  ? 34  TRP A N   1 
ATOM   253  C CA  . TRP A 1 34  ? -6.234  -3.476  7.246   1.00 15.86  ? 34  TRP A CA  1 
ATOM   254  C C   . TRP A 1 34  ? -6.566  -3.515  5.769   1.00 19.78  ? 34  TRP A C   1 
ATOM   255  O O   . TRP A 1 34  ? -7.681  -3.945  5.504   1.00 28.76  ? 34  TRP A O   1 
ATOM   256  C CB  . TRP A 1 34  ? -6.671  -2.106  7.790   1.00 14.07  ? 34  TRP A CB  1 
ATOM   257  C CG  . TRP A 1 34  ? -6.493  -2.258  9.261   1.00 12.70  ? 34  TRP A CG  1 
ATOM   258  C CD1 . TRP A 1 34  ? -5.488  -1.787  10.033  1.00 22.09  ? 34  TRP A CD1 1 
ATOM   259  C CD2 . TRP A 1 34  ? -7.323  -2.997  10.136  1.00 28.59  ? 34  TRP A CD2 1 
ATOM   260  N NE1 . TRP A 1 34  ? -5.643  -2.147  11.333  1.00 19.98  ? 34  TRP A NE1 1 
ATOM   261  C CE2 . TRP A 1 34  ? -6.775  -2.891  11.433  1.00 22.02  ? 34  TRP A CE2 1 
ATOM   262  C CE3 . TRP A 1 34  ? -8.521  -3.694  9.952   1.00 32.41  ? 34  TRP A CE3 1 
ATOM   263  C CZ2 . TRP A 1 34  ? -7.392  -3.468  12.533  1.00 40.49  ? 34  TRP A CZ2 1 
ATOM   264  C CZ3 . TRP A 1 34  ? -9.105  -4.293  11.048  1.00 37.99  ? 34  TRP A CZ3 1 
ATOM   265  C CH2 . TRP A 1 34  ? -8.557  -4.186  12.318  1.00 29.33  ? 34  TRP A CH2 1 
ATOM   266  N N   . GLU A 1 35  ? -5.675  -3.085  4.917   1.00 21.45  ? 35  GLU A N   1 
ATOM   267  C CA  . GLU A 1 35  ? -5.962  -3.117  3.481   1.00 16.33  ? 35  GLU A CA  1 
ATOM   268  C C   . GLU A 1 35  ? -5.858  -4.506  2.870   1.00 22.04  ? 35  GLU A C   1 
ATOM   269  O O   . GLU A 1 35  ? -6.789  -4.832  2.109   1.00 21.18  ? 35  GLU A O   1 
ATOM   270  C CB  . GLU A 1 35  ? -5.020  -2.201  2.695   1.00 15.76  ? 35  GLU A CB  1 
ATOM   271  C CG  . GLU A 1 35  ? -5.236  -0.691  2.738   1.00 16.21  ? 35  GLU A CG  1 
ATOM   272  C CD  . GLU A 1 35  ? -6.467  -0.209  2.003   1.00 26.54  ? 35  GLU A CD  1 
ATOM   273  O OE1 . GLU A 1 35  ? -7.257  -0.944  1.431   1.00 17.99  ? 35  GLU A OE1 1 
ATOM   274  O OE2 . GLU A 1 35  ? -6.644  1.033   2.029   1.00 23.17  ? 35  GLU A OE2 1 
ATOM   275  N N   . SER A 1 36  ? -4.822  -5.286  3.110   1.00 22.68  ? 36  SER A N   1 
ATOM   276  C CA  . SER A 1 36  ? -4.721  -6.579  2.430   1.00 17.41  ? 36  SER A CA  1 
ATOM   277  C C   . SER A 1 36  ? -4.450  -7.786  3.291   1.00 27.33  ? 36  SER A C   1 
ATOM   278  O O   . SER A 1 36  ? -4.279  -8.880  2.755   1.00 19.72  ? 36  SER A O   1 
ATOM   279  C CB  . SER A 1 36  ? -3.530  -6.491  1.455   1.00 10.60  ? 36  SER A CB  1 
ATOM   280  O OG  . SER A 1 36  ? -2.446  -6.265  2.365   1.00 14.98  ? 36  SER A OG  1 
ATOM   281  N N   . SER A 1 37  ? -4.369  -7.568  4.582   1.00 21.88  ? 37  SER A N   1 
ATOM   282  C CA  . SER A 1 37  ? -3.967  -8.626  5.518   1.00 12.04  ? 37  SER A CA  1 
ATOM   283  C C   . SER A 1 37  ? -2.561  -9.065  5.150   1.00 20.22  ? 37  SER A C   1 
ATOM   284  O O   . SER A 1 37  ? -2.275  -10.263 5.269   1.00 22.78  ? 37  SER A O   1 
ATOM   285  C CB  . SER A 1 37  ? -4.901  -9.817  5.476   1.00 29.29  ? 37  SER A CB  1 
ATOM   286  O OG  . SER A 1 37  ? -6.140  -9.378  5.957   1.00 37.57  ? 37  SER A OG  1 
ATOM   287  N N   . TYR A 1 38  ? -1.727  -8.172  4.659   1.00 19.87  ? 38  TYR A N   1 
ATOM   288  C CA  . TYR A 1 38  ? -0.344  -8.457  4.278   1.00 18.18  ? 38  TYR A CA  1 
ATOM   289  C C   . TYR A 1 38  ? -0.211  -9.393  3.091   1.00 20.98  ? 38  TYR A C   1 
ATOM   290  O O   . TYR A 1 38  ? 0.876   -10.013 2.954   1.00 18.64  ? 38  TYR A O   1 
ATOM   291  C CB  . TYR A 1 38  ? 0.397   -9.058  5.487   1.00 18.02  ? 38  TYR A CB  1 
ATOM   292  C CG  . TYR A 1 38  ? 0.334   -8.304  6.783   1.00 16.97  ? 38  TYR A CG  1 
ATOM   293  C CD1 . TYR A 1 38  ? 0.711   -6.976  6.886   1.00 21.44  ? 38  TYR A CD1 1 
ATOM   294  C CD2 . TYR A 1 38  ? -0.114  -8.956  7.946   1.00 23.23  ? 38  TYR A CD2 1 
ATOM   295  C CE1 . TYR A 1 38  ? 0.638   -6.295  8.120   1.00 15.38  ? 38  TYR A CE1 1 
ATOM   296  C CE2 . TYR A 1 38  ? -0.149  -8.285  9.147   1.00 24.39  ? 38  TYR A CE2 1 
ATOM   297  C CZ  . TYR A 1 38  ? 0.234   -6.959  9.261   1.00 18.48  ? 38  TYR A CZ  1 
ATOM   298  O OH  . TYR A 1 38  ? 0.179   -6.331  10.474  1.00 22.46  ? 38  TYR A OH  1 
ATOM   299  N N   . ASN A 1 39  ? -1.236  -9.500  2.271   1.00 19.26  ? 39  ASN A N   1 
ATOM   300  C CA  . ASN A 1 39  ? -1.133  -10.417 1.129   1.00 11.88  ? 39  ASN A CA  1 
ATOM   301  C C   . ASN A 1 39  ? -0.876  -9.626  -0.135  1.00 15.00  ? 39  ASN A C   1 
ATOM   302  O O   . ASN A 1 39  ? -1.766  -8.859  -0.544  1.00 17.85  ? 39  ASN A O   1 
ATOM   303  C CB  . ASN A 1 39  ? -2.405  -11.280 1.072   1.00 20.30  ? 39  ASN A CB  1 
ATOM   304  C CG  . ASN A 1 39  ? -2.539  -12.309 -0.026  1.00 14.60  ? 39  ASN A CG  1 
ATOM   305  O OD1 . ASN A 1 39  ? -1.675  -12.736 -0.776  1.00 18.62  ? 39  ASN A OD1 1 
ATOM   306  N ND2 . ASN A 1 39  ? -3.709  -12.900 -0.202  1.00 16.67  ? 39  ASN A ND2 1 
ATOM   307  N N   . THR A 1 40  ? 0.260   -9.803  -0.778  1.00 15.24  ? 40  THR A N   1 
ATOM   308  C CA  . THR A 1 40  ? 0.609   -9.159  -2.051  1.00 22.11  ? 40  THR A CA  1 
ATOM   309  C C   . THR A 1 40  ? -0.350  -9.529  -3.186  1.00 16.50  ? 40  THR A C   1 
ATOM   310  O O   . THR A 1 40  ? -0.391  -8.739  -4.136  1.00 15.47  ? 40  THR A O   1 
ATOM   311  C CB  . THR A 1 40  ? 2.089   -9.473  -2.472  1.00 14.05  ? 40  THR A CB  1 
ATOM   312  O OG1 . THR A 1 40  ? 2.243   -10.878 -2.836  1.00 14.61  ? 40  THR A OG1 1 
ATOM   313  C CG2 . THR A 1 40  ? 3.051   -9.104  -1.336  1.00 9.23   ? 40  THR A CG2 1 
ATOM   314  N N   . GLN A 1 41  ? -1.100  -10.607 -3.174  1.00 21.26  ? 41  GLN A N   1 
ATOM   315  C CA  . GLN A 1 41  ? -2.007  -11.051 -4.224  1.00 12.60  ? 41  GLN A CA  1 
ATOM   316  C C   . GLN A 1 41  ? -3.451  -10.630 -3.999  1.00 18.42  ? 41  GLN A C   1 
ATOM   317  O O   . GLN A 1 41  ? -4.349  -11.121 -4.724  1.00 27.79  ? 41  GLN A O   1 
ATOM   318  C CB  . GLN A 1 41  ? -1.974  -12.602 -4.378  1.00 16.56  ? 41  GLN A CB  1 
ATOM   319  C CG  . GLN A 1 41  ? -0.542  -13.103 -4.612  1.00 21.31  ? 41  GLN A CG  1 
ATOM   320  C CD  . GLN A 1 41  ? -0.531  -14.517 -5.164  1.00 17.16  ? 41  GLN A CD  1 
ATOM   321  O OE1 . GLN A 1 41  ? -0.161  -15.461 -4.457  1.00 22.92  ? 41  GLN A OE1 1 
ATOM   322  N NE2 . GLN A 1 41  ? -0.919  -14.622 -6.430  1.00 16.72  ? 41  GLN A NE2 1 
ATOM   323  N N   . ALA A 1 42  ? -3.671  -9.803  -2.986  1.00 14.28  ? 42  ALA A N   1 
ATOM   324  C CA  . ALA A 1 42  ? -5.042  -9.362  -2.733  1.00 17.45  ? 42  ALA A CA  1 
ATOM   325  C C   . ALA A 1 42  ? -5.563  -8.502  -3.894  1.00 22.77  ? 42  ALA A C   1 
ATOM   326  O O   . ALA A 1 42  ? -4.861  -7.620  -4.396  1.00 17.58  ? 42  ALA A O   1 
ATOM   327  C CB  . ALA A 1 42  ? -5.182  -8.579  -1.430  1.00 19.23  ? 42  ALA A CB  1 
ATOM   328  N N   . THR A 1 43  ? -6.794  -8.748  -4.311  1.00 21.51  ? 43  THR A N   1 
ATOM   329  C CA  . THR A 1 43  ? -7.486  -7.984  -5.360  1.00 20.38  ? 43  THR A CA  1 
ATOM   330  C C   . THR A 1 43  ? -8.926  -7.778  -4.861  1.00 19.66  ? 43  THR A C   1 
ATOM   331  O O   . THR A 1 43  ? -9.545  -8.578  -4.184  1.00 27.00  ? 43  THR A O   1 
ATOM   332  C CB  . THR A 1 43  ? -7.455  -8.556  -6.821  1.00 15.67  ? 43  THR A CB  1 
ATOM   333  O OG1 . THR A 1 43  ? -8.054  -9.886  -6.727  1.00 24.76  ? 43  THR A OG1 1 
ATOM   334  C CG2 . THR A 1 43  ? -6.068  -8.611  -7.450  1.00 10.92  ? 43  THR A CG2 1 
ATOM   335  N N   . ASN A 1 44  ? -9.427  -6.611  -5.170  1.00 19.70  ? 44  ASN A N   1 
ATOM   336  C CA  . ASN A 1 44  ? -10.755 -6.180  -4.757  1.00 22.46  ? 44  ASN A CA  1 
ATOM   337  C C   . ASN A 1 44  ? -11.448 -5.359  -5.830  1.00 26.69  ? 44  ASN A C   1 
ATOM   338  O O   . ASN A 1 44  ? -10.988 -4.217  -6.053  1.00 23.48  ? 44  ASN A O   1 
ATOM   339  C CB  . ASN A 1 44  ? -10.567 -5.398  -3.449  1.00 29.83  ? 44  ASN A CB  1 
ATOM   340  C CG  . ASN A 1 44  ? -11.923 -4.919  -2.942  1.00 65.82  ? 44  ASN A CG  1 
ATOM   341  O OD1 . ASN A 1 44  ? -12.663 -5.838  -2.539  1.00 68.01  ? 44  ASN A OD1 1 
ATOM   342  N ND2 . ASN A 1 44  ? -12.258 -3.625  -2.979  1.00 39.93  ? 44  ASN A ND2 1 
ATOM   343  N N   . ARG A 1 45  ? -12.501 -5.860  -6.439  1.00 20.70  ? 45  ARG A N   1 
ATOM   344  C CA  . ARG A 1 45  ? -13.137 -5.026  -7.482  1.00 22.12  ? 45  ARG A CA  1 
ATOM   345  C C   . ARG A 1 45  ? -14.090 -4.019  -6.852  1.00 20.57  ? 45  ARG A C   1 
ATOM   346  O O   . ARG A 1 45  ? -14.792 -4.312  -5.867  1.00 32.27  ? 45  ARG A O   1 
ATOM   347  C CB  . ARG A 1 45  ? -13.802 -5.907  -8.547  1.00 30.28  ? 45  ARG A CB  1 
ATOM   348  C CG  . ARG A 1 45  ? -14.333 -5.018  -9.674  1.00 46.38  ? 45  ARG A CG  1 
ATOM   349  C CD  . ARG A 1 45  ? -13.929 -5.323  -11.050 1.00 35.90  ? 45  ARG A CD  1 
ATOM   350  N NE  . ARG A 1 45  ? -14.737 -6.409  -11.619 1.00 90.78  ? 45  ARG A NE  1 
ATOM   351  C CZ  . ARG A 1 45  ? -14.316 -7.680  -11.578 1.00 100.89 ? 45  ARG A CZ  1 
ATOM   352  N NH1 . ARG A 1 45  ? -13.511 -8.143  -10.620 1.00 72.87  ? 45  ARG A NH1 1 
ATOM   353  N NH2 . ARG A 1 45  ? -14.687 -8.515  -12.553 1.00 91.18  ? 45  ARG A NH2 1 
ATOM   354  N N   . ASN A 1 46  ? -14.126 -2.819  -7.413  1.00 28.62  ? 46  ASN A N   1 
ATOM   355  C CA  . ASN A 1 46  ? -14.983 -1.736  -6.938  1.00 21.83  ? 46  ASN A CA  1 
ATOM   356  C C   . ASN A 1 46  ? -16.183 -1.544  -7.859  1.00 41.14  ? 46  ASN A C   1 
ATOM   357  O O   . ASN A 1 46  ? -16.098 -1.883  -9.038  1.00 29.67  ? 46  ASN A O   1 
ATOM   358  C CB  . ASN A 1 46  ? -14.208 -0.445  -6.823  1.00 14.19  ? 46  ASN A CB  1 
ATOM   359  C CG  . ASN A 1 46  ? -13.229 -0.669  -5.695  1.00 28.92  ? 46  ASN A CG  1 
ATOM   360  O OD1 . ASN A 1 46  ? -12.074 -0.397  -5.980  1.00 41.68  ? 46  ASN A OD1 1 
ATOM   361  N ND2 . ASN A 1 46  ? -13.637 -1.173  -4.551  1.00 40.81  ? 46  ASN A ND2 1 
ATOM   362  N N   . THR A 1 47  ? -17.200 -0.991  -7.247  1.00 41.39  ? 47  THR A N   1 
ATOM   363  C CA  . THR A 1 47  ? -18.497 -0.694  -7.848  1.00 42.21  ? 47  THR A CA  1 
ATOM   364  C C   . THR A 1 47  ? -18.427 0.055   -9.161  1.00 38.67  ? 47  THR A C   1 
ATOM   365  O O   . THR A 1 47  ? -19.268 -0.128  -10.042 1.00 57.41  ? 47  THR A O   1 
ATOM   366  C CB  . THR A 1 47  ? -19.375 0.138   -6.831  1.00 28.90  ? 47  THR A CB  1 
ATOM   367  O OG1 . THR A 1 47  ? -18.713 1.445   -6.862  1.00 70.72  ? 47  THR A OG1 1 
ATOM   368  C CG2 . THR A 1 47  ? -19.461 -0.576  -5.486  1.00 46.62  ? 47  THR A CG2 1 
ATOM   369  N N   . ASP A 1 48  ? -17.397 0.859   -9.243  1.00 37.86  ? 48  ASP A N   1 
ATOM   370  C CA  . ASP A 1 48  ? -17.028 1.709   -10.391 1.00 30.27  ? 48  ASP A CA  1 
ATOM   371  C C   . ASP A 1 48  ? -16.189 1.084   -11.510 1.00 33.39  ? 48  ASP A C   1 
ATOM   372  O O   . ASP A 1 48  ? -15.823 1.819   -12.466 1.00 35.82  ? 48  ASP A O   1 
ATOM   373  C CB  . ASP A 1 48  ? -16.285 2.929   -9.805  1.00 43.70  ? 48  ASP A CB  1 
ATOM   374  C CG  . ASP A 1 48  ? -14.859 2.661   -9.355  1.00 37.84  ? 48  ASP A CG  1 
ATOM   375  O OD1 . ASP A 1 48  ? -14.336 1.533   -9.297  1.00 37.12  ? 48  ASP A OD1 1 
ATOM   376  O OD2 . ASP A 1 48  ? -14.267 3.716   -9.031  1.00 74.24  ? 48  ASP A OD2 1 
ATOM   377  N N   . GLY A 1 49  ? -15.804 -0.182  -11.467 1.00 29.16  ? 49  GLY A N   1 
ATOM   378  C CA  . GLY A 1 49  ? -15.043 -0.802  -12.557 1.00 39.54  ? 49  GLY A CA  1 
ATOM   379  C C   . GLY A 1 49  ? -13.547 -0.924  -12.300 1.00 19.36  ? 49  GLY A C   1 
ATOM   380  O O   . GLY A 1 49  ? -12.882 -1.650  -13.046 1.00 27.75  ? 49  GLY A O   1 
ATOM   381  N N   . SER A 1 50  ? -13.114 -0.229  -11.262 1.00 24.34  ? 50  SER A N   1 
ATOM   382  C CA  . SER A 1 50  ? -11.680 -0.275  -10.934 1.00 22.07  ? 50  SER A CA  1 
ATOM   383  C C   . SER A 1 50  ? -11.479 -1.438  -9.970  1.00 21.04  ? 50  SER A C   1 
ATOM   384  O O   . SER A 1 50  ? -12.446 -2.000  -9.433  1.00 24.78  ? 50  SER A O   1 
ATOM   385  C CB  . SER A 1 50  ? -11.192 1.026   -10.348 1.00 20.83  ? 50  SER A CB  1 
ATOM   386  O OG  . SER A 1 50  ? -11.830 1.085   -9.067  1.00 22.80  ? 50  SER A OG  1 
ATOM   387  N N   . THR A 1 51  ? -10.193 -1.745  -9.834  1.00 20.75  ? 51  THR A N   1 
ATOM   388  C CA  . THR A 1 51  ? -9.791  -2.820  -8.918  1.00 21.06  ? 51  THR A CA  1 
ATOM   389  C C   . THR A 1 51  ? -8.612  -2.307  -8.082  1.00 17.10  ? 51  THR A C   1 
ATOM   390  O O   . THR A 1 51  ? -7.798  -1.526  -8.600  1.00 17.01  ? 51  THR A O   1 
ATOM   391  C CB  . THR A 1 51  ? -9.552  -4.149  -9.731  1.00 21.12  ? 51  THR A CB  1 
ATOM   392  O OG1 . THR A 1 51  ? -10.778 -4.483  -10.464 1.00 25.76  ? 51  THR A OG1 1 
ATOM   393  C CG2 . THR A 1 51  ? -9.115  -5.349  -8.867  1.00 13.82  ? 51  THR A CG2 1 
ATOM   394  N N   . ASP A 1 52  ? -8.552  -2.737  -6.842  1.00 19.70  ? 52  ASP A N   1 
ATOM   395  C CA  . ASP A 1 52  ? -7.498  -2.481  -5.865  1.00 14.71  ? 52  ASP A CA  1 
ATOM   396  C C   . ASP A 1 52  ? -6.529  -3.679  -5.940  1.00 16.49  ? 52  ASP A C   1 
ATOM   397  O O   . ASP A 1 52  ? -7.020  -4.799  -5.999  1.00 16.40  ? 52  ASP A O   1 
ATOM   398  C CB  . ASP A 1 52  ? -8.009  -2.247  -4.462  1.00 18.26  ? 52  ASP A CB  1 
ATOM   399  C CG  . ASP A 1 52  ? -8.914  -1.011  -4.445  1.00 24.10  ? 52  ASP A CG  1 
ATOM   400  O OD1 . ASP A 1 52  ? -8.771  -0.015  -5.180  1.00 24.70  ? 52  ASP A OD1 1 
ATOM   401  O OD2 . ASP A 1 52  ? -9.774  -1.095  -3.602  1.00 26.27  ? 52  ASP A OD2 1 
ATOM   402  N N   . TYR A 1 53  ? -5.224  -3.411  -5.978  1.00 19.11  ? 53  TYR A N   1 
ATOM   403  C CA  . TYR A 1 53  ? -4.186  -4.396  -6.144  1.00 17.51  ? 53  TYR A CA  1 
ATOM   404  C C   . TYR A 1 53  ? -3.050  -4.393  -5.149  1.00 18.81  ? 53  TYR A C   1 
ATOM   405  O O   . TYR A 1 53  ? -2.440  -3.325  -4.940  1.00 17.70  ? 53  TYR A O   1 
ATOM   406  C CB  . TYR A 1 53  ? -3.556  -4.121  -7.551  1.00 14.80  ? 53  TYR A CB  1 
ATOM   407  C CG  . TYR A 1 53  ? -4.472  -4.429  -8.713  1.00 25.42  ? 53  TYR A CG  1 
ATOM   408  C CD1 . TYR A 1 53  ? -4.557  -5.747  -9.195  1.00 24.76  ? 53  TYR A CD1 1 
ATOM   409  C CD2 . TYR A 1 53  ? -5.241  -3.436  -9.333  1.00 11.52  ? 53  TYR A CD2 1 
ATOM   410  C CE1 . TYR A 1 53  ? -5.339  -6.078  -10.281 1.00 14.64  ? 53  TYR A CE1 1 
ATOM   411  C CE2 . TYR A 1 53  ? -6.073  -3.766  -10.376 1.00 11.53  ? 53  TYR A CE2 1 
ATOM   412  C CZ  . TYR A 1 53  ? -6.124  -5.063  -10.864 1.00 21.90  ? 53  TYR A CZ  1 
ATOM   413  O OH  . TYR A 1 53  ? -6.951  -5.304  -11.926 1.00 20.57  ? 53  TYR A OH  1 
ATOM   414  N N   . GLY A 1 54  ? -2.771  -5.585  -4.620  1.00 15.95  ? 54  GLY A N   1 
ATOM   415  C CA  . GLY A 1 54  ? -1.632  -5.794  -3.737  1.00 13.21  ? 54  GLY A CA  1 
ATOM   416  C C   . GLY A 1 54  ? -1.789  -5.526  -2.255  1.00 15.42  ? 54  GLY A C   1 
ATOM   417  O O   . GLY A 1 54  ? -2.890  -5.387  -1.756  1.00 15.19  ? 54  GLY A O   1 
ATOM   418  N N   . ILE A 1 55  ? -0.646  -5.480  -1.604  1.00 20.83  ? 55  ILE A N   1 
ATOM   419  C CA  . ILE A 1 55  ? -0.481  -5.256  -0.161  1.00 19.73  ? 55  ILE A CA  1 
ATOM   420  C C   . ILE A 1 55  ? -1.037  -3.894  0.272   1.00 18.18  ? 55  ILE A C   1 
ATOM   421  O O   . ILE A 1 55  ? -1.620  -3.777  1.364   1.00 20.82  ? 55  ILE A O   1 
ATOM   422  C CB  . ILE A 1 55  ? 1.036   -5.571  0.199   1.00 15.54  ? 55  ILE A CB  1 
ATOM   423  C CG1 . ILE A 1 55  ? 1.078   -5.918  1.690   1.00 18.74  ? 55  ILE A CG1 1 
ATOM   424  C CG2 . ILE A 1 55  ? 2.014   -4.439  -0.158  1.00 10.07  ? 55  ILE A CG2 1 
ATOM   425  C CD1 . ILE A 1 55  ? 2.160   -6.882  2.139   1.00 17.47  ? 55  ILE A CD1 1 
ATOM   426  N N   . PHE A 1 56  ? -0.893  -2.872  -0.556  1.00 16.25  ? 56  PHE A N   1 
ATOM   427  C CA  . PHE A 1 56  ? -1.369  -1.492  -0.354  1.00 17.44  ? 56  PHE A CA  1 
ATOM   428  C C   . PHE A 1 56  ? -2.716  -1.189  -1.030  1.00 23.06  ? 56  PHE A C   1 
ATOM   429  O O   . PHE A 1 56  ? -3.300  -0.086  -0.939  1.00 23.93  ? 56  PHE A O   1 
ATOM   430  C CB  . PHE A 1 56  ? -0.305  -0.508  -0.851  1.00 14.08  ? 56  PHE A CB  1 
ATOM   431  C CG  . PHE A 1 56  ? 1.092   -0.657  -0.317  1.00 21.33  ? 56  PHE A CG  1 
ATOM   432  C CD1 . PHE A 1 56  ? 1.301   -0.701  1.076   1.00 28.03  ? 56  PHE A CD1 1 
ATOM   433  C CD2 . PHE A 1 56  ? 2.174   -0.759  -1.177  1.00 19.26  ? 56  PHE A CD2 1 
ATOM   434  C CE1 . PHE A 1 56  ? 2.582   -0.874  1.587   1.00 21.39  ? 56  PHE A CE1 1 
ATOM   435  C CE2 . PHE A 1 56  ? 3.482   -0.931  -0.709  1.00 17.02  ? 56  PHE A CE2 1 
ATOM   436  C CZ  . PHE A 1 56  ? 3.668   -0.972  0.673   1.00 18.60  ? 56  PHE A CZ  1 
ATOM   437  N N   . GLN A 1 57  ? -3.275  -2.150  -1.746  1.00 14.82  ? 57  GLN A N   1 
ATOM   438  C CA  . GLN A 1 57  ? -4.544  -2.050  -2.450  1.00 18.95  ? 57  GLN A CA  1 
ATOM   439  C C   . GLN A 1 57  ? -4.596  -0.744  -3.244  1.00 17.85  ? 57  GLN A C   1 
ATOM   440  O O   . GLN A 1 57  ? -5.463  0.095   -3.059  1.00 21.05  ? 57  GLN A O   1 
ATOM   441  C CB  . GLN A 1 57  ? -5.795  -2.145  -1.529  1.00 19.18  ? 57  GLN A CB  1 
ATOM   442  C CG  . GLN A 1 57  ? -5.927  -3.512  -0.859  1.00 12.16  ? 57  GLN A CG  1 
ATOM   443  C CD  . GLN A 1 57  ? -6.516  -4.477  -1.849  1.00 15.06  ? 57  GLN A CD  1 
ATOM   444  O OE1 . GLN A 1 57  ? -7.707  -4.484  -2.037  1.00 18.91  ? 57  GLN A OE1 1 
ATOM   445  N NE2 . GLN A 1 57  ? -5.693  -5.247  -2.527  1.00 18.92  ? 57  GLN A NE2 1 
ATOM   446  N N   . ILE A 1 58  ? -3.665  -0.641  -4.163  1.00 16.13  ? 58  ILE A N   1 
ATOM   447  C CA  . ILE A 1 58  ? -3.583  0.512   -5.105  1.00 20.20  ? 58  ILE A CA  1 
ATOM   448  C C   . ILE A 1 58  ? -4.648  0.387   -6.188  1.00 17.34  ? 58  ILE A C   1 
ATOM   449  O O   . ILE A 1 58  ? -4.823  -0.653  -6.839  1.00 17.55  ? 58  ILE A O   1 
ATOM   450  C CB  . ILE A 1 58  ? -2.114  0.644   -5.608  1.00 18.52  ? 58  ILE A CB  1 
ATOM   451  C CG1 . ILE A 1 58  ? -1.239  1.087   -4.384  1.00 21.28  ? 58  ILE A CG1 1 
ATOM   452  C CG2 . ILE A 1 58  ? -1.998  1.573   -6.838  1.00 14.02  ? 58  ILE A CG2 1 
ATOM   453  C CD1 . ILE A 1 58  ? 0.290   0.924   -4.614  1.00 21.44  ? 58  ILE A CD1 1 
ATOM   454  N N   . ASN A 1 59  ? -5.364  1.477   -6.416  1.00 17.17  ? 59  ASN A N   1 
ATOM   455  C CA  . ASN A 1 59  ? -6.525  1.522   -7.327  1.00 16.35  ? 59  ASN A CA  1 
ATOM   456  C C   . ASN A 1 59  ? -6.174  1.749   -8.779  1.00 18.00  ? 59  ASN A C   1 
ATOM   457  O O   . ASN A 1 59  ? -5.284  2.547   -9.125  1.00 19.92  ? 59  ASN A O   1 
ATOM   458  C CB  . ASN A 1 59  ? -7.468  2.558   -6.662  1.00 24.42  ? 59  ASN A CB  1 
ATOM   459  C CG  . ASN A 1 59  ? -8.795  2.540   -7.413  1.00 21.82  ? 59  ASN A CG  1 
ATOM   460  O OD1 . ASN A 1 59  ? -8.957  3.282   -8.432  1.00 23.46  ? 59  ASN A OD1 1 
ATOM   461  N ND2 . ASN A 1 59  ? -9.672  1.672   -6.910  1.00 20.69  ? 59  ASN A ND2 1 
ATOM   462  N N   . SER A 1 60  ? -6.847  0.963   -9.636  1.00 17.97  ? 60  SER A N   1 
ATOM   463  C CA  . SER A 1 60  ? -6.610  0.974   -11.100 1.00 21.13  ? 60  SER A CA  1 
ATOM   464  C C   . SER A 1 60  ? -7.203  2.177   -11.839 1.00 17.44  ? 60  SER A C   1 
ATOM   465  O O   . SER A 1 60  ? -6.820  2.289   -13.016 1.00 19.15  ? 60  SER A O   1 
ATOM   466  C CB  . SER A 1 60  ? -7.130  -0.257  -11.840 1.00 13.48  ? 60  SER A CB  1 
ATOM   467  O OG  . SER A 1 60  ? -8.502  -0.484  -11.687 1.00 17.51  ? 60  SER A OG  1 
ATOM   468  N N   . ARG A 1 61  ? -8.026  3.002   -11.202 1.00 24.90  ? 61  ARG A N   1 
ATOM   469  C CA  . ARG A 1 61  ? -8.507  4.168   -11.931 1.00 21.72  ? 61  ARG A CA  1 
ATOM   470  C C   . ARG A 1 61  ? -7.452  5.245   -12.153 1.00 19.12  ? 61  ARG A C   1 
ATOM   471  O O   . ARG A 1 61  ? -7.468  5.992   -13.146 1.00 27.99  ? 61  ARG A O   1 
ATOM   472  C CB  . ARG A 1 61  ? -9.654  4.821   -11.166 1.00 26.41  ? 61  ARG A CB  1 
ATOM   473  C CG  . ARG A 1 61  ? -10.223 5.835   -12.197 1.00 29.92  ? 61  ARG A CG  1 
ATOM   474  C CD  . ARG A 1 61  ? -11.707 5.743   -11.970 1.00 56.51  ? 61  ARG A CD  1 
ATOM   475  N NE  . ARG A 1 61  ? -12.176 6.974   -11.366 1.00 88.18  ? 61  ARG A NE  1 
ATOM   476  C CZ  . ARG A 1 61  ? -12.169 8.149   -12.021 1.00 95.92  ? 61  ARG A CZ  1 
ATOM   477  N NH1 . ARG A 1 61  ? -11.645 8.352   -13.237 1.00 95.62  ? 61  ARG A NH1 1 
ATOM   478  N NH2 . ARG A 1 61  ? -12.751 9.152   -11.341 1.00 97.53  ? 61  ARG A NH2 1 
ATOM   479  N N   . TYR A 1 62  ? -6.559  5.368   -11.166 1.00 27.46  ? 62  TYR A N   1 
ATOM   480  C CA  . TYR A 1 62  ? -5.514  6.389   -11.255 1.00 18.98  ? 62  TYR A CA  1 
ATOM   481  C C   . TYR A 1 62  ? -4.066  5.940   -11.326 1.00 23.26  ? 62  TYR A C   1 
ATOM   482  O O   . TYR A 1 62  ? -3.285  6.648   -12.001 1.00 22.37  ? 62  TYR A O   1 
ATOM   483  C CB  . TYR A 1 62  ? -5.600  7.321   -10.011 1.00 27.86  ? 62  TYR A CB  1 
ATOM   484  C CG  . TYR A 1 62  ? -7.007  7.706   -9.618  1.00 38.00  ? 62  TYR A CG  1 
ATOM   485  C CD1 . TYR A 1 62  ? -7.682  8.802   -10.167 1.00 42.51  ? 62  TYR A CD1 1 
ATOM   486  C CD2 . TYR A 1 62  ? -7.676  6.928   -8.655  1.00 38.40  ? 62  TYR A CD2 1 
ATOM   487  C CE1 . TYR A 1 62  ? -8.989  9.119   -9.797  1.00 42.09  ? 62  TYR A CE1 1 
ATOM   488  C CE2 . TYR A 1 62  ? -8.986  7.233   -8.274  1.00 54.80  ? 62  TYR A CE2 1 
ATOM   489  C CZ  . TYR A 1 62  ? -9.647  8.331   -8.852  1.00 57.09  ? 62  TYR A CZ  1 
ATOM   490  O OH  . TYR A 1 62  ? -10.936 8.648   -8.466  1.00 74.96  ? 62  TYR A OH  1 
ATOM   491  N N   . TRP A 1 63  ? -3.683  4.844   -10.658 1.00 20.02  ? 63  TRP A N   1 
ATOM   492  C CA  . TRP A 1 63  ? -2.261  4.504   -10.587 1.00 15.60  ? 63  TRP A CA  1 
ATOM   493  C C   . TRP A 1 63  ? -1.724  3.416   -11.463 1.00 19.56  ? 63  TRP A C   1 
ATOM   494  O O   . TRP A 1 63  ? -0.503  3.526   -11.637 1.00 16.25  ? 63  TRP A O   1 
ATOM   495  C CB  . TRP A 1 63  ? -1.998  4.131   -9.076  1.00 13.56  ? 63  TRP A CB  1 
ATOM   496  C CG  . TRP A 1 63  ? -2.582  5.167   -8.164  1.00 22.87  ? 63  TRP A CG  1 
ATOM   497  C CD1 . TRP A 1 63  ? -3.716  5.119   -7.413  1.00 16.44  ? 63  TRP A CD1 1 
ATOM   498  C CD2 . TRP A 1 63  ? -2.009  6.471   -7.936  1.00 19.14  ? 63  TRP A CD2 1 
ATOM   499  N NE1 . TRP A 1 63  ? -3.927  6.296   -6.733  1.00 16.82  ? 63  TRP A NE1 1 
ATOM   500  C CE2 . TRP A 1 63  ? -2.881  7.131   -7.043  1.00 21.69  ? 63  TRP A CE2 1 
ATOM   501  C CE3 . TRP A 1 63  ? -0.862  7.116   -8.438  1.00 24.92  ? 63  TRP A CE3 1 
ATOM   502  C CZ2 . TRP A 1 63  ? -2.623  8.436   -6.621  1.00 18.63  ? 63  TRP A CZ2 1 
ATOM   503  C CZ3 . TRP A 1 63  ? -0.603  8.417   -8.015  1.00 14.87  ? 63  TRP A CZ3 1 
ATOM   504  C CH2 . TRP A 1 63  ? -1.486  9.048   -7.097  1.00 17.51  ? 63  TRP A CH2 1 
ATOM   505  N N   . CYS A 1 64  ? -2.448  2.417   -11.908 1.00 22.70  ? 64  CYS A N   1 
ATOM   506  C CA  . CYS A 1 64  ? -1.803  1.325   -12.682 1.00 17.82  ? 64  CYS A CA  1 
ATOM   507  C C   . CYS A 1 64  ? -2.735  0.947   -13.812 1.00 17.78  ? 64  CYS A C   1 
ATOM   508  O O   . CYS A 1 64  ? -3.934  1.296   -13.762 1.00 18.49  ? 64  CYS A O   1 
ATOM   509  C CB  . CYS A 1 64  ? -1.475  0.180   -11.738 1.00 13.70  ? 64  CYS A CB  1 
ATOM   510  S SG  . CYS A 1 64  ? -2.890  -0.598  -10.874 1.00 17.33  ? 64  CYS A SG  1 
ATOM   511  N N   . ASP A 1 65  ? -2.297  0.223   -14.756 1.00 15.52  ? 65  ASP A N   1 
ATOM   512  C CA  . ASP A 1 65  ? -3.123  -0.184  -15.896 1.00 21.10  ? 65  ASP A CA  1 
ATOM   513  C C   . ASP A 1 65  ? -3.512  -1.670  -15.764 1.00 21.66  ? 65  ASP A C   1 
ATOM   514  O O   . ASP A 1 65  ? -2.651  -2.549  -15.731 1.00 17.07  ? 65  ASP A O   1 
ATOM   515  C CB  . ASP A 1 65  ? -2.300  0.026   -17.170 1.00 21.21  ? 65  ASP A CB  1 
ATOM   516  C CG  . ASP A 1 65  ? -3.016  -0.434  -18.426 1.00 28.99  ? 65  ASP A CG  1 
ATOM   517  O OD1 . ASP A 1 65  ? -4.295  -0.315  -18.510 1.00 20.00  ? 65  ASP A OD1 1 
ATOM   518  O OD2 . ASP A 1 65  ? -2.345  -0.938  -19.400 1.00 47.41  ? 65  ASP A OD2 1 
ATOM   519  N N   . ASP A 1 66  ? -4.846  -1.984  -15.686 1.00 19.42  ? 66  ASP A N   1 
ATOM   520  C CA  . ASP A 1 66  ? -5.261  -3.411  -15.609 1.00 20.82  ? 66  ASP A CA  1 
ATOM   521  C C   . ASP A 1 66  ? -6.036  -3.769  -16.909 1.00 24.03  ? 66  ASP A C   1 
ATOM   522  O O   . ASP A 1 66  ? -6.561  -4.877  -17.047 1.00 25.60  ? 66  ASP A O   1 
ATOM   523  C CB  . ASP A 1 66  ? -5.990  -3.754  -14.321 1.00 13.44  ? 66  ASP A CB  1 
ATOM   524  C CG  . ASP A 1 66  ? -7.350  -3.143  -14.179 1.00 14.40  ? 66  ASP A CG  1 
ATOM   525  O OD1 . ASP A 1 66  ? -7.781  -2.391  -15.067 1.00 20.87  ? 66  ASP A OD1 1 
ATOM   526  O OD2 . ASP A 1 66  ? -8.033  -3.435  -13.160 1.00 20.57  ? 66  ASP A OD2 1 
ATOM   527  N N   . GLY A 1 67  ? -6.092  -2.860  -17.871 1.00 22.27  ? 67  GLY A N   1 
ATOM   528  C CA  . GLY A 1 67  ? -6.740  -3.010  -19.153 1.00 16.17  ? 67  GLY A CA  1 
ATOM   529  C C   . GLY A 1 67  ? -8.244  -3.085  -19.230 1.00 25.43  ? 67  GLY A C   1 
ATOM   530  O O   . GLY A 1 67  ? -8.814  -3.236  -20.323 1.00 25.59  ? 67  GLY A O   1 
ATOM   531  N N   . ARG A 1 68  ? -8.912  -2.953  -18.105 1.00 21.66  ? 68  ARG A N   1 
ATOM   532  C CA  . ARG A 1 68  ? -10.372 -3.003  -18.011 1.00 24.40  ? 68  ARG A CA  1 
ATOM   533  C C   . ARG A 1 68  ? -11.023 -1.922  -17.155 1.00 20.21  ? 68  ARG A C   1 
ATOM   534  O O   . ARG A 1 68  ? -12.194 -2.056  -16.731 1.00 31.25  ? 68  ARG A O   1 
ATOM   535  C CB  . ARG A 1 68  ? -10.784 -4.376  -17.445 1.00 21.18  ? 68  ARG A CB  1 
ATOM   536  C CG  . ARG A 1 68  ? -10.440 -4.502  -15.968 1.00 19.54  ? 68  ARG A CG  1 
ATOM   537  C CD  . ARG A 1 68  ? -10.954 -5.824  -15.511 1.00 20.55  ? 68  ARG A CD  1 
ATOM   538  N NE  . ARG A 1 68  ? -11.024 -5.901  -14.058 1.00 19.04  ? 68  ARG A NE  1 
ATOM   539  C CZ  . ARG A 1 68  ? -11.218 -7.027  -13.352 1.00 40.67  ? 68  ARG A CZ  1 
ATOM   540  N NH1 . ARG A 1 68  ? -11.507 -8.172  -13.979 1.00 28.10  ? 68  ARG A NH1 1 
ATOM   541  N NH2 . ARG A 1 68  ? -11.207 -6.991  -12.015 1.00 23.26  ? 68  ARG A NH2 1 
ATOM   542  N N   . THR A 1 69  ? -10.280 -0.861  -16.863 1.00 22.93  ? 69  THR A N   1 
ATOM   543  C CA  . THR A 1 69  ? -10.812 0.227   -16.076 1.00 17.88  ? 69  THR A CA  1 
ATOM   544  C C   . THR A 1 69  ? -11.078 1.447   -16.982 1.00 18.83  ? 69  THR A C   1 
ATOM   545  O O   . THR A 1 69  ? -10.201 1.943   -17.659 1.00 27.39  ? 69  THR A O   1 
ATOM   546  C CB  . THR A 1 69  ? -9.962  0.721   -14.848 1.00 20.67  ? 69  THR A CB  1 
ATOM   547  O OG1 . THR A 1 69  ? -9.635  -0.538  -14.260 1.00 18.44  ? 69  THR A OG1 1 
ATOM   548  C CG2 . THR A 1 69  ? -10.750 1.664   -13.939 1.00 20.49  ? 69  THR A CG2 1 
ATOM   549  N N   . PRO A 1 70  ? -12.348 1.827   -16.873 1.00 36.77  ? 70  PRO A N   1 
ATOM   550  C CA  . PRO A 1 70  ? -12.854 3.011   -17.556 1.00 48.97  ? 70  PRO A CA  1 
ATOM   551  C C   . PRO A 1 70  ? -12.191 4.294   -17.033 1.00 24.41  ? 70  PRO A C   1 
ATOM   552  O O   . PRO A 1 70  ? -12.214 4.579   -15.817 1.00 33.65  ? 70  PRO A O   1 
ATOM   553  C CB  . PRO A 1 70  ? -14.368 2.935   -17.363 1.00 47.59  ? 70  PRO A CB  1 
ATOM   554  C CG  . PRO A 1 70  ? -14.727 1.810   -16.450 1.00 40.11  ? 70  PRO A CG  1 
ATOM   555  C CD  . PRO A 1 70  ? -13.397 1.220   -16.016 1.00 37.19  ? 70  PRO A CD  1 
ATOM   556  N N   . GLY A 1 71  ? -11.572 5.038   -17.947 1.00 34.32  ? 71  GLY A N   1 
ATOM   557  C CA  . GLY A 1 71  ? -10.882 6.306   -17.766 1.00 43.70  ? 71  GLY A CA  1 
ATOM   558  C C   . GLY A 1 71  ? -9.775  6.276   -16.721 1.00 52.54  ? 71  GLY A C   1 
ATOM   559  O O   . GLY A 1 71  ? -9.735  7.013   -15.725 1.00 55.76  ? 71  GLY A O   1 
ATOM   560  N N   . ALA A 1 72  ? -8.882  5.364   -17.023 1.00 36.03  ? 72  ALA A N   1 
ATOM   561  C CA  . ALA A 1 72  ? -7.737  5.056   -16.174 1.00 33.51  ? 72  ALA A CA  1 
ATOM   562  C C   . ALA A 1 72  ? -6.602  5.966   -16.611 1.00 36.45  ? 72  ALA A C   1 
ATOM   563  O O   . ALA A 1 72  ? -6.566  6.157   -17.829 1.00 33.75  ? 72  ALA A O   1 
ATOM   564  C CB  . ALA A 1 72  ? -7.421  3.579   -16.283 1.00 32.75  ? 72  ALA A CB  1 
ATOM   565  N N   . LYS A 1 73  ? -5.800  6.398   -15.656 1.00 38.04  ? 73  LYS A N   1 
ATOM   566  C CA  . LYS A 1 73  ? -4.676  7.315   -15.900 1.00 24.49  ? 73  LYS A CA  1 
ATOM   567  C C   . LYS A 1 73  ? -3.291  6.715   -15.751 1.00 37.24  ? 73  LYS A C   1 
ATOM   568  O O   . LYS A 1 73  ? -2.369  7.310   -16.367 1.00 41.61  ? 73  LYS A O   1 
ATOM   569  C CB  . LYS A 1 73  ? -4.764  8.516   -14.941 1.00 28.12  ? 73  LYS A CB  1 
ATOM   570  C CG  . LYS A 1 73  ? -5.611  9.658   -15.478 1.00 52.34  ? 73  LYS A CG  1 
ATOM   571  C CD  . LYS A 1 73  ? -7.041  9.708   -14.970 1.00 99.13  ? 73  LYS A CD  1 
ATOM   572  C CE  . LYS A 1 73  ? -7.932  10.590  -15.837 1.00 93.10  ? 73  LYS A CE  1 
ATOM   573  N NZ  . LYS A 1 73  ? -7.117  11.498  -16.701 1.00 73.28  ? 73  LYS A NZ  1 
ATOM   574  N N   . ASN A 1 74  ? -3.163  5.653   -15.001 1.00 22.95  ? 74  ASN A N   1 
ATOM   575  C CA  . ASN A 1 74  ? -1.801  5.005   -14.868 1.00 18.30  ? 74  ASN A CA  1 
ATOM   576  C C   . ASN A 1 74  ? -0.671  5.963   -14.535 1.00 19.57  ? 74  ASN A C   1 
ATOM   577  O O   . ASN A 1 74  ? 0.312   6.068   -15.279 1.00 20.79  ? 74  ASN A O   1 
ATOM   578  C CB  . ASN A 1 74  ? -1.486  4.182   -16.135 1.00 12.35  ? 74  ASN A CB  1 
ATOM   579  C CG  . ASN A 1 74  ? -0.362  3.210   -15.915 1.00 18.44  ? 74  ASN A CG  1 
ATOM   580  O OD1 . ASN A 1 74  ? 0.089   3.055   -14.760 1.00 22.42  ? 74  ASN A OD1 1 
ATOM   581  N ND2 . ASN A 1 74  ? 0.221   2.576   -16.946 1.00 21.46  ? 74  ASN A ND2 1 
ATOM   582  N N   . VAL A 1 75  ? -0.875  6.606   -13.384 1.00 18.33  ? 75  VAL A N   1 
ATOM   583  C CA  . VAL A 1 75  ? 0.149   7.575   -12.922 1.00 15.39  ? 75  VAL A CA  1 
ATOM   584  C C   . VAL A 1 75  ? 1.438   6.862   -12.531 1.00 27.62  ? 75  VAL A C   1 
ATOM   585  O O   . VAL A 1 75  ? 2.513   7.448   -12.793 1.00 23.53  ? 75  VAL A O   1 
ATOM   586  C CB  . VAL A 1 75  ? -0.448  8.444   -11.814 1.00 19.20  ? 75  VAL A CB  1 
ATOM   587  C CG1 . VAL A 1 75  ? 0.517   9.055   -10.818 1.00 29.40  ? 75  VAL A CG1 1 
ATOM   588  C CG2 . VAL A 1 75  ? -1.252  9.553   -12.472 1.00 17.60  ? 75  VAL A CG2 1 
ATOM   589  N N   . CYS A 1 76  ? 1.405   5.680   -11.946 1.00 22.20  ? 76  CYS A N   1 
ATOM   590  C CA  . CYS A 1 76  ? 2.653   5.024   -11.586 1.00 13.41  ? 76  CYS A CA  1 
ATOM   591  C C   . CYS A 1 76  ? 3.310   4.424   -12.827 1.00 14.04  ? 76  CYS A C   1 
ATOM   592  O O   . CYS A 1 76  ? 4.463   3.998   -12.685 1.00 20.32  ? 76  CYS A O   1 
ATOM   593  C CB  . CYS A 1 76  ? 2.525   3.913   -10.575 1.00 15.61  ? 76  CYS A CB  1 
ATOM   594  S SG  . CYS A 1 76  ? 2.149   4.634   -8.940  1.00 21.27  ? 76  CYS A SG  1 
ATOM   595  N N   . GLY A 1 77  ? 2.594   4.390   -13.915 1.00 17.01  ? 77  GLY A N   1 
ATOM   596  C CA  . GLY A 1 77  ? 3.250   3.867   -15.159 1.00 15.93  ? 77  GLY A CA  1 
ATOM   597  C C   . GLY A 1 77  ? 3.483   2.395   -15.181 1.00 22.82  ? 77  GLY A C   1 
ATOM   598  O O   . GLY A 1 77  ? 4.471   2.007   -15.802 1.00 20.64  ? 77  GLY A O   1 
ATOM   599  N N   . ILE A 1 78  ? 2.656   1.585   -14.540 1.00 26.89  ? 78  ILE A N   1 
ATOM   600  C CA  . ILE A 1 78  ? 2.871   0.141   -14.503 1.00 22.65  ? 78  ILE A CA  1 
ATOM   601  C C   . ILE A 1 78  ? 1.635   -0.641  -14.890 1.00 18.42  ? 78  ILE A C   1 
ATOM   602  O O   . ILE A 1 78  ? 0.541   -0.057  -14.949 1.00 24.03  ? 78  ILE A O   1 
ATOM   603  C CB  . ILE A 1 78  ? 3.332   -0.247  -13.043 1.00 17.29  ? 78  ILE A CB  1 
ATOM   604  C CG1 . ILE A 1 78  ? 2.354   0.410   -12.040 1.00 15.29  ? 78  ILE A CG1 1 
ATOM   605  C CG2 . ILE A 1 78  ? 4.798   0.114   -12.763 1.00 20.36  ? 78  ILE A CG2 1 
ATOM   606  C CD1 . ILE A 1 78  ? 2.518   -0.136  -10.621 1.00 15.40  ? 78  ILE A CD1 1 
ATOM   607  N N   . ARG A 1 79  ? 1.741   -1.924  -15.056 1.00 14.11  ? 79  ARG A N   1 
ATOM   608  C CA  . ARG A 1 79  ? 0.629   -2.838  -15.256 1.00 18.05  ? 79  ARG A CA  1 
ATOM   609  C C   . ARG A 1 79  ? 0.252   -3.132  -13.779 1.00 20.10  ? 79  ARG A C   1 
ATOM   610  O O   . ARG A 1 79  ? 1.199   -3.284  -12.982 1.00 17.20  ? 79  ARG A O   1 
ATOM   611  C CB  . ARG A 1 79  ? 0.887   -4.103  -15.992 1.00 21.02  ? 79  ARG A CB  1 
ATOM   612  C CG  . ARG A 1 79  ? 1.600   -4.184  -17.324 1.00 21.20  ? 79  ARG A CG  1 
ATOM   613  C CD  . ARG A 1 79  ? 0.614   -3.761  -18.354 1.00 31.19  ? 79  ARG A CD  1 
ATOM   614  N NE  . ARG A 1 79  ? 0.934   -4.241  -19.686 1.00 39.82  ? 79  ARG A NE  1 
ATOM   615  C CZ  . ARG A 1 79  ? 0.395   -3.773  -20.824 1.00 67.20  ? 79  ARG A CZ  1 
ATOM   616  N NH1 . ARG A 1 79  ? -0.654  -2.946  -20.903 1.00 47.86  ? 79  ARG A NH1 1 
ATOM   617  N NH2 . ARG A 1 79  ? 0.945   -4.155  -21.994 1.00 48.56  ? 79  ARG A NH2 1 
ATOM   618  N N   . CYS A 1 80  ? -0.996  -3.262  -13.393 1.00 16.27  ? 80  CYS A N   1 
ATOM   619  C CA  . CYS A 1 80  ? -1.408  -3.546  -12.022 1.00 13.25  ? 80  CYS A CA  1 
ATOM   620  C C   . CYS A 1 80  ? -0.888  -4.904  -11.549 1.00 19.18  ? 80  CYS A C   1 
ATOM   621  O O   . CYS A 1 80  ? -0.667  -5.066  -10.344 1.00 17.50  ? 80  CYS A O   1 
ATOM   622  C CB  . CYS A 1 80  ? -2.917  -3.465  -11.953 1.00 12.08  ? 80  CYS A CB  1 
ATOM   623  S SG  . CYS A 1 80  ? -3.650  -1.858  -12.229 1.00 19.50  ? 80  CYS A SG  1 
ATOM   624  N N   . SER A 1 81  ? -0.744  -5.831  -12.456 1.00 16.62  ? 81  SER A N   1 
ATOM   625  C CA  . SER A 1 81  ? -0.213  -7.182  -12.169 1.00 24.17  ? 81  SER A CA  1 
ATOM   626  C C   . SER A 1 81  ? 1.135   -7.174  -11.461 1.00 17.95  ? 81  SER A C   1 
ATOM   627  O O   . SER A 1 81  ? 1.464   -8.122  -10.706 1.00 17.88  ? 81  SER A O   1 
ATOM   628  C CB  . SER A 1 81  ? -0.195  -7.917  -13.508 1.00 18.71  ? 81  SER A CB  1 
ATOM   629  O OG  . SER A 1 81  ? 0.835   -7.421  -14.373 1.00 18.80  ? 81  SER A OG  1 
ATOM   630  N N   . GLN A 1 82  ? 1.965   -6.138  -11.631 1.00 13.43  ? 82  GLN A N   1 
ATOM   631  C CA  . GLN A 1 82  ? 3.259   -5.952  -11.028 1.00 15.27  ? 82  GLN A CA  1 
ATOM   632  C C   . GLN A 1 82  ? 3.139   -5.616  -9.534  1.00 14.40  ? 82  GLN A C   1 
ATOM   633  O O   . GLN A 1 82  ? 4.171   -5.674  -8.858  1.00 19.81  ? 82  GLN A O   1 
ATOM   634  C CB  . GLN A 1 82  ? 4.085   -4.812  -11.625 1.00 16.83  ? 82  GLN A CB  1 
ATOM   635  C CG  . GLN A 1 82  ? 4.336   -5.134  -13.109 1.00 23.75  ? 82  GLN A CG  1 
ATOM   636  C CD  . GLN A 1 82  ? 5.193   -4.074  -13.753 1.00 36.52  ? 82  GLN A CD  1 
ATOM   637  O OE1 . GLN A 1 82  ? 4.716   -3.279  -14.549 1.00 34.91  ? 82  GLN A OE1 1 
ATOM   638  N NE2 . GLN A 1 82  ? 6.482   -4.031  -13.420 1.00 42.58  ? 82  GLN A NE2 1 
ATOM   639  N N   . LEU A 1 83  ? 1.937   -5.254  -9.162  1.00 15.05  ? 83  LEU A N   1 
ATOM   640  C CA  . LEU A 1 83  ? 1.645   -4.912  -7.772  1.00 23.07  ? 83  LEU A CA  1 
ATOM   641  C C   . LEU A 1 83  ? 1.339   -6.172  -6.964  1.00 20.92  ? 83  LEU A C   1 
ATOM   642  O O   . LEU A 1 83  ? 1.089   -6.054  -5.741  1.00 18.90  ? 83  LEU A O   1 
ATOM   643  C CB  . LEU A 1 83  ? 0.483   -3.884  -7.675  1.00 16.87  ? 83  LEU A CB  1 
ATOM   644  C CG  . LEU A 1 83  ? 0.768   -2.510  -8.273  1.00 13.51  ? 83  LEU A CG  1 
ATOM   645  C CD1 . LEU A 1 83  ? -0.429  -1.624  -8.132  1.00 13.96  ? 83  LEU A CD1 1 
ATOM   646  C CD2 . LEU A 1 83  ? 1.978   -1.896  -7.553  1.00 14.12  ? 83  LEU A CD2 1 
ATOM   647  N N   . LEU A 1 84  ? 1.300   -7.317  -7.622  1.00 15.20  ? 84  LEU A N   1 
ATOM   648  C CA  . LEU A 1 84  ? 0.938   -8.573  -6.966  1.00 20.74  ? 84  LEU A CA  1 
ATOM   649  C C   . LEU A 1 84  ? 2.098   -9.514  -6.704  1.00 20.37  ? 84  LEU A C   1 
ATOM   650  O O   . LEU A 1 84  ? 1.854   -10.633 -6.225  1.00 23.83  ? 84  LEU A O   1 
ATOM   651  C CB  . LEU A 1 84  ? -0.117  -9.271  -7.851  1.00 13.78  ? 84  LEU A CB  1 
ATOM   652  C CG  . LEU A 1 84  ? -1.358  -8.472  -8.150  1.00 25.49  ? 84  LEU A CG  1 
ATOM   653  C CD1 . LEU A 1 84  ? -2.149  -9.396  -9.070  1.00 28.73  ? 84  LEU A CD1 1 
ATOM   654  C CD2 . LEU A 1 84  ? -2.211  -8.108  -6.947  1.00 14.03  ? 84  LEU A CD2 1 
ATOM   655  N N   . THR A 1 85  ? 3.307   -9.140  -6.993  1.00 20.71  ? 85  THR A N   1 
ATOM   656  C CA  . THR A 1 85  ? 4.481   -10.018 -6.796  1.00 18.32  ? 85  THR A CA  1 
ATOM   657  C C   . THR A 1 85  ? 4.931   -10.125 -5.358  1.00 21.65  ? 85  THR A C   1 
ATOM   658  O O   . THR A 1 85  ? 4.651   -9.261  -4.519  1.00 22.45  ? 85  THR A O   1 
ATOM   659  C CB  . THR A 1 85  ? 5.526   -9.455  -7.831  1.00 16.73  ? 85  THR A CB  1 
ATOM   660  O OG1 . THR A 1 85  ? 5.847   -8.101  -7.420  1.00 22.59  ? 85  THR A OG1 1 
ATOM   661  C CG2 . THR A 1 85  ? 4.988   -9.510  -9.269  1.00 29.04  ? 85  THR A CG2 1 
ATOM   662  N N   . ASP A 1 86  ? 5.680   -11.166 -5.029  1.00 19.16  ? 86  ASP A N   1 
ATOM   663  C CA  . ASP A 1 86  ? 6.193   -11.397 -3.655  1.00 19.99  ? 86  ASP A CA  1 
ATOM   664  C C   . ASP A 1 86  ? 7.205   -10.295 -3.355  1.00 16.59  ? 86  ASP A C   1 
ATOM   665  O O   . ASP A 1 86  ? 7.344   -9.833  -2.218  1.00 23.51  ? 86  ASP A O   1 
ATOM   666  C CB  . ASP A 1 86  ? 6.649   -12.842 -3.552  1.00 20.29  ? 86  ASP A CB  1 
ATOM   667  C CG  . ASP A 1 86  ? 5.694   -13.951 -3.949  1.00 69.20  ? 86  ASP A CG  1 
ATOM   668  O OD1 . ASP A 1 86  ? 4.449   -13.855 -3.840  1.00 44.57  ? 86  ASP A OD1 1 
ATOM   669  O OD2 . ASP A 1 86  ? 6.129   -15.037 -4.385  1.00 41.85  ? 86  ASP A OD2 1 
ATOM   670  N N   . ASP A 1 87  ? 7.901   -9.871  -4.386  1.00 19.60  ? 87  ASP A N   1 
ATOM   671  C CA  . ASP A 1 87  ? 8.856   -8.781  -4.419  1.00 19.82  ? 87  ASP A CA  1 
ATOM   672  C C   . ASP A 1 87  ? 8.055   -7.445  -4.403  1.00 15.48  ? 87  ASP A C   1 
ATOM   673  O O   . ASP A 1 87  ? 7.252   -7.137  -5.311  1.00 19.75  ? 87  ASP A O   1 
ATOM   674  C CB  . ASP A 1 87  ? 9.776   -8.892  -5.627  1.00 20.18  ? 87  ASP A CB  1 
ATOM   675  C CG  . ASP A 1 87  ? 10.873  -7.844  -5.471  1.00 30.56  ? 87  ASP A CG  1 
ATOM   676  O OD1 . ASP A 1 87  ? 11.789  -8.235  -4.750  1.00 51.94  ? 87  ASP A OD1 1 
ATOM   677  O OD2 . ASP A 1 87  ? 10.767  -6.731  -5.977  1.00 42.38  ? 87  ASP A OD2 1 
ATOM   678  N N   . LEU A 1 88  ? 8.309   -6.683  -3.350  1.00 16.71  ? 88  LEU A N   1 
ATOM   679  C CA  . LEU A 1 88  ? 7.591   -5.421  -3.064  1.00 19.83  ? 88  LEU A CA  1 
ATOM   680  C C   . LEU A 1 88  ? 8.151   -4.186  -3.802  1.00 21.27  ? 88  LEU A C   1 
ATOM   681  O O   . LEU A 1 88  ? 7.586   -3.090  -3.717  1.00 18.68  ? 88  LEU A O   1 
ATOM   682  C CB  . LEU A 1 88  ? 7.721   -5.051  -1.575  1.00 23.56  ? 88  LEU A CB  1 
ATOM   683  C CG  . LEU A 1 88  ? 6.774   -5.803  -0.628  1.00 36.94  ? 88  LEU A CG  1 
ATOM   684  C CD1 . LEU A 1 88  ? 7.023   -7.312  -0.606  1.00 20.00  ? 88  LEU A CD1 1 
ATOM   685  C CD2 . LEU A 1 88  ? 6.907   -5.344  0.833   1.00 20.00  ? 88  LEU A CD2 1 
ATOM   686  N N   . THR A 1 89  ? 9.307   -4.358  -4.525  1.00 22.33  ? 89  THR A N   1 
ATOM   687  C CA  . THR A 1 89  ? 9.927   -3.205  -5.172  1.00 16.98  ? 89  THR A CA  1 
ATOM   688  C C   . THR A 1 89  ? 8.975   -2.288  -5.933  1.00 20.31  ? 89  THR A C   1 
ATOM   689  O O   . THR A 1 89  ? 9.120   -1.076  -5.639  1.00 21.04  ? 89  THR A O   1 
ATOM   690  C CB  . THR A 1 89  ? 11.107  -3.683  -6.103  1.00 20.32  ? 89  THR A CB  1 
ATOM   691  O OG1 . THR A 1 89  ? 12.004  -4.338  -5.165  1.00 24.61  ? 89  THR A OG1 1 
ATOM   692  C CG2 . THR A 1 89  ? 11.773  -2.553  -6.865  1.00 26.37  ? 89  THR A CG2 1 
ATOM   693  N N   . VAL A 1 90  ? 8.165   -2.793  -6.834  1.00 19.30  ? 90  VAL A N   1 
ATOM   694  C CA  . VAL A 1 90  ? 7.276   -1.949  -7.653  1.00 18.09  ? 90  VAL A CA  1 
ATOM   695  C C   . VAL A 1 90  ? 6.114   -1.387  -6.819  1.00 20.19  ? 90  VAL A C   1 
ATOM   696  O O   . VAL A 1 90  ? 5.791   -0.185  -6.996  1.00 21.12  ? 90  VAL A O   1 
ATOM   697  C CB  . VAL A 1 90  ? 6.804   -2.697  -8.918  1.00 16.47  ? 90  VAL A CB  1 
ATOM   698  C CG1 . VAL A 1 90  ? 5.749   -1.974  -9.730  1.00 18.53  ? 90  VAL A CG1 1 
ATOM   699  C CG2 . VAL A 1 90  ? 8.011   -3.017  -9.790  1.00 19.22  ? 90  VAL A CG2 1 
ATOM   700  N N   . ALA A 1 91  ? 5.561   -2.173  -5.928  1.00 17.98  ? 91  ALA A N   1 
ATOM   701  C CA  . ALA A 1 91  ? 4.486   -1.724  -5.048  1.00 12.35  ? 91  ALA A CA  1 
ATOM   702  C C   . ALA A 1 91  ? 5.020   -0.556  -4.237  1.00 15.92  ? 91  ALA A C   1 
ATOM   703  O O   . ALA A 1 91  ? 4.249   0.385   -4.067  1.00 20.89  ? 91  ALA A O   1 
ATOM   704  C CB  . ALA A 1 91  ? 4.017   -2.821  -4.110  1.00 11.71  ? 91  ALA A CB  1 
ATOM   705  N N   . ILE A 1 92  ? 6.228   -0.675  -3.701  1.00 16.51  ? 92  ILE A N   1 
ATOM   706  C CA  . ILE A 1 92  ? 6.769   0.413   -2.854  1.00 17.32  ? 92  ILE A CA  1 
ATOM   707  C C   . ILE A 1 92  ? 7.025   1.694   -3.670  1.00 19.06  ? 92  ILE A C   1 
ATOM   708  O O   . ILE A 1 92  ? 6.683   2.804   -3.203  1.00 17.97  ? 92  ILE A O   1 
ATOM   709  C CB  . ILE A 1 92  ? 8.017   -0.075  -2.080  1.00 18.59  ? 92  ILE A CB  1 
ATOM   710  C CG1 . ILE A 1 92  ? 7.500   -1.024  -0.955  1.00 13.63  ? 92  ILE A CG1 1 
ATOM   711  C CG2 . ILE A 1 92  ? 8.882   1.125   -1.597  1.00 14.40  ? 92  ILE A CG2 1 
ATOM   712  C CD1 . ILE A 1 92  ? 8.741   -1.772  -0.360  1.00 15.63  ? 92  ILE A CD1 1 
ATOM   713  N N   . ARG A 1 93  ? 7.602   1.491   -4.836  1.00 19.22  ? 93  ARG A N   1 
ATOM   714  C CA  . ARG A 1 93  ? 7.854   2.623   -5.706  1.00 17.01  ? 93  ARG A CA  1 
ATOM   715  C C   . ARG A 1 93  ? 6.537   3.327   -5.984  1.00 22.49  ? 93  ARG A C   1 
ATOM   716  O O   . ARG A 1 93  ? 6.465   4.565   -5.949  1.00 19.08  ? 93  ARG A O   1 
ATOM   717  C CB  . ARG A 1 93  ? 8.540   2.140   -6.974  1.00 15.40  ? 93  ARG A CB  1 
ATOM   718  C CG  . ARG A 1 93  ? 9.163   3.204   -7.859  1.00 38.56  ? 93  ARG A CG  1 
ATOM   719  C CD  . ARG A 1 93  ? 9.940   2.526   -8.937  1.00 46.61  ? 93  ARG A CD  1 
ATOM   720  N NE  . ARG A 1 93  ? 10.956  1.691   -8.270  1.00 74.94  ? 93  ARG A NE  1 
ATOM   721  C CZ  . ARG A 1 93  ? 11.481  0.658   -8.948  1.00 91.76  ? 93  ARG A CZ  1 
ATOM   722  N NH1 . ARG A 1 93  ? 10.667  0.000   -9.784  1.00 44.87  ? 93  ARG A NH1 1 
ATOM   723  N NH2 . ARG A 1 93  ? 12.763  0.317   -8.819  1.00 69.47  ? 93  ARG A NH2 1 
ATOM   724  N N   . CYS A 1 94  ? 5.463   2.607   -6.233  1.00 15.82  ? 94  CYS A N   1 
ATOM   725  C CA  . CYS A 1 94  ? 4.161   3.282   -6.532  1.00 22.44  ? 94  CYS A CA  1 
ATOM   726  C C   . CYS A 1 94  ? 3.486   3.861   -5.277  1.00 19.73  ? 94  CYS A C   1 
ATOM   727  O O   . CYS A 1 94  ? 2.926   4.995   -5.373  1.00 17.79  ? 94  CYS A O   1 
ATOM   728  C CB  . CYS A 1 94  ? 3.321   2.293   -7.381  1.00 16.90  ? 94  CYS A CB  1 
ATOM   729  S SG  . CYS A 1 94  ? 1.716   2.971   -7.883  1.00 19.22  ? 94  CYS A SG  1 
ATOM   730  N N   . ALA A 1 95  ? 3.467   3.230   -4.117  1.00 18.35  ? 95  ALA A N   1 
ATOM   731  C CA  . ALA A 1 95  ? 2.937   3.727   -2.852  1.00 16.33  ? 95  ALA A CA  1 
ATOM   732  C C   . ALA A 1 95  ? 3.609   5.067   -2.525  1.00 19.44  ? 95  ALA A C   1 
ATOM   733  O O   . ALA A 1 95  ? 3.063   6.058   -2.073  1.00 15.48  ? 95  ALA A O   1 
ATOM   734  C CB  . ALA A 1 95  ? 3.155   2.673   -1.800  1.00 15.24  ? 95  ALA A CB  1 
ATOM   735  N N   . LYS A 1 96  ? 4.926   5.163   -2.733  1.00 17.72  ? 96  LYS A N   1 
ATOM   736  C CA  . LYS A 1 96  ? 5.762   6.349   -2.600  1.00 16.95  ? 96  LYS A CA  1 
ATOM   737  C C   . LYS A 1 96  ? 5.254   7.465   -3.541  1.00 20.49  ? 96  LYS A C   1 
ATOM   738  O O   . LYS A 1 96  ? 5.271   8.634   -3.144  1.00 23.12  ? 96  LYS A O   1 
ATOM   739  C CB  . LYS A 1 96  ? 7.248   6.199   -2.946  1.00 7.71   ? 96  LYS A CB  1 
ATOM   740  C CG  . LYS A 1 96  ? 7.947   5.561   -1.772  1.00 16.85  ? 96  LYS A CG  1 
ATOM   741  C CD  . LYS A 1 96  ? 9.344   5.136   -2.189  1.00 24.31  ? 96  LYS A CD  1 
ATOM   742  C CE  . LYS A 1 96  ? 10.109  4.640   -0.971  1.00 17.82  ? 96  LYS A CE  1 
ATOM   743  N NZ  . LYS A 1 96  ? 11.455  4.158   -1.407  1.00 22.41  ? 96  LYS A NZ  1 
ATOM   744  N N   . ARG A 1 97  ? 4.832   7.164   -4.745  1.00 14.23  ? 97  ARG A N   1 
ATOM   745  C CA  . ARG A 1 97  ? 4.309   8.168   -5.666  1.00 16.99  ? 97  ARG A CA  1 
ATOM   746  C C   . ARG A 1 97  ? 2.902   8.615   -5.190  1.00 16.68  ? 97  ARG A C   1 
ATOM   747  O O   . ARG A 1 97  ? 2.549   9.817   -5.219  1.00 16.39  ? 97  ARG A O   1 
ATOM   748  C CB  . ARG A 1 97  ? 4.267   7.677   -7.108  1.00 16.12  ? 97  ARG A CB  1 
ATOM   749  C CG  . ARG A 1 97  ? 3.474   8.620   -8.009  1.00 17.49  ? 97  ARG A CG  1 
ATOM   750  C CD  . ARG A 1 97  ? 4.152   9.965   -8.107  1.00 23.41  ? 97  ARG A CD  1 
ATOM   751  N NE  . ARG A 1 97  ? 3.255   10.834  -8.861  1.00 20.33  ? 97  ARG A NE  1 
ATOM   752  C CZ  . ARG A 1 97  ? 2.158   11.450  -8.410  1.00 19.06  ? 97  ARG A CZ  1 
ATOM   753  N NH1 . ARG A 1 97  ? 1.660   11.439  -7.184  1.00 16.19  ? 97  ARG A NH1 1 
ATOM   754  N NH2 . ARG A 1 97  ? 1.524   12.229  -9.281  1.00 20.43  ? 97  ARG A NH2 1 
ATOM   755  N N   . VAL A 1 98  ? 2.073   7.688   -4.760  1.00 17.55  ? 98  VAL A N   1 
ATOM   756  C CA  . VAL A 1 98  ? 0.733   7.958   -4.245  1.00 20.15  ? 98  VAL A CA  1 
ATOM   757  C C   . VAL A 1 98  ? 0.845   8.920   -3.052  1.00 20.71  ? 98  VAL A C   1 
ATOM   758  O O   . VAL A 1 98  ? -0.010  9.844   -3.096  1.00 19.17  ? 98  VAL A O   1 
ATOM   759  C CB  . VAL A 1 98  ? -0.043  6.678   -3.876  1.00 18.83  ? 98  VAL A CB  1 
ATOM   760  C CG1 . VAL A 1 98  ? -1.432  6.992   -3.286  1.00 16.42  ? 98  VAL A CG1 1 
ATOM   761  C CG2 . VAL A 1 98  ? -0.228  5.685   -4.993  1.00 14.05  ? 98  VAL A CG2 1 
ATOM   762  N N   . VAL A 1 99  ? 1.706   8.792   -2.039  1.00 13.32  ? 99  VAL A N   1 
ATOM   763  C CA  . VAL A 1 99  ? 1.669   9.717   -0.918  1.00 16.43  ? 99  VAL A CA  1 
ATOM   764  C C   . VAL A 1 99  ? 2.220   11.116  -1.223  1.00 19.26  ? 99  VAL A C   1 
ATOM   765  O O   . VAL A 1 99  ? 2.150   11.937  -0.299  1.00 22.15  ? 99  VAL A O   1 
ATOM   766  C CB  . VAL A 1 99  ? 2.416   9.264   0.381   1.00 24.57  ? 99  VAL A CB  1 
ATOM   767  C CG1 . VAL A 1 99  ? 1.565   8.273   1.145   1.00 36.93  ? 99  VAL A CG1 1 
ATOM   768  C CG2 . VAL A 1 99  ? 3.843   8.826   0.059   1.00 15.11  ? 99  VAL A CG2 1 
ATOM   769  N N   . LEU A 1 100 ? 2.737   11.307  -2.419  1.00 20.71  ? 100 LEU A N   1 
ATOM   770  C CA  . LEU A 1 100 ? 3.263   12.639  -2.747  1.00 21.68  ? 100 LEU A CA  1 
ATOM   771  C C   . LEU A 1 100 ? 2.085   13.531  -3.164  1.00 19.64  ? 100 LEU A C   1 
ATOM   772  O O   . LEU A 1 100 ? 2.347   14.726  -3.200  1.00 28.46  ? 100 LEU A O   1 
ATOM   773  C CB  . LEU A 1 100 ? 4.376   12.566  -3.791  1.00 23.89  ? 100 LEU A CB  1 
ATOM   774  C CG  . LEU A 1 100 ? 5.600   11.843  -3.290  1.00 16.94  ? 100 LEU A CG  1 
ATOM   775  C CD1 . LEU A 1 100 ? 6.537   11.730  -4.487  1.00 29.08  ? 100 LEU A CD1 1 
ATOM   776  C CD2 . LEU A 1 100 ? 6.274   12.594  -2.153  1.00 17.33  ? 100 LEU A CD2 1 
ATOM   777  N N   . ASP A 1 101 ? 0.948   12.951  -3.442  1.00 19.77  ? 101 ASP A N   1 
ATOM   778  C CA  . ASP A 1 101 ? -0.230  13.742  -3.774  1.00 18.58  ? 101 ASP A CA  1 
ATOM   779  C C   . ASP A 1 101 ? -0.676  14.441  -2.466  1.00 22.43  ? 101 ASP A C   1 
ATOM   780  O O   . ASP A 1 101 ? -0.324  14.087  -1.331  1.00 22.58  ? 101 ASP A O   1 
ATOM   781  C CB  . ASP A 1 101 ? -1.306  12.904  -4.421  1.00 22.05  ? 101 ASP A CB  1 
ATOM   782  C CG  . ASP A 1 101 ? -1.233  12.968  -5.935  1.00 34.76  ? 101 ASP A CG  1 
ATOM   783  O OD1 . ASP A 1 101 ? -0.178  13.366  -6.449  1.00 30.77  ? 101 ASP A OD1 1 
ATOM   784  O OD2 . ASP A 1 101 ? -2.241  12.606  -6.588  1.00 30.05  ? 101 ASP A OD2 1 
ATOM   785  N N   . PRO A 1 102 ? -1.417  15.499  -2.684  1.00 23.61  ? 102 PRO A N   1 
ATOM   786  C CA  . PRO A 1 102 ? -1.945  16.376  -1.644  1.00 27.25  ? 102 PRO A CA  1 
ATOM   787  C C   . PRO A 1 102 ? -2.695  15.669  -0.525  1.00 19.52  ? 102 PRO A C   1 
ATOM   788  O O   . PRO A 1 102 ? -2.505  16.084  0.645   1.00 24.70  ? 102 PRO A O   1 
ATOM   789  C CB  . PRO A 1 102 ? -2.821  17.350  -2.425  1.00 28.14  ? 102 PRO A CB  1 
ATOM   790  C CG  . PRO A 1 102 ? -2.098  17.411  -3.748  1.00 28.88  ? 102 PRO A CG  1 
ATOM   791  C CD  . PRO A 1 102 ? -1.847  15.948  -4.025  1.00 24.15  ? 102 PRO A CD  1 
ATOM   792  N N   . ASN A 1 103 ? -3.343  14.594  -0.851  1.00 23.14  ? 103 ASN A N   1 
ATOM   793  C CA  . ASN A 1 103 ? -4.092  13.866  0.178   1.00 19.84  ? 103 ASN A CA  1 
ATOM   794  C C   . ASN A 1 103 ? -3.156  13.016  1.064   1.00 30.71  ? 103 ASN A C   1 
ATOM   795  O O   . ASN A 1 103 ? -3.556  12.529  2.125   1.00 24.52  ? 103 ASN A O   1 
ATOM   796  C CB  . ASN A 1 103 ? -5.167  13.006  -0.470  1.00 26.68  ? 103 ASN A CB  1 
ATOM   797  C CG  . ASN A 1 103 ? -6.449  13.805  -0.701  1.00 37.42  ? 103 ASN A CG  1 
ATOM   798  O OD1 . ASN A 1 103 ? -6.486  14.999  -0.389  1.00 35.38  ? 103 ASN A OD1 1 
ATOM   799  N ND2 . ASN A 1 103 ? -7.504  13.226  -1.234  1.00 20.00  ? 103 ASN A ND2 1 
ATOM   800  N N   . GLY A 1 104 ? -1.850  12.836  0.597   1.00 23.63  ? 104 GLY A N   1 
ATOM   801  C CA  . GLY A 1 104 ? -0.913  12.065  1.425   1.00 17.25  ? 104 GLY A CA  1 
ATOM   802  C C   . GLY A 1 104 ? -1.441  10.668  1.728   1.00 18.82  ? 104 GLY A C   1 
ATOM   803  O O   . GLY A 1 104 ? -2.087  10.054  0.867   1.00 18.16  ? 104 GLY A O   1 
ATOM   804  N N   . ILE A 1 105 ? -1.180  10.185  2.921   1.00 21.21  ? 105 ILE A N   1 
ATOM   805  C CA  . ILE A 1 105 ? -1.609  8.812   3.278   1.00 20.48  ? 105 ILE A CA  1 
ATOM   806  C C   . ILE A 1 105 ? -3.102  8.654   3.444   1.00 20.54  ? 105 ILE A C   1 
ATOM   807  O O   . ILE A 1 105 ? -3.566  7.484   3.420   1.00 19.02  ? 105 ILE A O   1 
ATOM   808  C CB  . ILE A 1 105 ? -0.731  8.404   4.526   1.00 28.27  ? 105 ILE A CB  1 
ATOM   809  C CG1 . ILE A 1 105 ? -0.686  6.863   4.641   1.00 20.54  ? 105 ILE A CG1 1 
ATOM   810  C CG2 . ILE A 1 105 ? -1.236  9.187   5.765   1.00 20.25  ? 105 ILE A CG2 1 
ATOM   811  C CD1 . ILE A 1 105 ? 0.371   6.313   5.595   1.00 20.94  ? 105 ILE A CD1 1 
ATOM   812  N N   . GLY A 1 106 ? -3.817  9.763   3.547   1.00 20.32  ? 106 GLY A N   1 
ATOM   813  C CA  . GLY A 1 106 ? -5.304  9.746   3.665   1.00 14.45  ? 106 GLY A CA  1 
ATOM   814  C C   . GLY A 1 106 ? -5.891  9.253   2.362   1.00 21.91  ? 106 GLY A C   1 
ATOM   815  O O   . GLY A 1 106 ? -7.096  9.176   2.231   1.00 26.16  ? 106 GLY A O   1 
ATOM   816  N N   . ALA A 1 107 ? -5.106  8.892   1.346   1.00 21.96  ? 107 ALA A N   1 
ATOM   817  C CA  . ALA A 1 107 ? -5.610  8.334   0.091   1.00 21.82  ? 107 ALA A CA  1 
ATOM   818  C C   . ALA A 1 107 ? -6.158  6.920   0.327   1.00 25.98  ? 107 ALA A C   1 
ATOM   819  O O   . ALA A 1 107 ? -6.925  6.393   -0.468  1.00 23.08  ? 107 ALA A O   1 
ATOM   820  C CB  . ALA A 1 107 ? -4.561  8.198   -1.003  1.00 20.48  ? 107 ALA A CB  1 
ATOM   821  N N   . TRP A 1 108 ? -5.628  6.303   1.362   1.00 19.42  ? 108 TRP A N   1 
ATOM   822  C CA  . TRP A 1 108 ? -5.971  4.939   1.768   1.00 19.23  ? 108 TRP A CA  1 
ATOM   823  C C   . TRP A 1 108 ? -7.158  4.984   2.741   1.00 21.45  ? 108 TRP A C   1 
ATOM   824  O O   . TRP A 1 108 ? -7.034  5.487   3.869   1.00 22.76  ? 108 TRP A O   1 
ATOM   825  C CB  . TRP A 1 108 ? -4.742  4.200   2.356   1.00 21.33  ? 108 TRP A CB  1 
ATOM   826  C CG  . TRP A 1 108 ? -3.799  3.651   1.338   1.00 21.15  ? 108 TRP A CG  1 
ATOM   827  C CD1 . TRP A 1 108 ? -3.920  2.466   0.650   1.00 23.80  ? 108 TRP A CD1 1 
ATOM   828  C CD2 . TRP A 1 108 ? -2.613  4.288   0.809   1.00 16.78  ? 108 TRP A CD2 1 
ATOM   829  N NE1 . TRP A 1 108 ? -2.865  2.336   -0.230  1.00 23.93  ? 108 TRP A NE1 1 
ATOM   830  C CE2 . TRP A 1 108 ? -2.033  3.416   -0.153  1.00 14.22  ? 108 TRP A CE2 1 
ATOM   831  C CE3 . TRP A 1 108 ? -1.961  5.490   1.108   1.00 22.08  ? 108 TRP A CE3 1 
ATOM   832  C CZ2 . TRP A 1 108 ? -0.864  3.729   -0.846  1.00 15.04  ? 108 TRP A CZ2 1 
ATOM   833  C CZ3 . TRP A 1 108 ? -0.784  5.786   0.430   1.00 22.98  ? 108 TRP A CZ3 1 
ATOM   834  C CH2 . TRP A 1 108 ? -0.242  4.923   -0.542  1.00 21.19  ? 108 TRP A CH2 1 
ATOM   835  N N   . VAL A 1 109 ? -8.250  4.409   2.305   1.00 22.50  ? 109 VAL A N   1 
ATOM   836  C CA  . VAL A 1 109 ? -9.432  4.381   3.146   1.00 21.74  ? 109 VAL A CA  1 
ATOM   837  C C   . VAL A 1 109 ? -9.121  3.648   4.440   1.00 16.35  ? 109 VAL A C   1 
ATOM   838  O O   . VAL A 1 109 ? -9.546  4.187   5.474   1.00 23.02  ? 109 VAL A O   1 
ATOM   839  C CB  . VAL A 1 109 ? -10.589 3.751   2.356   1.00 24.36  ? 109 VAL A CB  1 
ATOM   840  C CG1 . VAL A 1 109 ? -11.819 3.787   3.226   1.00 33.57  ? 109 VAL A CG1 1 
ATOM   841  C CG2 . VAL A 1 109 ? -10.793 4.428   1.033   1.00 30.63  ? 109 VAL A CG2 1 
ATOM   842  N N   . ALA A 1 110 ? -8.454  2.514   4.379   1.00 20.69  ? 110 ALA A N   1 
ATOM   843  C CA  . ALA A 1 110 ? -8.188  1.750   5.611   1.00 18.30  ? 110 ALA A CA  1 
ATOM   844  C C   . ALA A 1 110 ? -7.267  2.533   6.530   1.00 21.55  ? 110 ALA A C   1 
ATOM   845  O O   . ALA A 1 110 ? -7.470  2.252   7.728   1.00 22.05  ? 110 ALA A O   1 
ATOM   846  C CB  . ALA A 1 110 ? -7.583  0.383   5.372   1.00 20.66  ? 110 ALA A CB  1 
ATOM   847  N N   . TRP A 1 111 ? -6.380  3.366   6.031   1.00 22.47  ? 111 TRP A N   1 
ATOM   848  C CA  . TRP A 1 111 ? -5.568  4.162   6.977   1.00 17.52  ? 111 TRP A CA  1 
ATOM   849  C C   . TRP A 1 111 ? -6.486  5.132   7.759   1.00 20.90  ? 111 TRP A C   1 
ATOM   850  O O   . TRP A 1 111 ? -6.385  5.323   9.000   1.00 17.48  ? 111 TRP A O   1 
ATOM   851  C CB  . TRP A 1 111 ? -4.419  4.878   6.251   1.00 16.51  ? 111 TRP A CB  1 
ATOM   852  C CG  . TRP A 1 111 ? -3.611  5.711   7.204   1.00 20.94  ? 111 TRP A CG  1 
ATOM   853  C CD1 . TRP A 1 111 ? -2.535  5.321   7.959   1.00 14.35  ? 111 TRP A CD1 1 
ATOM   854  C CD2 . TRP A 1 111 ? -3.850  7.100   7.523   1.00 19.35  ? 111 TRP A CD2 1 
ATOM   855  N NE1 . TRP A 1 111 ? -2.069  6.346   8.710   1.00 20.65  ? 111 TRP A NE1 1 
ATOM   856  C CE2 . TRP A 1 111 ? -2.863  7.460   8.462   1.00 25.39  ? 111 TRP A CE2 1 
ATOM   857  C CE3 . TRP A 1 111 ? -4.771  8.052   7.075   1.00 20.31  ? 111 TRP A CE3 1 
ATOM   858  C CZ2 . TRP A 1 111 ? -2.799  8.747   9.014   1.00 23.03  ? 111 TRP A CZ2 1 
ATOM   859  C CZ3 . TRP A 1 111 ? -4.670  9.318   7.600   1.00 18.57  ? 111 TRP A CZ3 1 
ATOM   860  C CH2 . TRP A 1 111 ? -3.705  9.672   8.547   1.00 18.39  ? 111 TRP A CH2 1 
ATOM   861  N N   . ARG A 1 112 ? -7.391  5.818   7.058   1.00 19.12  ? 112 ARG A N   1 
ATOM   862  C CA  . ARG A 1 112 ? -8.329  6.817   7.602   1.00 24.36  ? 112 ARG A CA  1 
ATOM   863  C C   . ARG A 1 112 ? -9.204  6.233   8.695   1.00 24.52  ? 112 ARG A C   1 
ATOM   864  O O   . ARG A 1 112 ? -9.378  6.859   9.738   1.00 20.45  ? 112 ARG A O   1 
ATOM   865  C CB  . ARG A 1 112 ? -9.215  7.460   6.497   1.00 15.79  ? 112 ARG A CB  1 
ATOM   866  C CG  . ARG A 1 112 ? -8.355  8.445   5.726   1.00 19.16  ? 112 ARG A CG  1 
ATOM   867  C CD  . ARG A 1 112 ? -9.066  9.593   5.105   1.00 19.63  ? 112 ARG A CD  1 
ATOM   868  N NE  . ARG A 1 112 ? -10.300 9.223   4.488   1.00 28.89  ? 112 ARG A NE  1 
ATOM   869  C CZ  . ARG A 1 112 ? -10.630 8.635   3.366   1.00 31.89  ? 112 ARG A CZ  1 
ATOM   870  N NH1 . ARG A 1 112 ? -9.802  8.385   2.366   1.00 28.90  ? 112 ARG A NH1 1 
ATOM   871  N NH2 . ARG A 1 112 ? -11.878 8.240   3.134   1.00 22.66  ? 112 ARG A NH2 1 
ATOM   872  N N   . LEU A 1 113 ? -9.591  4.987   8.446   1.00 21.41  ? 113 LEU A N   1 
ATOM   873  C CA  . LEU A 1 113 ? -10.520 4.257   9.309   1.00 25.31  ? 113 LEU A CA  1 
ATOM   874  C C   . LEU A 1 113 ? -9.855  3.619   10.558  1.00 36.41  ? 113 LEU A C   1 
ATOM   875  O O   . LEU A 1 113 ? -10.297 3.833   11.695  1.00 20.07  ? 113 LEU A O   1 
ATOM   876  C CB  . LEU A 1 113 ? -11.190 3.145   8.509   1.00 23.08  ? 113 LEU A CB  1 
ATOM   877  C CG  . LEU A 1 113 ? -12.708 3.148   8.673   1.00 43.34  ? 113 LEU A CG  1 
ATOM   878  C CD1 . LEU A 1 113 ? -13.346 4.505   8.361   1.00 20.00  ? 113 LEU A CD1 1 
ATOM   879  C CD2 . LEU A 1 113 ? -13.412 2.139   7.769   1.00 20.00  ? 113 LEU A CD2 1 
ATOM   880  N N   . HIS A 1 114 ? -8.867  2.748   10.409  1.00 25.85  ? 114 HIS A N   1 
ATOM   881  C CA  . HIS A 1 114 ? -8.181  2.054   11.480  1.00 19.40  ? 114 HIS A CA  1 
ATOM   882  C C   . HIS A 1 114 ? -6.854  2.544   12.010  1.00 13.71  ? 114 HIS A C   1 
ATOM   883  O O   . HIS A 1 114 ? -6.546  2.035   13.113  1.00 21.13  ? 114 HIS A O   1 
ATOM   884  C CB  . HIS A 1 114 ? -7.830  0.607   10.994  1.00 20.14  ? 114 HIS A CB  1 
ATOM   885  C CG  . HIS A 1 114 ? -9.151  -0.010  10.635  1.00 22.19  ? 114 HIS A CG  1 
ATOM   886  N ND1 . HIS A 1 114 ? -9.471  -0.189  9.298   1.00 36.66  ? 114 HIS A ND1 1 
ATOM   887  C CD2 . HIS A 1 114 ? -10.164 -0.490  11.402  1.00 27.66  ? 114 HIS A CD2 1 
ATOM   888  C CE1 . HIS A 1 114 ? -10.660 -0.759  9.223   1.00 24.83  ? 114 HIS A CE1 1 
ATOM   889  N NE2 . HIS A 1 114 ? -11.055 -0.949  10.470  1.00 29.76  ? 114 HIS A NE2 1 
ATOM   890  N N   . CYS A 1 115 ? -6.159  3.430   11.360  1.00 15.35  ? 115 CYS A N   1 
ATOM   891  C CA  . CYS A 1 115 ? -4.858  3.883   11.792  1.00 21.89  ? 115 CYS A CA  1 
ATOM   892  C C   . CYS A 1 115 ? -4.784  5.352   12.168  1.00 18.11  ? 115 CYS A C   1 
ATOM   893  O O   . CYS A 1 115 ? -3.940  5.560   13.051  1.00 24.37  ? 115 CYS A O   1 
ATOM   894  C CB  . CYS A 1 115 ? -3.776  3.699   10.692  1.00 16.32  ? 115 CYS A CB  1 
ATOM   895  S SG  . CYS A 1 115 ? -3.922  2.059   9.926   1.00 19.24  ? 115 CYS A SG  1 
ATOM   896  N N   . GLN A 1 116 ? -5.498  6.188   11.452  1.00 21.02  ? 116 GLN A N   1 
ATOM   897  C CA  . GLN A 1 116 ? -5.437  7.630   11.726  1.00 23.27  ? 116 GLN A CA  1 
ATOM   898  C C   . GLN A 1 116 ? -5.796  7.895   13.195  1.00 27.70  ? 116 GLN A C   1 
ATOM   899  O O   . GLN A 1 116 ? -6.771  7.313   13.684  1.00 26.17  ? 116 GLN A O   1 
ATOM   900  C CB  . GLN A 1 116 ? -6.384  8.404   10.856  1.00 18.74  ? 116 GLN A CB  1 
ATOM   901  C CG  . GLN A 1 116 ? -6.342  9.881   11.090  1.00 17.24  ? 116 GLN A CG  1 
ATOM   902  C CD  . GLN A 1 116 ? -7.081  10.708  10.085  1.00 23.03  ? 116 GLN A CD  1 
ATOM   903  O OE1 . GLN A 1 116 ? -6.757  11.879  9.907   1.00 32.83  ? 116 GLN A OE1 1 
ATOM   904  N NE2 . GLN A 1 116 ? -8.076  10.135  9.403   1.00 19.16  ? 116 GLN A NE2 1 
ATOM   905  N N   . ASN A 1 117 ? -5.009  8.706   13.852  1.00 25.68  ? 117 ASN A N   1 
ATOM   906  C CA  . ASN A 1 117 ? -5.197  9.068   15.266  1.00 41.64  ? 117 ASN A CA  1 
ATOM   907  C C   . ASN A 1 117 ? -5.000  7.937   16.269  1.00 50.32  ? 117 ASN A C   1 
ATOM   908  O O   . ASN A 1 117 ? -5.230  8.194   17.468  1.00 55.32  ? 117 ASN A O   1 
ATOM   909  C CB  . ASN A 1 117 ? -6.612  9.684   15.453  1.00 46.26  ? 117 ASN A CB  1 
ATOM   910  C CG  . ASN A 1 117 ? -6.784  11.040  14.776  1.00 36.99  ? 117 ASN A CG  1 
ATOM   911  O OD1 . ASN A 1 117 ? -5.816  11.841  14.674  1.00 31.23  ? 117 ASN A OD1 1 
ATOM   912  N ND2 . ASN A 1 117 ? -8.033  11.291  14.324  1.00 30.32  ? 117 ASN A ND2 1 
ATOM   913  N N   . GLN A 1 118 ? -4.619  6.740   15.928  1.00 41.51  ? 118 GLN A N   1 
ATOM   914  C CA  . GLN A 1 118 ? -4.399  5.594   16.804  1.00 23.73  ? 118 GLN A CA  1 
ATOM   915  C C   . GLN A 1 118 ? -2.984  5.469   17.359  1.00 31.32  ? 118 GLN A C   1 
ATOM   916  O O   . GLN A 1 118 ? -2.044  6.149   16.922  1.00 30.31  ? 118 GLN A O   1 
ATOM   917  C CB  . GLN A 1 118 ? -4.617  4.242   16.085  1.00 33.41  ? 118 GLN A CB  1 
ATOM   918  C CG  . GLN A 1 118 ? -5.885  4.185   15.253  1.00 59.87  ? 118 GLN A CG  1 
ATOM   919  C CD  . GLN A 1 118 ? -7.073  3.935   16.156  1.00 85.54  ? 118 GLN A CD  1 
ATOM   920  O OE1 . GLN A 1 118 ? -7.233  4.680   17.115  1.00 84.25  ? 118 GLN A OE1 1 
ATOM   921  N NE2 . GLN A 1 118 ? -7.842  2.898   15.855  1.00 94.90  ? 118 GLN A NE2 1 
ATOM   922  N N   . ASP A 1 119 ? -2.870  4.525   18.270  1.00 40.51  ? 119 ASP A N   1 
ATOM   923  C CA  . ASP A 1 119 ? -1.596  4.131   18.897  1.00 36.65  ? 119 ASP A CA  1 
ATOM   924  C C   . ASP A 1 119 ? -1.197  2.943   18.000  1.00 23.90  ? 119 ASP A C   1 
ATOM   925  O O   . ASP A 1 119 ? -1.850  1.889   18.061  1.00 37.19  ? 119 ASP A O   1 
ATOM   926  C CB  . ASP A 1 119 ? -1.653  3.802   20.374  1.00 63.55  ? 119 ASP A CB  1 
ATOM   927  C CG  . ASP A 1 119 ? -0.290  3.691   21.050  1.00 94.51  ? 119 ASP A CG  1 
ATOM   928  O OD1 . ASP A 1 119 ? 0.499   4.652   20.842  1.00 70.46  ? 119 ASP A OD1 1 
ATOM   929  O OD2 . ASP A 1 119 ? 0.037   2.723   21.766  1.00 91.07  ? 119 ASP A OD2 1 
ATOM   930  N N   . LEU A 1 120 ? -0.209  3.193   17.173  1.00 30.65  ? 120 LEU A N   1 
ATOM   931  C CA  . LEU A 1 120 ? 0.276   2.189   16.201  1.00 25.89  ? 120 LEU A CA  1 
ATOM   932  C C   . LEU A 1 120 ? 1.535   1.463   16.648  1.00 32.82  ? 120 LEU A C   1 
ATOM   933  O O   . LEU A 1 120 ? 2.177   0.724   15.882  1.00 26.36  ? 120 LEU A O   1 
ATOM   934  C CB  . LEU A 1 120 ? 0.400   2.987   14.898  1.00 20.95  ? 120 LEU A CB  1 
ATOM   935  C CG  . LEU A 1 120 ? -0.733  3.785   14.305  1.00 20.30  ? 120 LEU A CG  1 
ATOM   936  C CD1 . LEU A 1 120 ? -0.326  4.351   12.944  1.00 23.07  ? 120 LEU A CD1 1 
ATOM   937  C CD2 . LEU A 1 120 ? -1.946  2.919   14.071  1.00 17.44  ? 120 LEU A CD2 1 
ATOM   938  N N   . ARG A 1 121 ? 1.903   1.617   17.912  1.00 32.68  ? 121 ARG A N   1 
ATOM   939  C CA  . ARG A 1 121 ? 3.075   1.019   18.563  1.00 34.98  ? 121 ARG A CA  1 
ATOM   940  C C   . ARG A 1 121 ? 3.123   -0.477  18.326  1.00 35.99  ? 121 ARG A C   1 
ATOM   941  O O   . ARG A 1 121 ? 4.084   -1.168  18.014  1.00 30.48  ? 121 ARG A O   1 
ATOM   942  C CB  . ARG A 1 121 ? 3.068   1.282   20.074  1.00 43.04  ? 121 ARG A CB  1 
ATOM   943  C CG  . ARG A 1 121 ? 3.941   2.443   20.536  1.00 72.69  ? 121 ARG A CG  1 
ATOM   944  C CD  . ARG A 1 121 ? 5.219   1.928   21.112  1.00 93.80  ? 121 ARG A CD  1 
ATOM   945  N NE  . ARG A 1 121 ? 6.465   2.382   20.499  1.00 100.89 ? 121 ARG A NE  1 
ATOM   946  C CZ  . ARG A 1 121 ? 7.644   2.537   21.130  1.00 100.89 ? 121 ARG A CZ  1 
ATOM   947  N NH1 . ARG A 1 121 ? 7.852   2.084   22.375  1.00 92.04  ? 121 ARG A NH1 1 
ATOM   948  N NH2 . ARG A 1 121 ? 8.637   3.183   20.492  1.00 97.25  ? 121 ARG A NH2 1 
ATOM   949  N N   . SER A 1 122 ? 1.943   -1.030  18.530  1.00 19.74  ? 122 SER A N   1 
ATOM   950  C CA  . SER A 1 122 ? 1.710   -2.444  18.363  1.00 18.63  ? 122 SER A CA  1 
ATOM   951  C C   . SER A 1 122 ? 2.084   -2.943  16.972  1.00 32.60  ? 122 SER A C   1 
ATOM   952  O O   . SER A 1 122 ? 2.397   -4.159  16.916  1.00 32.34  ? 122 SER A O   1 
ATOM   953  C CB  . SER A 1 122 ? 0.231   -2.773  18.608  1.00 24.71  ? 122 SER A CB  1 
ATOM   954  O OG  . SER A 1 122 ? -0.580  -1.627  18.371  1.00 75.75  ? 122 SER A OG  1 
ATOM   955  N N   . TYR A 1 123 ? 2.019   -2.161  15.912  1.00 26.54  ? 123 TYR A N   1 
ATOM   956  C CA  . TYR A 1 123 ? 2.323   -2.785  14.590  1.00 22.05  ? 123 TYR A CA  1 
ATOM   957  C C   . TYR A 1 123 ? 3.806   -3.071  14.366  1.00 17.93  ? 123 TYR A C   1 
ATOM   958  O O   . TYR A 1 123 ? 4.121   -3.840  13.439  1.00 24.22  ? 123 TYR A O   1 
ATOM   959  C CB  . TYR A 1 123 ? 1.757   -1.925  13.434  1.00 14.32  ? 123 TYR A CB  1 
ATOM   960  C CG  . TYR A 1 123 ? 0.264   -1.911  13.490  1.00 17.16  ? 123 TYR A CG  1 
ATOM   961  C CD1 . TYR A 1 123 ? -0.509  -2.864  12.851  1.00 20.48  ? 123 TYR A CD1 1 
ATOM   962  C CD2 . TYR A 1 123 ? -0.388  -0.930  14.248  1.00 25.15  ? 123 TYR A CD2 1 
ATOM   963  C CE1 . TYR A 1 123 ? -1.913  -2.846  12.922  1.00 18.22  ? 123 TYR A CE1 1 
ATOM   964  C CE2 . TYR A 1 123 ? -1.784  -0.870  14.321  1.00 16.22  ? 123 TYR A CE2 1 
ATOM   965  C CZ  . TYR A 1 123 ? -2.539  -1.840  13.655  1.00 17.35  ? 123 TYR A CZ  1 
ATOM   966  O OH  . TYR A 1 123 ? -3.909  -1.799  13.707  1.00 23.81  ? 123 TYR A OH  1 
ATOM   967  N N   . VAL A 1 124 ? 4.646   -2.446  15.165  1.00 21.47  ? 124 VAL A N   1 
ATOM   968  C CA  . VAL A 1 124 ? 6.100   -2.707  14.939  1.00 21.53  ? 124 VAL A CA  1 
ATOM   969  C C   . VAL A 1 124 ? 6.738   -3.347  16.172  1.00 27.64  ? 124 VAL A C   1 
ATOM   970  O O   . VAL A 1 124 ? 7.910   -3.686  16.242  1.00 25.37  ? 124 VAL A O   1 
ATOM   971  C CB  . VAL A 1 124 ? 6.733   -1.396  14.478  1.00 33.54  ? 124 VAL A CB  1 
ATOM   972  C CG1 . VAL A 1 124 ? 6.277   -1.074  13.074  1.00 27.11  ? 124 VAL A CG1 1 
ATOM   973  C CG2 . VAL A 1 124 ? 6.450   -0.255  15.446  1.00 35.55  ? 124 VAL A CG2 1 
ATOM   974  N N   . ALA A 1 125 ? 5.925   -3.583  17.184  1.00 31.97  ? 125 ALA A N   1 
ATOM   975  C CA  . ALA A 1 125 ? 6.344   -4.200  18.426  1.00 30.31  ? 125 ALA A CA  1 
ATOM   976  C C   . ALA A 1 125 ? 6.820   -5.622  18.120  1.00 19.71  ? 125 ALA A C   1 
ATOM   977  O O   . ALA A 1 125 ? 6.222   -6.474  17.471  1.00 28.32  ? 125 ALA A O   1 
ATOM   978  C CB  . ALA A 1 125 ? 5.232   -4.217  19.441  1.00 40.66  ? 125 ALA A CB  1 
ATOM   979  N N   . GLY A 1 126 ? 8.016   -5.789  18.680  1.00 35.07  ? 126 GLY A N   1 
ATOM   980  C CA  . GLY A 1 126 ? 8.801   -7.015  18.613  1.00 24.27  ? 126 GLY A CA  1 
ATOM   981  C C   . GLY A 1 126 ? 9.574   -7.206  17.298  1.00 23.17  ? 126 GLY A C   1 
ATOM   982  O O   . GLY A 1 126 ? 10.057  -8.341  17.158  1.00 29.13  ? 126 GLY A O   1 
ATOM   983  N N   . CYS A 1 127 ? 9.676   -6.248  16.397  1.00 27.78  ? 127 CYS A N   1 
ATOM   984  C CA  . CYS A 1 127 ? 10.321  -6.436  15.089  1.00 20.35  ? 127 CYS A CA  1 
ATOM   985  C C   . CYS A 1 127 ? 11.800  -6.120  15.121  1.00 20.06  ? 127 CYS A C   1 
ATOM   986  O O   . CYS A 1 127 ? 12.498  -6.569  14.213  1.00 26.96  ? 127 CYS A O   1 
ATOM   987  C CB  . CYS A 1 127 ? 9.497   -5.594  14.104  1.00 15.73  ? 127 CYS A CB  1 
ATOM   988  S SG  . CYS A 1 127 ? 7.793   -6.136  13.934  1.00 22.60  ? 127 CYS A SG  1 
ATOM   989  N N   . GLY A 1 128 ? 12.213  -5.388  16.136  1.00 26.33  ? 128 GLY A N   1 
ATOM   990  C CA  . GLY A 1 128 ? 13.583  -4.973  16.410  1.00 19.25  ? 128 GLY A CA  1 
ATOM   991  C C   . GLY A 1 128 ? 14.030  -4.039  15.301  1.00 24.36  ? 128 GLY A C   1 
ATOM   992  O O   . GLY A 1 128 ? 15.130  -4.229  14.793  1.00 32.35  ? 128 GLY A O   1 
ATOM   993  N N   . VAL A 1 129 ? 13.186  -3.144  14.861  1.00 24.93  ? 129 VAL A N   1 
ATOM   994  C CA  . VAL A 1 129 ? 13.413  -2.182  13.792  1.00 30.30  ? 129 VAL A CA  1 
ATOM   995  C C   . VAL A 1 129 ? 12.701  -0.895  14.350  1.00 50.13  ? 129 VAL A C   1 
ATOM   996  O O   . VAL A 1 129 ? 13.558  0.036   14.432  1.00 50.59  ? 129 VAL A O   1 
ATOM   997  C CB  . VAL A 1 129 ? 12.935  -2.483  12.353  1.00 22.78  ? 129 VAL A CB  1 
ATOM   998  C CG1 . VAL A 1 129 ? 13.557  -3.670  11.636  1.00 25.25  ? 129 VAL A CG1 1 
ATOM   999  C CG2 . VAL A 1 129 ? 11.401  -2.625  12.335  1.00 27.79  ? 129 VAL A CG2 1 
HETATM 1000 O O1  . BUL B 2 .   ? -9.342  5.710   -4.349  0.00 29.59  ? 130 BUL A O1  1 
HETATM 1001 C C2  . BUL B 2 .   ? -8.310  5.328   -3.438  0.00 31.19  ? 130 BUL A C2  1 
HETATM 1002 C C3  . BUL B 2 .   ? -6.984  5.836   -3.971  0.00 25.17  ? 130 BUL A C3  1 
HETATM 1003 C C4  . BUL B 2 .   ? -6.995  7.361   -4.036  0.00 25.92  ? 130 BUL A C4  1 
HETATM 1004 C C5  . BUL B 2 .   ? -8.272  7.897   -4.761  0.00 22.27  ? 130 BUL A C5  1 
HETATM 1005 C C6  . BUL B 2 .   ? -9.450  7.051   -4.630  0.00 27.02  ? 130 BUL A C6  1 
HETATM 1006 N N7  . BUL B 2 .   ? -9.567  1.118   -1.772  0.00 27.59  ? 130 BUL A N7  1 
HETATM 1007 C C8  . BUL B 2 .   ? -10.844 1.969   -1.954  0.00 28.66  ? 130 BUL A C8  1 
HETATM 1008 C C9  . BUL B 2 .   ? -10.564 2.904   -3.137  0.00 23.63  ? 130 BUL A C9  1 
HETATM 1009 C C10 . BUL B 2 .   ? -9.089  3.236   -2.730  0.00 26.02  ? 130 BUL A C10 1 
HETATM 1010 C C11 . BUL B 2 .   ? -8.358  1.904   -2.351  0.00 24.09  ? 130 BUL A C11 1 
HETATM 1011 C C12 . BUL B 2 .   ? -10.788 7.508   -5.121  0.00 37.25  ? 130 BUL A C12 1 
HETATM 1012 O O13 . BUL B 2 .   ? -11.810 7.105   -4.156  0.00 34.49  ? 130 BUL A O13 1 
HETATM 1013 O O14 . BUL B 2 .   ? -8.274  9.201   -4.170  0.00 31.95  ? 130 BUL A O14 1 
HETATM 1014 O O15 . BUL B 2 .   ? -6.021  7.363   -5.089  0.00 26.13  ? 130 BUL A O15 1 
HETATM 1015 N N16 . BUL B 2 .   ? -5.892  5.243   -3.231  0.00 24.93  ? 130 BUL A N16 1 
HETATM 1016 C C17 . BUL B 2 .   ? -5.051  4.302   -3.696  0.00 23.05  ? 130 BUL A C17 1 
HETATM 1017 O O18 . BUL B 2 .   ? -5.124  3.797   -4.805  0.00 22.97  ? 130 BUL A O18 1 
HETATM 1018 C C19 . BUL B 2 .   ? -4.156  3.715   -2.634  0.00 24.35  ? 130 BUL A C19 1 
HETATM 1019 O O20 . BUL B 2 .   ? -8.258  3.919   -3.612  0.00 27.42  ? 130 BUL A O20 1 
HETATM 1020 C C21 . BUL B 2 .   ? -7.313  2.013   -1.215  0.00 26.13  ? 130 BUL A C21 1 
HETATM 1021 O O22 . BUL B 2 .   ? -7.848  2.535   -0.014  0.00 28.19  ? 130 BUL A O22 1 
HETATM 1022 C C23 . BUL B 2 .   ? -12.010 1.055   -2.369  0.00 37.05  ? 130 BUL A C23 1 
HETATM 1023 O O24 . BUL B 2 .   ? -11.971 0.087   -1.601  0.00 36.75  ? 130 BUL A O24 1 
HETATM 1024 N N25 . BUL B 2 .   ? -13.089 1.827   -2.697  0.00 37.25  ? 130 BUL A N25 1 
HETATM 1025 C C26 . BUL B 2 .   ? -14.486 1.395   -2.328  0.00 37.25  ? 130 BUL A C26 1 
HETATM 1026 C C27 . BUL B 2 .   ? -15.456 1.907   -3.370  0.00 32.50  ? 130 BUL A C27 1 
HETATM 1027 S S28 . BUL B 2 .   ? -16.766 0.701   -3.819  0.00 37.25  ? 130 BUL A S28 1 
HETATM 1028 O O29 . BUL B 2 .   ? -17.700 0.935   -2.736  0.00 36.81  ? 130 BUL A O29 1 
HETATM 1029 O O30 . BUL B 2 .   ? -16.884 0.875   -5.244  0.00 37.25  ? 130 BUL A O30 1 
HETATM 1030 O O31 . BUL B 2 .   ? -16.105 -0.557  -3.680  0.00 37.25  ? 130 BUL A O31 1 
HETATM 1031 S S32 . BUL B 2 .   ? -8.103  10.380  -5.101  0.00 34.75  ? 130 BUL A S32 1 
HETATM 1032 O O33 . BUL B 2 .   ? -9.113  11.345  -4.772  0.00 35.28  ? 130 BUL A O33 1 
HETATM 1033 O O34 . BUL B 2 .   ? -6.697  10.504  -5.404  0.00 26.50  ? 130 BUL A O34 1 
HETATM 1034 O O35 . BUL B 2 .   ? -8.267  9.910   -6.441  0.00 36.22  ? 130 BUL A O35 1 
HETATM 1035 O O   . HOH C 3 .   ? 12.771  -1.746  -2.715  1.00 48.71  ? 134 HOH A O   1 
HETATM 1036 O O   . HOH C 3 .   ? -4.687  0.667   17.468  1.00 51.97  ? 135 HOH A O   1 
HETATM 1037 O O   . HOH C 3 .   ? -5.393  0.313   14.608  1.00 38.36  ? 136 HOH A O   1 
HETATM 1038 O O   . HOH C 3 .   ? 3.960   9.872   10.915  1.00 30.47  ? 137 HOH A O   1 
HETATM 1039 O O   . HOH C 3 .   ? 0.668   -12.547 8.467   1.00 28.11  ? 138 HOH A O   1 
HETATM 1040 O O   . HOH C 3 .   ? -2.101  -12.157 7.242   1.00 41.86  ? 139 HOH A O   1 
HETATM 1041 O O   . HOH C 3 .   ? 6.052   -13.847 -7.437  1.00 31.03  ? 140 HOH A O   1 
HETATM 1042 O O   . HOH C 3 .   ? 8.551   -12.073 -7.205  1.00 32.02  ? 141 HOH A O   1 
HETATM 1043 O O   . HOH C 3 .   ? -9.576  -2.767  -1.157  1.00 40.01  ? 142 HOH A O   1 
HETATM 1044 O O   . HOH C 3 .   ? -11.535 -9.684  -7.478  1.00 42.41  ? 143 HOH A O   1 
HETATM 1045 O O   . HOH C 3 .   ? 1.811   -5.543  -3.470  1.00 19.21  ? 144 HOH A O   1 
HETATM 1046 O O   . HOH C 3 .   ? 4.138   -6.535  -4.312  1.00 16.70  ? 145 HOH A O   1 
HETATM 1047 O O   . HOH C 3 .   ? 5.590   -5.306  -6.390  1.00 18.36  ? 146 HOH A O   1 
HETATM 1048 O O   . HOH C 3 .   ? 8.789   -5.649  -7.720  1.00 28.34  ? 147 HOH A O   1 
HETATM 1049 O O   . HOH C 3 .   ? 7.057   -6.710  -9.507  1.00 33.07  ? 148 HOH A O   1 
HETATM 1050 O O   . HOH C 3 .   ? -11.573 4.541   -8.101  1.00 31.45  ? 149 HOH A O   1 
HETATM 1051 O O   . HOH C 3 .   ? -6.909  11.075  -2.164  1.00 41.50  ? 150 HOH A O   1 
HETATM 1052 O O   . HOH C 3 .   ? -4.311  10.703  -3.690  1.00 32.59  ? 151 HOH A O   1 
HETATM 1053 O O   . HOH C 3 .   ? -4.346  14.016  -3.397  1.00 28.54  ? 152 HOH A O   1 
HETATM 1054 O O   . HOH C 3 .   ? -2.520  10.845  -2.064  1.00 21.70  ? 153 HOH A O   1 
HETATM 1055 O O   . HOH C 3 .   ? -13.590 3.639   -13.308 1.00 49.95  ? 154 HOH A O   1 
HETATM 1056 O O   . HOH C 3 .   ? -7.739  0.367   -18.056 1.00 31.02  ? 155 HOH A O   1 
HETATM 1057 O O   . HOH C 3 .   ? -6.370  0.473   -15.557 1.00 24.63  ? 156 HOH A O   1 
HETATM 1058 O O   . HOH C 3 .   ? -14.007 -4.734  -14.280 1.00 43.92  ? 157 HOH A O   1 
HETATM 1059 O O   . HOH C 3 .   ? -8.031  -7.607  -12.573 1.00 17.85  ? 158 HOH A O   1 
HETATM 1060 O O   . HOH C 3 .   ? -10.626 -3.450  -12.777 1.00 21.54  ? 159 HOH A O   1 
HETATM 1061 O O   . HOH C 3 .   ? 12.374  -8.707  13.053  1.00 28.24  ? 160 HOH A O   1 
HETATM 1062 O O   . HOH C 3 .   ? 9.984   2.916   13.475  1.00 59.70  ? 161 HOH A O   1 
HETATM 1063 O O   . HOH C 3 .   ? 0.059   -2.728  -3.694  1.00 15.04  ? 162 HOH A O   1 
HETATM 1064 O O   . HOH C 3 .   ? -3.749  -5.696  -19.364 1.00 20.13  ? 163 HOH A O   1 
HETATM 1065 O O   . HOH C 3 .   ? -5.386  -1.124  -20.814 1.00 70.04  ? 164 HOH A O   1 
HETATM 1066 O O   . HOH C 3 .   ? -13.269 -11.912 -16.480 1.00 76.87  ? 165 HOH A O   1 
HETATM 1067 O O   . HOH C 3 .   ? 0.282   -7.707  -17.195 1.00 26.01  ? 166 HOH A O   1 
HETATM 1068 O O   . HOH C 3 .   ? 2.312   0.037   -18.070 1.00 42.60  ? 167 HOH A O   1 
HETATM 1069 O O   . HOH C 3 .   ? 3.642   -8.261  -14.738 1.00 39.63  ? 168 HOH A O   1 
HETATM 1070 O O   . HOH C 3 .   ? 2.471   -10.782 -12.142 1.00 38.20  ? 169 HOH A O   1 
HETATM 1071 O O   . HOH C 3 .   ? 6.192   3.624   -10.114 1.00 36.99  ? 170 HOH A O   1 
HETATM 1072 O O   . HOH C 3 .   ? 5.852   7.200   -10.429 1.00 45.15  ? 171 HOH A O   1 
HETATM 1073 O O   . HOH C 3 .   ? 8.388   6.699   -6.473  1.00 31.94  ? 172 HOH A O   1 
HETATM 1074 O O   . HOH C 3 .   ? 8.574   8.902   -5.302  1.00 38.29  ? 173 HOH A O   1 
HETATM 1075 O O   . HOH C 3 .   ? -2.422  -3.804  -23.615 1.00 35.12  ? 174 HOH A O   1 
HETATM 1076 O O   . HOH C 3 .   ? -3.617  -3.362  -20.549 1.00 33.03  ? 175 HOH A O   1 
HETATM 1077 O O   . HOH C 3 .   ? 11.252  0.213   -4.312  1.00 28.86  ? 176 HOH A O   1 
HETATM 1078 O O   . HOH C 3 .   ? 11.512  2.917   -3.893  1.00 36.00  ? 177 HOH A O   1 
HETATM 1079 O O   . HOH C 3 .   ? 11.848  -5.079  -2.147  1.00 61.24  ? 178 HOH A O   1 
HETATM 1080 O O   . HOH C 3 .   ? 11.614  -8.963  0.535   1.00 66.58  ? 179 HOH A O   1 
HETATM 1081 O O   . HOH C 3 .   ? 10.943  -10.510 3.526   1.00 61.04  ? 180 HOH A O   1 
HETATM 1082 O O   . HOH C 3 .   ? 16.112  -9.879  8.260   1.00 33.07  ? 181 HOH A O   1 
HETATM 1083 O O   . HOH C 3 .   ? 11.862  -4.206  0.392   1.00 55.22  ? 182 HOH A O   1 
HETATM 1084 O O   . HOH C 3 .   ? 10.496  -7.323  -1.330  1.00 31.31  ? 183 HOH A O   1 
HETATM 1085 O O   . HOH C 3 .   ? 8.337   1.051   -11.097 1.00 43.51  ? 184 HOH A O   1 
HETATM 1086 O O   . HOH C 3 .   ? 8.296   -0.919  -13.549 1.00 46.07  ? 185 HOH A O   1 
HETATM 1087 O O   . HOH C 3 .   ? 0.849   11.812  4.527   1.00 31.96  ? 186 HOH A O   1 
HETATM 1088 O O   . HOH C 3 .   ? 2.560   18.894  -2.411  1.00 30.63  ? 187 HOH A O   1 
HETATM 1089 O O   . HOH C 3 .   ? 2.445   13.515  2.711   1.00 44.89  ? 188 HOH A O   1 
HETATM 1090 O O   . HOH C 3 .   ? -3.144  9.743   12.894  1.00 50.25  ? 189 HOH A O   1 
HETATM 1091 O O   . HOH C 3 .   ? -1.575  7.606   12.527  1.00 46.10  ? 190 HOH A O   1 
HETATM 1092 O O   . HOH C 3 .   ? -3.177  18.005  7.587   1.00 94.23  ? 191 HOH A O   1 
HETATM 1093 O O   . HOH C 3 .   ? -8.780  15.849  13.524  1.00 66.10  ? 192 HOH A O   1 
HETATM 1094 O O   . HOH C 3 .   ? -5.985  12.599  5.403   1.00 46.68  ? 193 HOH A O   1 
HETATM 1095 O O   . HOH C 3 .   ? -13.220 5.244   15.341  1.00 71.03  ? 194 HOH A O   1 
HETATM 1096 O O   . HOH C 3 .   ? -6.541  9.009   19.350  1.00 64.70  ? 195 HOH A O   1 
HETATM 1097 O O   . HOH C 3 .   ? 10.749  -3.629  19.427  1.00 47.06  ? 196 HOH A O   1 
HETATM 1098 O O   . HOH C 3 .   ? 13.811  -7.448  18.633  1.00 54.41  ? 197 HOH A O   1 
HETATM 1099 O O   . HOH C 3 .   ? 12.731  -9.363  17.174  1.00 50.53  ? 198 HOH A O   1 
HETATM 1100 O O   . HOH C 3 .   ? 14.041  -11.160 19.992  1.00 74.24  ? 199 HOH A O   1 
HETATM 1101 O O   . HOH C 3 .   ? 8.078   -11.269 15.351  1.00 74.27  ? 200 HOH A O   1 
HETATM 1102 O O   . HOH C 3 .   ? 5.347   -7.569  21.363  1.00 83.51  ? 201 HOH A O   1 
HETATM 1103 O O   . HOH C 3 .   ? 2.163   -11.129 15.269  1.00 65.22  ? 202 HOH A O   1 
HETATM 1104 O O   . HOH C 3 .   ? 10.776  -2.362  15.783  1.00 61.33  ? 203 HOH A O   1 
HETATM 1105 O O   . HOH C 3 .   ? -4.088  12.967  10.805  1.00 44.69  ? 204 HOH A O   1 
HETATM 1106 O O   . HOH C 3 .   ? 1.675   -6.424  18.248  1.00 50.50  ? 205 HOH A O   1 
HETATM 1107 O O   . HOH C 3 .   ? 3.161   -16.269 5.401   1.00 68.35  ? 206 HOH A O   1 
HETATM 1108 O O   . HOH C 3 .   ? -3.486  -13.645 5.330   1.00 57.98  ? 207 HOH A O   1 
HETATM 1109 O O   . HOH C 3 .   ? -13.237 -8.445  -5.949  1.00 45.18  ? 208 HOH A O   1 
HETATM 1110 O O   . HOH C 3 .   ? -10.556 -6.204  -21.058 1.00 41.76  ? 209 HOH A O   1 
HETATM 1111 O O   . HOH C 3 .   ? -22.178 1.384   -11.066 1.00 71.43  ? 210 HOH A O   1 
HETATM 1112 O O   . HOH C 3 .   ? 0.970   16.988  -6.900  1.00 51.57  ? 211 HOH A O   1 
HETATM 1113 O O   . HOH C 3 .   ? -9.175  -0.703  14.027  1.00 50.62  ? 212 HOH A O   1 
HETATM 1114 O O   . HOH C 3 .   ? 7.411   -6.031  -11.973 1.00 48.40  ? 213 HOH A O   1 
HETATM 1115 O O   . HOH C 3 .   ? -7.178  10.249  22.067  1.00 54.46  ? 214 HOH A O   1 
HETATM 1116 O O   . HOH C 3 .   ? -9.620  0.160   -21.100 1.00 54.19  ? 215 HOH A O   1 
HETATM 1117 O O   . HOH C 3 .   ? 0.352   -0.290  -20.144 1.00 57.42  ? 216 HOH A O   1 
HETATM 1118 O O   . HOH C 3 .   ? 8.153   10.425  -9.083  1.00 36.53  ? 217 HOH A O   1 
HETATM 1119 O O   . HOH C 3 .   ? -16.217 -9.244  -4.950  1.00 85.77  ? 218 HOH A O   1 
HETATM 1120 O O   . HOH C 3 .   ? 9.540   -12.336 11.418  1.00 43.34  ? 219 HOH A O   1 
HETATM 1121 O O   . HOH C 3 .   ? -11.211 -7.683  -1.647  1.00 47.02  ? 220 HOH A O   1 
HETATM 1122 O O   . HOH C 3 .   ? -4.782  2.754   -17.576 1.00 53.05  ? 221 HOH A O   1 
HETATM 1123 O O   . HOH C 3 .   ? -4.755  4.128   -14.124 1.00 39.39  ? 222 HOH A O   1 
HETATM 1124 O O   . HOH C 3 .   ? 13.512  1.147   -6.381  1.00 57.78  ? 223 HOH A O   1 
HETATM 1125 O O   . HOH C 3 .   ? -1.321  2.780   -19.519 1.00 45.09  ? 224 HOH A O   1 
HETATM 1126 O O   . HOH C 3 .   ? 13.814  4.104   -6.388  1.00 65.63  ? 225 HOH A O   1 
HETATM 1127 O O   . HOH C 3 .   ? 13.774  -7.173  3.409   1.00 32.09  ? 226 HOH A O   1 
HETATM 1128 O O   . HOH C 3 .   ? -3.736  13.121  7.668   1.00 64.98  ? 227 HOH A O   1 
HETATM 1129 O O   . HOH C 3 .   ? -8.702  -7.053  4.583   1.00 73.44  ? 228 HOH A O   1 
HETATM 1130 O O   . HOH C 3 .   ? -16.579 1.231   12.915  1.00 89.32  ? 229 HOH A O   1 
HETATM 1131 O O   . HOH C 3 .   ? -5.932  -10.993 1.354   1.00 39.48  ? 230 HOH A O   1 
HETATM 1132 O O   . HOH C 3 .   ? -7.631  -13.779 4.063   1.00 65.06  ? 231 HOH A O   1 
HETATM 1133 O O   . HOH C 3 .   ? 5.005   -17.829 1.516   1.00 75.89  ? 232 HOH A O   1 
HETATM 1134 O O   . HOH C 3 .   ? 1.949   -11.624 10.878  1.00 36.46  ? 233 HOH A O   1 
HETATM 1135 O O   . HOH C 3 .   ? 5.763   -11.085 13.422  1.00 39.49  ? 234 HOH A O   1 
HETATM 1136 O O   . HOH C 3 .   ? 12.891  3.422   6.302   1.00 21.25  ? 235 HOH A O   1 
HETATM 1137 O O   . HOH C 3 .   ? 5.121   -9.448  -13.069 1.00 57.96  ? 236 HOH A O   1 
HETATM 1138 O O   . HOH C 3 .   ? -6.356  13.873  -7.494  1.00 37.14  ? 237 HOH A O   1 
HETATM 1139 O O   . HOH C 3 .   ? -3.636  12.163  -10.864 1.00 37.25  ? 238 HOH A O   1 
HETATM 1140 O O   . HOH C 3 .   ? -7.075  13.160  -12.447 1.00 37.25  ? 239 HOH A O   1 
HETATM 1141 O O   . HOH C 3 .   ? -13.165 2.309   -5.609  1.00 33.95  ? 240 HOH A O   1 
HETATM 1142 O O   . HOH C 3 .   ? -9.684  10.064  -1.352  1.00 37.09  ? 241 HOH A O   1 
HETATM 1143 O O   . HOH C 3 .   ? -14.561 0.546   4.168   1.00 37.25  ? 242 HOH A O   1 
HETATM 1144 O O   . HOH C 3 .   ? -11.492 12.578  -3.195  1.00 37.25  ? 243 HOH A O   1 
# 
